data_3WQT
#
_entry.id   3WQT
#
_cell.length_a   75.257
_cell.length_b   102.740
_cell.length_c   105.863
_cell.angle_alpha   90.00
_cell.angle_beta   96.54
_cell.angle_gamma   90.00
#
_symmetry.space_group_name_H-M   'P 1 21 1'
#
loop_
_entity.id
_entity.type
_entity.pdbx_description
1 polymer 'Cell division protein FtsA'
2 non-polymer 'MAGNESIUM ION'
3 non-polymer 'PHOSPHOAMINOPHOSPHONIC ACID-ADENYLATE ESTER'
4 non-polymer 'CHLORIDE ION'
5 water water
#
_entity_poly.entity_id   1
_entity_poly.type   'polypeptide(L)'
_entity_poly.pdbx_seq_one_letter_code
;MNHKVHHHHHHIEGRHMEEHYYVSIDIGSSSVKTIVGEKFHNGINVIGTGQTYTSGIKNGLIDDFDIARQAIKDTIKKAS
IASGVDIKEVFLKLPIIGTEVYDESNEIDFYEDTEINGSHIEKVLEGIREKNDVQETEVINVFPIRFIVDKENEVSDPKE
LIARHSLKVEAGVIAIQKSILINMIKCVEACGVDVLDVYSDAYNYGSILTATEKELGACVIDIGEDVTQVAFYERGELVD
ADSIEMAGRDITDDIAQGLNTSYETAEKVKHQYGHAFYDSASDQDIFTVEQVDSDETVQYTQKDLSDFIEARVEEIFFEV
FDVLQDLGLTKVNGGFIVTGGSANLLGVKELLSDMVSEKVRIHTPSQMGIRKPEFSSAISTISSSIAFDELLDYVTINYH
DNEETEEDVIDVKDKDNESKLGGFDWFKRKTNKKDTHENEVESSDEEIYQSEDNHQEHKQNHEHVQDKDKEESKFKKLMK
SLFE
;
_entity_poly.pdbx_strand_id   A,B,C,D
#
# COMPACT_ATOMS: atom_id res chain seq x y z
N HIS A 20 -30.79 17.03 -29.22
CA HIS A 20 -30.43 18.25 -28.42
C HIS A 20 -28.97 18.14 -27.99
N TYR A 21 -28.62 18.78 -26.87
CA TYR A 21 -27.24 18.73 -26.40
C TYR A 21 -26.99 17.73 -25.27
N TYR A 22 -25.75 17.29 -25.17
CA TYR A 22 -25.32 16.34 -24.16
C TYR A 22 -24.36 17.05 -23.20
N VAL A 23 -24.66 16.98 -21.91
CA VAL A 23 -23.81 17.63 -20.92
C VAL A 23 -23.30 16.61 -19.92
N SER A 24 -21.98 16.43 -19.89
CA SER A 24 -21.38 15.48 -18.97
C SER A 24 -20.70 16.25 -17.84
N ILE A 25 -20.54 15.58 -16.71
CA ILE A 25 -19.88 16.15 -15.55
C ILE A 25 -18.91 15.11 -14.98
N ASP A 26 -17.64 15.47 -14.89
CA ASP A 26 -16.62 14.58 -14.31
C ASP A 26 -16.23 15.21 -12.98
N ILE A 27 -16.69 14.63 -11.88
CA ILE A 27 -16.38 15.17 -10.55
C ILE A 27 -14.99 14.69 -10.09
N GLY A 28 -13.95 15.34 -10.61
CA GLY A 28 -12.59 14.95 -10.26
C GLY A 28 -12.00 15.47 -8.96
N SER A 29 -11.02 14.72 -8.45
CA SER A 29 -10.33 15.08 -7.21
C SER A 29 -9.55 16.39 -7.35
N SER A 30 -9.15 16.74 -8.57
CA SER A 30 -8.42 17.98 -8.80
C SER A 30 -9.35 19.03 -9.36
N SER A 31 -10.22 18.63 -10.30
CA SER A 31 -11.15 19.59 -10.87
C SER A 31 -12.42 18.95 -11.40
N VAL A 32 -13.53 19.67 -11.24
CA VAL A 32 -14.80 19.21 -11.75
C VAL A 32 -14.80 19.64 -13.20
N LYS A 33 -15.09 18.71 -14.11
CA LYS A 33 -15.07 19.03 -15.52
C LYS A 33 -16.42 18.79 -16.20
N THR A 34 -16.81 19.75 -17.04
CA THR A 34 -18.08 19.67 -17.75
C THR A 34 -17.96 20.00 -19.23
N ILE A 35 -18.52 19.14 -20.07
CA ILE A 35 -18.48 19.35 -21.49
C ILE A 35 -19.90 19.37 -22.03
N VAL A 36 -20.13 20.26 -22.99
CA VAL A 36 -21.45 20.38 -23.62
C VAL A 36 -21.20 19.97 -25.05
N GLY A 37 -21.76 18.84 -25.44
CA GLY A 37 -21.53 18.38 -26.79
C GLY A 37 -22.78 18.11 -27.58
N GLU A 38 -22.60 18.06 -28.89
CA GLU A 38 -23.67 17.80 -29.82
C GLU A 38 -23.26 16.56 -30.59
N LYS A 39 -24.20 15.64 -30.77
CA LYS A 39 -23.94 14.40 -31.49
C LYS A 39 -23.92 14.55 -33.00
N PHE A 40 -22.87 14.06 -33.64
CA PHE A 40 -22.76 14.09 -35.08
C PHE A 40 -22.76 12.63 -35.48
N HIS A 41 -22.93 12.37 -36.78
CA HIS A 41 -22.95 11.00 -37.26
C HIS A 41 -21.66 10.28 -36.86
N ASN A 42 -20.52 10.90 -37.17
CA ASN A 42 -19.23 10.28 -36.86
C ASN A 42 -18.46 11.04 -35.78
N GLY A 43 -19.13 11.43 -34.69
CA GLY A 43 -18.43 12.13 -33.65
C GLY A 43 -19.24 13.01 -32.72
N ILE A 44 -18.52 13.84 -31.98
CA ILE A 44 -19.12 14.75 -31.03
C ILE A 44 -18.59 16.15 -31.30
N ASN A 45 -19.48 17.10 -31.49
CA ASN A 45 -19.06 18.46 -31.71
C ASN A 45 -19.18 19.17 -30.37
N VAL A 46 -18.03 19.51 -29.79
CA VAL A 46 -18.01 20.18 -28.50
C VAL A 46 -18.31 21.67 -28.64
N ILE A 47 -19.31 22.16 -27.91
CA ILE A 47 -19.68 23.56 -27.99
C ILE A 47 -19.42 24.36 -26.72
N GLY A 48 -18.83 23.75 -25.71
CA GLY A 48 -18.56 24.48 -24.48
C GLY A 48 -18.04 23.63 -23.34
N THR A 49 -17.24 24.25 -22.47
CA THR A 49 -16.68 23.54 -21.32
C THR A 49 -16.69 24.36 -20.03
N GLY A 50 -16.52 23.66 -18.91
CA GLY A 50 -16.49 24.34 -17.63
C GLY A 50 -15.53 23.53 -16.79
N GLN A 51 -14.66 24.20 -16.04
CA GLN A 51 -13.69 23.49 -15.22
C GLN A 51 -13.40 24.27 -13.95
N THR A 52 -13.57 23.62 -12.82
CA THR A 52 -13.31 24.29 -11.55
C THR A 52 -12.50 23.43 -10.61
N TYR A 53 -11.32 23.94 -10.22
CA TYR A 53 -10.45 23.22 -9.31
C TYR A 53 -11.04 23.38 -7.91
N THR A 54 -11.02 22.29 -7.15
CA THR A 54 -11.58 22.34 -5.81
C THR A 54 -10.91 21.35 -4.88
N SER A 55 -11.11 21.57 -3.59
CA SER A 55 -10.56 20.71 -2.57
C SER A 55 -11.75 19.98 -1.96
N GLY A 56 -12.92 20.14 -2.59
CA GLY A 56 -14.13 19.49 -2.11
C GLY A 56 -14.22 18.02 -2.45
N ILE A 57 -13.31 17.56 -3.31
CA ILE A 57 -13.25 16.16 -3.71
C ILE A 57 -11.87 15.59 -3.39
N LYS A 58 -11.85 14.45 -2.73
CA LYS A 58 -10.59 13.76 -2.42
C LYS A 58 -10.76 12.28 -2.73
N ASN A 59 -9.73 11.68 -3.33
CA ASN A 59 -9.76 10.27 -3.66
C ASN A 59 -10.99 9.87 -4.50
N GLY A 60 -11.41 10.77 -5.37
CA GLY A 60 -12.56 10.49 -6.22
C GLY A 60 -13.93 10.65 -5.57
N LEU A 61 -13.94 10.88 -4.26
CA LEU A 61 -15.20 11.06 -3.53
C LEU A 61 -15.32 12.40 -2.83
N ILE A 62 -16.56 12.76 -2.50
CA ILE A 62 -16.86 14.01 -1.84
C ILE A 62 -16.21 14.09 -0.46
N ASP A 63 -15.37 15.11 -0.27
CA ASP A 63 -14.67 15.33 1.00
C ASP A 63 -15.43 16.35 1.86
N ASP A 64 -16.09 17.29 1.21
CA ASP A 64 -16.88 18.33 1.88
C ASP A 64 -18.05 18.61 0.94
N PHE A 65 -19.25 18.20 1.34
CA PHE A 65 -20.43 18.36 0.49
C PHE A 65 -20.64 19.78 0.00
N ASP A 66 -20.67 20.73 0.93
CA ASP A 66 -20.88 22.12 0.60
C ASP A 66 -19.88 22.66 -0.42
N ILE A 67 -18.60 22.37 -0.22
CA ILE A 67 -17.56 22.84 -1.14
C ILE A 67 -17.72 22.15 -2.49
N ALA A 68 -18.02 20.85 -2.45
CA ALA A 68 -18.21 20.07 -3.69
C ALA A 68 -19.41 20.62 -4.45
N ARG A 69 -20.51 20.92 -3.75
CA ARG A 69 -21.69 21.47 -4.42
C ARG A 69 -21.34 22.77 -5.14
N GLN A 70 -20.64 23.65 -4.43
CA GLN A 70 -20.21 24.94 -4.97
C GLN A 70 -19.41 24.81 -6.26
N ALA A 71 -18.45 23.89 -6.24
CA ALA A 71 -17.61 23.69 -7.41
C ALA A 71 -18.42 23.16 -8.59
N ILE A 72 -19.26 22.18 -8.32
CA ILE A 72 -20.08 21.60 -9.39
C ILE A 72 -20.98 22.66 -9.97
N LYS A 73 -21.65 23.41 -9.08
CA LYS A 73 -22.55 24.47 -9.49
C LYS A 73 -21.77 25.47 -10.33
N ASP A 74 -20.63 25.92 -9.80
CA ASP A 74 -19.81 26.86 -10.53
C ASP A 74 -19.42 26.36 -11.93
N THR A 75 -19.06 25.09 -12.03
CA THR A 75 -18.67 24.50 -13.32
C THR A 75 -19.83 24.43 -14.32
N ILE A 76 -21.04 24.16 -13.83
CA ILE A 76 -22.20 24.10 -14.73
C ILE A 76 -22.42 25.53 -15.25
N LYS A 77 -22.21 26.51 -14.35
CA LYS A 77 -22.33 27.92 -14.69
C LYS A 77 -21.36 28.24 -15.81
N LYS A 78 -20.09 27.87 -15.60
CA LYS A 78 -19.08 28.13 -16.60
C LYS A 78 -19.42 27.44 -17.90
N ALA A 79 -19.94 26.22 -17.81
CA ALA A 79 -20.30 25.48 -19.02
C ALA A 79 -21.46 26.17 -19.73
N SER A 80 -22.41 26.67 -18.95
CA SER A 80 -23.58 27.35 -19.52
C SER A 80 -23.17 28.65 -20.24
N ILE A 81 -22.40 29.48 -19.56
CA ILE A 81 -21.96 30.75 -20.13
C ILE A 81 -21.11 30.54 -21.40
N ALA A 82 -20.29 29.50 -21.41
CA ALA A 82 -19.43 29.22 -22.56
C ALA A 82 -20.19 28.65 -23.75
N SER A 83 -21.23 27.86 -23.48
CA SER A 83 -21.98 27.26 -24.57
C SER A 83 -23.23 28.02 -24.93
N GLY A 84 -23.72 28.84 -24.01
CA GLY A 84 -24.94 29.59 -24.27
C GLY A 84 -26.16 28.71 -24.13
N VAL A 85 -25.98 27.58 -23.44
CA VAL A 85 -27.08 26.67 -23.21
C VAL A 85 -27.51 26.76 -21.76
N ASP A 86 -28.81 26.60 -21.53
CA ASP A 86 -29.35 26.65 -20.17
C ASP A 86 -29.33 25.21 -19.65
N ILE A 87 -28.17 24.77 -19.16
CA ILE A 87 -28.02 23.41 -18.66
C ILE A 87 -28.99 23.07 -17.54
N LYS A 88 -29.79 22.04 -17.77
CA LYS A 88 -30.79 21.62 -16.79
C LYS A 88 -30.75 20.10 -16.52
N GLU A 89 -30.21 19.35 -17.46
CA GLU A 89 -30.10 17.88 -17.35
C GLU A 89 -28.68 17.45 -17.74
N VAL A 90 -28.11 16.52 -16.98
CA VAL A 90 -26.75 16.07 -17.24
C VAL A 90 -26.52 14.57 -17.07
N PHE A 91 -25.42 14.11 -17.66
CA PHE A 91 -24.98 12.71 -17.56
C PHE A 91 -23.78 12.77 -16.63
N LEU A 92 -23.77 11.94 -15.59
CA LEU A 92 -22.69 11.92 -14.60
C LEU A 92 -21.78 10.70 -14.75
N LYS A 93 -20.47 10.93 -14.74
CA LYS A 93 -19.53 9.81 -14.82
C LYS A 93 -19.29 9.38 -13.38
N LEU A 94 -19.07 8.09 -13.16
CA LEU A 94 -18.80 7.58 -11.82
C LEU A 94 -17.43 6.94 -11.82
N PRO A 95 -16.62 7.21 -10.80
CA PRO A 95 -15.28 6.62 -10.73
C PRO A 95 -15.29 5.12 -10.48
N ILE A 96 -14.20 4.47 -10.80
CA ILE A 96 -14.11 3.03 -10.61
C ILE A 96 -13.69 2.71 -9.18
N ILE A 97 -14.61 3.00 -8.26
CA ILE A 97 -14.43 2.78 -6.83
C ILE A 97 -15.68 2.02 -6.33
N GLY A 98 -15.49 1.03 -5.46
CA GLY A 98 -16.63 0.27 -4.96
C GLY A 98 -17.44 -0.27 -6.13
N THR A 99 -16.73 -0.64 -7.19
CA THR A 99 -17.35 -1.12 -8.41
C THR A 99 -17.15 -2.62 -8.65
N GLU A 100 -18.12 -3.23 -9.30
CA GLU A 100 -18.10 -4.66 -9.63
C GLU A 100 -18.56 -4.84 -11.07
N VAL A 101 -17.88 -5.70 -11.79
CA VAL A 101 -18.25 -5.97 -13.16
C VAL A 101 -18.57 -7.45 -13.19
N TYR A 102 -19.66 -7.81 -13.86
CA TYR A 102 -20.05 -9.22 -13.92
C TYR A 102 -21.01 -9.48 -15.06
N ASP A 103 -21.29 -10.76 -15.31
CA ASP A 103 -22.18 -11.11 -16.39
C ASP A 103 -23.56 -11.43 -15.90
N GLU A 104 -24.52 -11.29 -16.80
CA GLU A 104 -25.89 -11.57 -16.46
C GLU A 104 -26.69 -11.59 -17.74
N SER A 105 -27.82 -12.28 -17.71
CA SER A 105 -28.64 -12.36 -18.88
C SER A 105 -30.09 -12.21 -18.47
N ASN A 106 -30.94 -11.91 -19.43
CA ASN A 106 -32.37 -11.75 -19.14
C ASN A 106 -33.11 -12.05 -20.41
N GLU A 107 -34.38 -12.39 -20.26
CA GLU A 107 -35.22 -12.71 -21.42
C GLU A 107 -36.62 -12.15 -21.22
N ILE A 108 -37.20 -11.68 -22.31
CA ILE A 108 -38.55 -11.15 -22.28
C ILE A 108 -39.37 -11.92 -23.31
N ASP A 109 -40.66 -12.10 -23.01
CA ASP A 109 -41.56 -12.84 -23.88
C ASP A 109 -42.49 -11.96 -24.71
N PHE A 110 -42.86 -12.46 -25.87
CA PHE A 110 -43.75 -11.75 -26.76
C PHE A 110 -44.96 -12.66 -26.95
N TYR A 111 -46.13 -12.07 -27.12
CA TYR A 111 -47.34 -12.86 -27.30
C TYR A 111 -47.90 -12.68 -28.70
N GLU A 112 -47.07 -12.12 -29.57
CA GLU A 112 -47.43 -11.90 -30.96
C GLU A 112 -46.12 -11.64 -31.70
N ASP A 113 -46.15 -11.73 -33.03
CA ASP A 113 -44.97 -11.48 -33.83
C ASP A 113 -44.57 -10.04 -33.59
N THR A 114 -43.34 -9.85 -33.15
CA THR A 114 -42.83 -8.53 -32.80
C THR A 114 -41.56 -8.16 -33.54
N GLU A 115 -41.56 -7.02 -34.19
CA GLU A 115 -40.36 -6.57 -34.86
C GLU A 115 -39.55 -5.87 -33.76
N ILE A 116 -38.37 -6.41 -33.47
CA ILE A 116 -37.52 -5.86 -32.41
C ILE A 116 -37.00 -4.45 -32.69
N ASN A 117 -37.28 -3.53 -31.77
CA ASN A 117 -36.80 -2.16 -31.89
C ASN A 117 -36.09 -1.77 -30.58
N GLY A 118 -35.71 -0.49 -30.47
CA GLY A 118 -35.04 -0.01 -29.28
C GLY A 118 -35.77 -0.25 -27.96
N SER A 119 -37.09 -0.06 -27.95
CA SER A 119 -37.87 -0.25 -26.72
C SER A 119 -37.76 -1.67 -26.15
N HIS A 120 -37.68 -2.67 -27.03
CA HIS A 120 -37.58 -4.05 -26.56
C HIS A 120 -36.21 -4.28 -25.93
N ILE A 121 -35.20 -3.64 -26.50
CA ILE A 121 -33.85 -3.76 -25.99
C ILE A 121 -33.77 -3.09 -24.64
N GLU A 122 -34.39 -1.92 -24.53
CA GLU A 122 -34.37 -1.23 -23.26
C GLU A 122 -35.04 -2.10 -22.21
N LYS A 123 -36.13 -2.75 -22.57
CA LYS A 123 -36.84 -3.58 -21.61
C LYS A 123 -36.09 -4.82 -21.15
N VAL A 124 -35.42 -5.53 -22.05
CA VAL A 124 -34.70 -6.72 -21.64
C VAL A 124 -33.48 -6.37 -20.78
N LEU A 125 -32.82 -5.24 -21.07
CA LEU A 125 -31.68 -4.80 -20.27
C LEU A 125 -32.16 -4.32 -18.91
N GLU A 126 -33.29 -3.62 -18.93
CA GLU A 126 -33.90 -3.06 -17.73
C GLU A 126 -34.09 -4.12 -16.64
N GLY A 127 -34.56 -5.30 -17.02
CA GLY A 127 -34.77 -6.38 -16.07
C GLY A 127 -33.51 -6.77 -15.29
N ILE A 128 -32.35 -6.65 -15.92
CA ILE A 128 -31.08 -6.96 -15.26
C ILE A 128 -30.86 -5.90 -14.19
N ARG A 129 -31.21 -4.67 -14.54
CA ARG A 129 -31.04 -3.54 -13.64
C ARG A 129 -32.11 -3.65 -12.55
N GLU A 130 -32.61 -4.87 -12.37
CA GLU A 130 -33.63 -5.19 -11.39
C GLU A 130 -33.48 -4.34 -10.12
N GLN A 135 -27.61 -5.92 -2.91
CA GLN A 135 -28.32 -5.07 -1.96
C GLN A 135 -27.49 -3.86 -1.50
N GLU A 136 -26.19 -4.07 -1.36
CA GLU A 136 -25.27 -3.01 -0.95
C GLU A 136 -24.88 -2.14 -2.14
N THR A 137 -25.11 -2.67 -3.33
CA THR A 137 -24.76 -1.98 -4.55
C THR A 137 -25.96 -1.78 -5.47
N GLU A 138 -25.72 -1.01 -6.52
CA GLU A 138 -26.76 -0.73 -7.47
C GLU A 138 -26.22 -0.79 -8.89
N VAL A 139 -26.91 -1.55 -9.73
CA VAL A 139 -26.51 -1.67 -11.12
C VAL A 139 -26.60 -0.29 -11.74
N ILE A 140 -25.53 0.16 -12.41
CA ILE A 140 -25.58 1.48 -13.01
C ILE A 140 -25.47 1.39 -14.52
N ASN A 141 -24.87 0.30 -15.00
CA ASN A 141 -24.73 0.10 -16.44
C ASN A 141 -24.95 -1.35 -16.81
N VAL A 142 -25.70 -1.54 -17.91
CA VAL A 142 -26.00 -2.86 -18.44
C VAL A 142 -25.86 -2.72 -19.95
N PHE A 143 -24.82 -3.30 -20.51
CA PHE A 143 -24.56 -3.23 -21.95
C PHE A 143 -24.64 -4.62 -22.57
N PRO A 144 -25.18 -4.71 -23.78
CA PRO A 144 -25.31 -6.01 -24.46
C PRO A 144 -24.02 -6.60 -25.04
N ILE A 145 -23.82 -7.89 -24.80
CA ILE A 145 -22.67 -8.59 -25.37
C ILE A 145 -23.24 -9.16 -26.68
N ARG A 146 -24.38 -9.85 -26.56
CA ARG A 146 -25.06 -10.42 -27.71
C ARG A 146 -26.54 -10.63 -27.37
N PHE A 147 -27.37 -10.68 -28.41
CA PHE A 147 -28.80 -10.89 -28.28
C PHE A 147 -29.18 -12.24 -28.89
N ILE A 148 -30.31 -12.79 -28.45
CA ILE A 148 -30.79 -14.07 -28.94
C ILE A 148 -32.30 -14.01 -29.15
N VAL A 149 -32.71 -14.14 -30.40
CA VAL A 149 -34.12 -14.09 -30.77
C VAL A 149 -34.72 -15.48 -30.88
N ASP A 150 -35.83 -15.68 -30.17
CA ASP A 150 -36.53 -16.96 -30.18
C ASP A 150 -35.62 -18.16 -29.89
N LYS A 151 -34.99 -18.12 -28.73
CA LYS A 151 -34.10 -19.18 -28.26
C LYS A 151 -33.24 -19.90 -29.30
N GLU A 152 -32.69 -19.18 -30.27
CA GLU A 152 -31.87 -19.86 -31.26
C GLU A 152 -30.98 -18.97 -32.12
N ASN A 153 -31.56 -17.91 -32.68
CA ASN A 153 -30.78 -17.02 -33.52
C ASN A 153 -30.00 -16.01 -32.68
N GLU A 154 -28.68 -16.22 -32.61
CA GLU A 154 -27.80 -15.34 -31.85
C GLU A 154 -27.28 -14.23 -32.74
N VAL A 155 -27.46 -12.97 -32.32
CA VAL A 155 -27.01 -11.82 -33.09
C VAL A 155 -26.57 -10.66 -32.19
N SER A 156 -25.81 -9.72 -32.76
CA SER A 156 -25.32 -8.57 -31.99
C SER A 156 -26.30 -7.42 -32.10
N ASP A 157 -26.90 -7.25 -33.27
CA ASP A 157 -27.90 -6.20 -33.46
C ASP A 157 -29.21 -6.87 -33.84
N PRO A 158 -30.18 -6.89 -32.93
CA PRO A 158 -31.47 -7.53 -33.20
C PRO A 158 -32.56 -6.58 -33.69
N LYS A 159 -32.20 -5.34 -34.00
CA LYS A 159 -33.21 -4.39 -34.44
C LYS A 159 -33.89 -4.75 -35.76
N GLU A 160 -35.14 -4.34 -35.84
CA GLU A 160 -36.03 -4.58 -36.97
C GLU A 160 -36.18 -6.02 -37.49
N LEU A 161 -35.81 -6.99 -36.67
CA LEU A 161 -35.97 -8.39 -37.07
C LEU A 161 -37.15 -8.94 -36.26
N ILE A 162 -37.84 -9.95 -36.79
CA ILE A 162 -39.02 -10.49 -36.12
C ILE A 162 -38.86 -11.64 -35.15
N ALA A 163 -39.42 -11.46 -33.97
CA ALA A 163 -39.40 -12.48 -32.93
C ALA A 163 -40.83 -12.94 -32.73
N ARG A 164 -41.00 -14.25 -32.61
CA ARG A 164 -42.33 -14.81 -32.44
C ARG A 164 -42.57 -15.18 -30.98
N HIS A 165 -41.48 -15.39 -30.24
CA HIS A 165 -41.60 -15.78 -28.83
C HIS A 165 -40.76 -14.96 -27.86
N SER A 166 -39.50 -14.70 -28.19
CA SER A 166 -38.66 -14.01 -27.24
C SER A 166 -37.41 -13.29 -27.70
N LEU A 167 -36.86 -12.52 -26.76
CA LEU A 167 -35.63 -11.75 -26.96
C LEU A 167 -34.78 -11.86 -25.69
N LYS A 168 -33.67 -12.56 -25.81
CA LYS A 168 -32.78 -12.75 -24.67
C LYS A 168 -31.55 -11.87 -24.86
N VAL A 169 -30.87 -11.53 -23.77
CA VAL A 169 -29.67 -10.73 -23.88
C VAL A 169 -28.63 -11.26 -22.93
N GLU A 170 -27.39 -11.32 -23.41
CA GLU A 170 -26.27 -11.74 -22.57
C GLU A 170 -25.54 -10.42 -22.42
N ALA A 171 -25.67 -9.86 -21.22
CA ALA A 171 -25.10 -8.54 -20.94
C ALA A 171 -23.95 -8.46 -19.97
N GLY A 172 -23.22 -7.36 -20.10
CA GLY A 172 -22.12 -7.06 -19.20
C GLY A 172 -22.79 -6.17 -18.18
N VAL A 173 -22.36 -6.23 -16.93
CA VAL A 173 -23.02 -5.42 -15.92
C VAL A 173 -22.03 -4.74 -14.97
N ILE A 174 -22.30 -3.46 -14.71
CA ILE A 174 -21.50 -2.66 -13.79
C ILE A 174 -22.41 -2.22 -12.66
N ALA A 175 -21.97 -2.45 -11.43
CA ALA A 175 -22.73 -2.05 -10.26
C ALA A 175 -21.78 -1.30 -9.33
N ILE A 176 -22.32 -0.38 -8.55
CA ILE A 176 -21.48 0.40 -7.64
C ILE A 176 -22.13 0.50 -6.26
N GLN A 177 -21.31 0.71 -5.23
CA GLN A 177 -21.79 0.85 -3.88
C GLN A 177 -22.85 1.96 -3.82
N LYS A 178 -23.96 1.67 -3.17
CA LYS A 178 -25.05 2.61 -3.08
C LYS A 178 -24.63 3.94 -2.47
N SER A 179 -23.77 3.90 -1.46
CA SER A 179 -23.31 5.12 -0.82
C SER A 179 -22.63 6.08 -1.79
N ILE A 180 -21.86 5.56 -2.73
CA ILE A 180 -21.21 6.44 -3.68
C ILE A 180 -22.24 7.08 -4.60
N LEU A 181 -23.06 6.24 -5.22
CA LEU A 181 -24.10 6.68 -6.14
C LEU A 181 -25.04 7.72 -5.52
N ILE A 182 -25.61 7.38 -4.38
CA ILE A 182 -26.52 8.29 -3.70
C ILE A 182 -25.89 9.68 -3.45
N ASN A 183 -24.69 9.70 -2.88
CA ASN A 183 -24.05 10.98 -2.59
C ASN A 183 -23.59 11.79 -3.79
N MET A 184 -23.15 11.13 -4.85
CA MET A 184 -22.72 11.87 -6.03
C MET A 184 -23.91 12.54 -6.72
N ILE A 185 -25.02 11.81 -6.81
CA ILE A 185 -26.23 12.33 -7.45
C ILE A 185 -26.83 13.49 -6.64
N LYS A 186 -27.01 13.28 -5.34
CA LYS A 186 -27.58 14.31 -4.47
C LYS A 186 -26.78 15.61 -4.56
N CYS A 187 -25.45 15.48 -4.54
CA CYS A 187 -24.59 16.65 -4.60
C CYS A 187 -24.82 17.39 -5.92
N VAL A 188 -24.87 16.67 -7.03
CA VAL A 188 -25.08 17.28 -8.34
C VAL A 188 -26.49 17.86 -8.51
N GLU A 189 -27.50 17.14 -8.06
CA GLU A 189 -28.87 17.62 -8.19
C GLU A 189 -29.15 18.80 -7.26
N ALA A 190 -28.24 19.06 -6.32
CA ALA A 190 -28.40 20.18 -5.40
C ALA A 190 -28.00 21.47 -6.09
N CYS A 191 -27.50 21.35 -7.32
CA CYS A 191 -27.11 22.51 -8.11
C CYS A 191 -28.22 22.83 -9.08
N GLY A 192 -29.42 22.33 -8.79
CA GLY A 192 -30.54 22.57 -9.65
C GLY A 192 -30.56 21.88 -11.00
N VAL A 193 -29.87 20.75 -11.14
CA VAL A 193 -29.87 20.04 -12.42
C VAL A 193 -30.34 18.61 -12.20
N ASP A 194 -30.80 17.97 -13.27
CA ASP A 194 -31.25 16.58 -13.19
C ASP A 194 -30.21 15.67 -13.80
N VAL A 195 -29.94 14.57 -13.10
CA VAL A 195 -28.98 13.58 -13.60
C VAL A 195 -29.82 12.62 -14.43
N LEU A 196 -29.70 12.68 -15.74
CA LEU A 196 -30.47 11.80 -16.61
C LEU A 196 -29.97 10.37 -16.53
N ASP A 197 -28.65 10.23 -16.47
CA ASP A 197 -28.04 8.92 -16.41
C ASP A 197 -26.63 8.96 -15.82
N VAL A 198 -26.16 7.80 -15.41
CA VAL A 198 -24.84 7.66 -14.81
C VAL A 198 -24.00 6.70 -15.66
N TYR A 199 -22.70 6.99 -15.80
CA TYR A 199 -21.84 6.12 -16.57
C TYR A 199 -20.52 5.86 -15.86
N SER A 200 -20.29 4.61 -15.52
CA SER A 200 -19.04 4.25 -14.85
C SER A 200 -17.91 4.50 -15.82
N ASP A 201 -16.77 4.95 -15.32
CA ASP A 201 -15.64 5.15 -16.20
C ASP A 201 -15.23 3.79 -16.80
N ALA A 202 -15.62 2.69 -16.16
CA ALA A 202 -15.27 1.36 -16.69
C ALA A 202 -15.89 1.16 -18.09
N TYR A 203 -17.07 1.73 -18.29
CA TYR A 203 -17.72 1.65 -19.61
C TYR A 203 -17.25 2.79 -20.52
N ASN A 204 -17.07 3.98 -19.95
CA ASN A 204 -16.66 5.15 -20.73
C ASN A 204 -15.36 4.94 -21.53
N TYR A 205 -14.34 4.37 -20.90
CA TYR A 205 -13.07 4.17 -21.59
C TYR A 205 -13.20 3.34 -22.85
N GLY A 206 -14.23 2.51 -22.92
CA GLY A 206 -14.39 1.73 -24.11
C GLY A 206 -14.34 2.64 -25.33
N SER A 207 -14.85 3.87 -25.17
CA SER A 207 -14.89 4.83 -26.28
C SER A 207 -13.59 5.51 -26.73
N ILE A 208 -12.56 5.51 -25.88
CA ILE A 208 -11.33 6.14 -26.32
C ILE A 208 -10.41 5.14 -27.04
N LEU A 209 -10.82 3.87 -27.05
CA LEU A 209 -10.05 2.82 -27.71
C LEU A 209 -10.52 2.60 -29.14
N THR A 210 -9.60 2.21 -30.01
CA THR A 210 -9.93 1.92 -31.39
C THR A 210 -10.55 0.52 -31.43
N ALA A 211 -11.22 0.18 -32.52
CA ALA A 211 -11.86 -1.13 -32.64
C ALA A 211 -10.86 -2.28 -32.47
N THR A 212 -9.67 -2.10 -33.02
CA THR A 212 -8.63 -3.11 -32.92
C THR A 212 -8.15 -3.29 -31.48
N GLU A 213 -7.98 -2.18 -30.76
CA GLU A 213 -7.53 -2.24 -29.38
C GLU A 213 -8.55 -3.02 -28.55
N LYS A 214 -9.82 -2.63 -28.64
CA LYS A 214 -10.89 -3.30 -27.90
C LYS A 214 -10.99 -4.79 -28.23
N GLU A 215 -10.57 -5.15 -29.44
CA GLU A 215 -10.61 -6.54 -29.85
C GLU A 215 -9.41 -7.33 -29.34
N LEU A 216 -8.21 -6.88 -29.65
CA LEU A 216 -6.99 -7.58 -29.23
C LEU A 216 -6.81 -7.76 -27.72
N GLY A 217 -7.33 -6.81 -26.94
CA GLY A 217 -7.19 -6.87 -25.49
C GLY A 217 -6.35 -5.68 -25.09
N ALA A 218 -7.01 -4.57 -24.77
CA ALA A 218 -6.32 -3.34 -24.41
C ALA A 218 -6.60 -2.86 -22.99
N CYS A 219 -5.59 -2.22 -22.40
CA CYS A 219 -5.68 -1.69 -21.05
C CYS A 219 -5.60 -0.16 -21.01
N VAL A 220 -6.63 0.49 -20.47
CA VAL A 220 -6.59 1.94 -20.35
C VAL A 220 -6.10 2.27 -18.95
N ILE A 221 -5.20 3.26 -18.86
CA ILE A 221 -4.67 3.67 -17.57
C ILE A 221 -4.84 5.17 -17.42
N ASP A 222 -5.78 5.60 -16.58
CA ASP A 222 -6.00 7.03 -16.39
C ASP A 222 -5.41 7.46 -15.05
N ILE A 223 -4.30 8.18 -15.13
CA ILE A 223 -3.59 8.67 -13.96
C ILE A 223 -4.02 10.11 -13.70
N GLY A 224 -4.87 10.31 -12.67
CA GLY A 224 -5.36 11.65 -12.34
C GLY A 224 -4.58 12.31 -11.20
N GLU A 225 -5.27 12.64 -10.12
CA GLU A 225 -4.58 13.28 -9.00
C GLU A 225 -4.50 12.38 -7.77
N ASP A 226 -5.65 11.93 -7.31
CA ASP A 226 -5.68 11.02 -6.17
C ASP A 226 -5.90 9.60 -6.66
N VAL A 227 -6.58 9.48 -7.79
CA VAL A 227 -6.89 8.16 -8.32
C VAL A 227 -6.31 7.82 -9.67
N THR A 228 -5.89 6.58 -9.81
CA THR A 228 -5.41 6.07 -11.07
C THR A 228 -6.39 4.94 -11.35
N GLN A 229 -6.98 4.95 -12.54
CA GLN A 229 -7.96 3.92 -12.88
C GLN A 229 -7.47 3.03 -13.98
N VAL A 230 -7.89 1.78 -13.92
CA VAL A 230 -7.49 0.76 -14.88
C VAL A 230 -8.71 0.00 -15.40
N ALA A 231 -8.83 -0.10 -16.71
CA ALA A 231 -9.94 -0.83 -17.32
C ALA A 231 -9.38 -1.60 -18.52
N PHE A 232 -9.78 -2.87 -18.62
CA PHE A 232 -9.30 -3.74 -19.67
C PHE A 232 -10.45 -4.19 -20.57
N TYR A 233 -10.27 -3.99 -21.87
CA TYR A 233 -11.28 -4.36 -22.85
C TYR A 233 -10.73 -5.43 -23.78
N GLU A 234 -11.60 -6.37 -24.14
CA GLU A 234 -11.19 -7.49 -24.99
C GLU A 234 -12.40 -7.94 -25.83
N ARG A 235 -12.14 -8.41 -27.04
CA ARG A 235 -13.21 -8.85 -27.92
C ARG A 235 -14.31 -7.80 -28.02
N GLY A 236 -13.90 -6.53 -28.04
CA GLY A 236 -14.86 -5.44 -28.14
C GLY A 236 -15.60 -5.11 -26.85
N GLU A 237 -15.42 -5.93 -25.82
CA GLU A 237 -16.13 -5.68 -24.57
C GLU A 237 -15.24 -5.47 -23.34
N LEU A 238 -15.81 -4.80 -22.36
CA LEU A 238 -15.14 -4.52 -21.10
C LEU A 238 -15.02 -5.84 -20.36
N VAL A 239 -13.84 -6.18 -19.88
CA VAL A 239 -13.64 -7.41 -19.12
C VAL A 239 -13.67 -7.10 -17.63
N ASP A 240 -12.82 -6.15 -17.21
CA ASP A 240 -12.77 -5.77 -15.81
C ASP A 240 -12.01 -4.48 -15.61
N ALA A 241 -12.11 -3.92 -14.40
CA ALA A 241 -11.46 -2.65 -14.10
C ALA A 241 -11.35 -2.44 -12.60
N ASP A 242 -10.47 -1.53 -12.22
CA ASP A 242 -10.26 -1.19 -10.81
C ASP A 242 -9.53 0.15 -10.70
N SER A 243 -9.29 0.60 -9.48
CA SER A 243 -8.59 1.86 -9.27
C SER A 243 -7.53 1.73 -8.19
N ILE A 244 -6.52 2.59 -8.28
CA ILE A 244 -5.40 2.60 -7.35
C ILE A 244 -5.32 3.99 -6.72
N GLU A 245 -5.08 4.06 -5.41
CA GLU A 245 -4.96 5.35 -4.74
C GLU A 245 -3.53 5.83 -4.77
N MET A 246 -3.05 6.10 -5.98
CA MET A 246 -1.70 6.60 -6.18
C MET A 246 -1.73 7.27 -7.53
N ALA A 247 -1.37 8.55 -7.56
CA ALA A 247 -1.40 9.29 -8.81
C ALA A 247 -0.65 10.63 -8.74
N GLY A 248 -1.14 11.62 -9.47
CA GLY A 248 -0.51 12.93 -9.53
C GLY A 248 -0.14 13.60 -8.23
N ARG A 249 -1.01 13.52 -7.23
CA ARG A 249 -0.74 14.13 -5.94
C ARG A 249 0.52 13.53 -5.33
N ASP A 250 0.65 12.22 -5.46
CA ASP A 250 1.80 11.52 -4.90
C ASP A 250 3.10 11.94 -5.59
N ILE A 251 3.02 12.26 -6.87
CA ILE A 251 4.19 12.70 -7.61
C ILE A 251 4.60 14.02 -6.97
N THR A 252 3.63 14.91 -6.78
CA THR A 252 3.87 16.21 -6.17
C THR A 252 4.47 16.05 -4.77
N ASP A 253 3.87 15.18 -3.94
CA ASP A 253 4.36 14.92 -2.59
C ASP A 253 5.84 14.54 -2.59
N ASP A 254 6.24 13.64 -3.48
CA ASP A 254 7.64 13.24 -3.52
C ASP A 254 8.52 14.43 -3.92
N ILE A 255 8.04 15.23 -4.87
CA ILE A 255 8.80 16.40 -5.31
C ILE A 255 8.97 17.39 -4.17
N ALA A 256 7.88 17.63 -3.44
CA ALA A 256 7.92 18.56 -2.32
C ALA A 256 8.95 18.09 -1.29
N GLN A 257 8.90 16.81 -0.94
CA GLN A 257 9.83 16.24 0.02
C GLN A 257 11.28 16.31 -0.48
N GLY A 258 11.47 15.92 -1.74
CA GLY A 258 12.79 15.90 -2.33
C GLY A 258 13.49 17.23 -2.51
N LEU A 259 12.77 18.22 -3.03
CA LEU A 259 13.33 19.55 -3.26
C LEU A 259 13.19 20.41 -2.01
N ASN A 260 12.66 19.82 -0.95
CA ASN A 260 12.47 20.52 0.32
C ASN A 260 11.74 21.84 0.10
N THR A 261 10.64 21.75 -0.65
CA THR A 261 9.85 22.93 -0.96
C THR A 261 8.36 22.66 -0.68
N SER A 262 7.53 23.70 -0.75
CA SER A 262 6.10 23.52 -0.47
C SER A 262 5.37 22.74 -1.56
N TYR A 263 4.19 22.23 -1.20
CA TYR A 263 3.37 21.46 -2.12
C TYR A 263 3.08 22.26 -3.39
N GLU A 264 2.60 23.49 -3.17
CA GLU A 264 2.24 24.40 -4.25
C GLU A 264 3.36 24.60 -5.26
N THR A 265 4.54 24.97 -4.77
CA THR A 265 5.67 25.21 -5.66
C THR A 265 6.02 23.92 -6.39
N ALA A 266 5.98 22.79 -5.69
CA ALA A 266 6.28 21.50 -6.30
C ALA A 266 5.29 21.21 -7.43
N GLU A 267 4.04 21.58 -7.19
CA GLU A 267 2.99 21.39 -8.19
C GLU A 267 3.37 22.17 -9.44
N LYS A 268 3.83 23.41 -9.27
CA LYS A 268 4.18 24.23 -10.43
C LYS A 268 5.37 23.67 -11.21
N VAL A 269 6.48 23.37 -10.54
CA VAL A 269 7.63 22.84 -11.26
C VAL A 269 7.30 21.52 -11.92
N LYS A 270 6.33 20.80 -11.38
CA LYS A 270 5.93 19.54 -11.98
C LYS A 270 5.35 19.84 -13.35
N HIS A 271 4.49 20.85 -13.42
CA HIS A 271 3.88 21.21 -14.69
C HIS A 271 4.89 21.84 -15.64
N GLN A 272 5.64 22.82 -15.16
CA GLN A 272 6.63 23.53 -15.97
C GLN A 272 7.84 22.75 -16.46
N TYR A 273 8.48 22.03 -15.55
CA TYR A 273 9.70 21.30 -15.88
C TYR A 273 9.61 19.79 -15.83
N GLY A 274 8.48 19.28 -15.35
CA GLY A 274 8.31 17.85 -15.22
C GLY A 274 8.67 16.96 -16.40
N HIS A 275 9.23 15.79 -16.08
CA HIS A 275 9.62 14.80 -17.07
C HIS A 275 9.69 13.46 -16.33
N ALA A 276 9.08 12.42 -16.90
CA ALA A 276 9.05 11.11 -16.26
C ALA A 276 10.13 10.15 -16.70
N PHE A 277 10.98 10.55 -17.63
CA PHE A 277 12.05 9.66 -18.05
C PHE A 277 13.41 10.30 -17.85
N TYR A 278 14.02 9.96 -16.71
CA TYR A 278 15.33 10.47 -16.29
C TYR A 278 16.35 10.58 -17.42
N ASP A 279 16.60 9.48 -18.14
CA ASP A 279 17.59 9.48 -19.23
C ASP A 279 17.33 10.55 -20.28
N SER A 280 16.06 10.79 -20.59
CA SER A 280 15.69 11.79 -21.58
C SER A 280 15.51 13.16 -20.94
N ALA A 281 15.59 13.19 -19.61
CA ALA A 281 15.44 14.43 -18.87
C ALA A 281 16.67 15.31 -19.09
N SER A 282 16.45 16.63 -19.19
CA SER A 282 17.54 17.56 -19.44
C SER A 282 18.27 18.10 -18.21
N ASP A 283 19.52 18.50 -18.43
CA ASP A 283 20.36 19.06 -17.37
C ASP A 283 20.46 20.58 -17.52
N GLN A 284 20.42 21.05 -18.76
CA GLN A 284 20.49 22.47 -19.03
C GLN A 284 19.27 23.16 -18.44
N ASP A 285 18.15 22.45 -18.42
CA ASP A 285 16.93 23.00 -17.85
C ASP A 285 17.16 23.22 -16.37
N ILE A 286 17.06 24.47 -15.95
CA ILE A 286 17.27 24.80 -14.55
C ILE A 286 16.19 25.73 -14.04
N PHE A 287 15.88 25.63 -12.76
CA PHE A 287 14.89 26.48 -12.13
C PHE A 287 15.25 26.68 -10.67
N THR A 288 14.71 27.72 -10.07
CA THR A 288 15.01 28.00 -8.67
C THR A 288 13.78 27.77 -7.83
N VAL A 289 13.98 27.13 -6.68
CA VAL A 289 12.90 26.82 -5.78
C VAL A 289 13.24 27.33 -4.39
N GLU A 290 12.25 27.90 -3.71
CA GLU A 290 12.45 28.39 -2.35
C GLU A 290 12.37 27.22 -1.38
N GLN A 291 13.04 27.35 -0.23
CA GLN A 291 13.02 26.28 0.76
C GLN A 291 11.91 26.51 1.76
N VAL A 292 11.40 25.41 2.32
CA VAL A 292 10.32 25.48 3.28
C VAL A 292 10.76 25.78 4.71
N ASP A 293 12.02 25.43 5.02
CA ASP A 293 12.55 25.63 6.36
C ASP A 293 13.55 26.78 6.51
N SER A 294 13.80 27.50 5.42
CA SER A 294 14.74 28.62 5.47
C SER A 294 14.56 29.57 4.27
N ASP A 295 14.95 30.84 4.46
CA ASP A 295 14.83 31.83 3.40
C ASP A 295 15.79 31.53 2.27
N GLU A 296 16.54 30.46 2.47
CA GLU A 296 17.52 30.00 1.51
C GLU A 296 16.79 29.48 0.27
N THR A 297 17.43 29.60 -0.88
CA THR A 297 16.84 29.12 -2.13
C THR A 297 17.81 28.15 -2.78
N VAL A 298 17.28 27.17 -3.53
CA VAL A 298 18.13 26.17 -4.18
C VAL A 298 17.82 26.01 -5.67
N GLN A 299 18.88 25.72 -6.43
CA GLN A 299 18.77 25.53 -7.86
C GLN A 299 18.65 24.04 -8.17
N TYR A 300 17.90 23.70 -9.21
CA TYR A 300 17.71 22.31 -9.61
C TYR A 300 17.63 22.16 -11.12
N THR A 301 17.99 20.97 -11.60
CA THR A 301 17.93 20.68 -13.03
C THR A 301 16.73 19.78 -13.28
N GLN A 302 16.23 19.76 -14.52
CA GLN A 302 15.09 18.92 -14.85
C GLN A 302 15.40 17.45 -14.52
N LYS A 303 16.65 17.05 -14.73
CA LYS A 303 17.04 15.67 -14.45
C LYS A 303 16.87 15.35 -12.96
N ASP A 304 17.13 16.33 -12.11
CA ASP A 304 16.97 16.15 -10.68
C ASP A 304 15.49 15.86 -10.40
N LEU A 305 14.64 16.72 -10.97
CA LEU A 305 13.20 16.63 -10.82
C LEU A 305 12.66 15.31 -11.34
N SER A 306 13.25 14.83 -12.43
CA SER A 306 12.85 13.59 -13.07
C SER A 306 13.13 12.34 -12.25
N ASP A 307 14.12 12.42 -11.37
CA ASP A 307 14.47 11.29 -10.52
C ASP A 307 13.24 10.94 -9.68
N PHE A 308 12.59 11.98 -9.17
CA PHE A 308 11.40 11.83 -8.34
C PHE A 308 10.18 11.39 -9.14
N ILE A 309 9.96 12.06 -10.26
CA ILE A 309 8.80 11.77 -11.11
C ILE A 309 8.81 10.38 -11.70
N GLU A 310 9.96 9.95 -12.21
CA GLU A 310 10.06 8.62 -12.81
C GLU A 310 9.82 7.55 -11.75
N ALA A 311 10.41 7.73 -10.58
CA ALA A 311 10.24 6.75 -9.51
C ALA A 311 8.76 6.56 -9.20
N ARG A 312 8.03 7.65 -8.98
CA ARG A 312 6.62 7.53 -8.66
C ARG A 312 5.74 7.02 -9.81
N VAL A 313 6.05 7.42 -11.04
CA VAL A 313 5.23 6.96 -12.17
C VAL A 313 5.46 5.46 -12.37
N GLU A 314 6.72 5.06 -12.16
CA GLU A 314 7.10 3.65 -12.31
C GLU A 314 6.30 2.82 -11.32
N GLU A 315 6.27 3.30 -10.08
CA GLU A 315 5.54 2.63 -9.00
C GLU A 315 4.07 2.44 -9.38
N ILE A 316 3.46 3.52 -9.87
CA ILE A 316 2.07 3.50 -10.29
C ILE A 316 1.86 2.40 -11.33
N PHE A 317 2.75 2.35 -12.32
CA PHE A 317 2.64 1.34 -13.35
C PHE A 317 2.77 -0.07 -12.76
N PHE A 318 3.71 -0.24 -11.84
CA PHE A 318 3.87 -1.54 -11.20
C PHE A 318 2.58 -1.88 -10.44
N GLU A 319 1.94 -0.84 -9.90
CA GLU A 319 0.69 -1.05 -9.18
C GLU A 319 -0.35 -1.51 -10.20
N VAL A 320 -0.28 -0.95 -11.41
CA VAL A 320 -1.20 -1.33 -12.48
C VAL A 320 -1.00 -2.81 -12.85
N PHE A 321 0.25 -3.23 -13.01
CA PHE A 321 0.52 -4.62 -13.35
C PHE A 321 -0.06 -5.56 -12.29
N ASP A 322 0.03 -5.15 -11.02
CA ASP A 322 -0.51 -5.99 -9.95
C ASP A 322 -2.03 -6.09 -10.06
N VAL A 323 -2.68 -4.99 -10.44
CA VAL A 323 -4.14 -5.01 -10.61
C VAL A 323 -4.51 -5.99 -11.71
N LEU A 324 -3.77 -5.93 -12.81
CA LEU A 324 -4.01 -6.81 -13.95
C LEU A 324 -3.86 -8.29 -13.56
N GLN A 325 -2.88 -8.61 -12.71
CA GLN A 325 -2.69 -9.99 -12.28
C GLN A 325 -3.81 -10.43 -11.36
N ASP A 326 -4.11 -9.62 -10.35
CA ASP A 326 -5.19 -9.96 -9.44
C ASP A 326 -6.44 -10.18 -10.28
N LEU A 327 -6.69 -9.26 -11.21
CA LEU A 327 -7.87 -9.37 -12.08
C LEU A 327 -7.73 -10.60 -12.96
N GLY A 328 -6.52 -11.17 -12.99
CA GLY A 328 -6.28 -12.34 -13.80
C GLY A 328 -6.24 -11.99 -15.27
N LEU A 329 -5.49 -10.95 -15.60
CA LEU A 329 -5.41 -10.51 -16.98
C LEU A 329 -4.01 -10.38 -17.54
N THR A 330 -3.28 -11.48 -17.60
CA THR A 330 -1.95 -11.43 -18.21
C THR A 330 -2.28 -11.22 -19.68
N LYS A 331 -1.30 -10.99 -20.53
CA LYS A 331 -1.57 -10.78 -21.94
C LYS A 331 -2.38 -9.50 -22.18
N VAL A 332 -1.75 -8.53 -22.82
CA VAL A 332 -2.36 -7.25 -23.15
C VAL A 332 -2.03 -7.04 -24.64
N ASN A 333 -2.57 -7.92 -25.48
CA ASN A 333 -2.33 -7.88 -26.92
C ASN A 333 -2.61 -6.54 -27.62
N GLY A 334 -3.69 -5.87 -27.24
CA GLY A 334 -4.03 -4.60 -27.87
C GLY A 334 -3.23 -3.36 -27.47
N GLY A 335 -2.35 -3.49 -26.48
CA GLY A 335 -1.57 -2.35 -26.05
C GLY A 335 -2.11 -1.55 -24.88
N PHE A 336 -1.32 -0.57 -24.45
CA PHE A 336 -1.66 0.29 -23.33
C PHE A 336 -2.00 1.71 -23.78
N ILE A 337 -3.09 2.24 -23.25
CA ILE A 337 -3.49 3.61 -23.55
C ILE A 337 -3.45 4.37 -22.22
N VAL A 338 -2.59 5.38 -22.15
CA VAL A 338 -2.43 6.16 -20.93
C VAL A 338 -3.06 7.54 -21.09
N THR A 339 -3.89 7.92 -20.14
CA THR A 339 -4.54 9.21 -20.23
C THR A 339 -4.68 9.87 -18.85
N GLY A 340 -5.47 10.94 -18.77
CA GLY A 340 -5.65 11.63 -17.49
C GLY A 340 -4.65 12.77 -17.34
N GLY A 341 -4.89 13.63 -16.34
CA GLY A 341 -4.02 14.78 -16.10
C GLY A 341 -2.50 14.58 -16.02
N SER A 342 -2.06 13.52 -15.38
CA SER A 342 -0.63 13.27 -15.26
C SER A 342 -0.03 12.82 -16.59
N ALA A 343 -0.89 12.43 -17.53
CA ALA A 343 -0.45 12.00 -18.84
C ALA A 343 0.16 13.17 -19.63
N ASN A 344 0.04 14.38 -19.10
CA ASN A 344 0.59 15.58 -19.74
C ASN A 344 2.09 15.56 -19.50
N LEU A 345 2.49 14.81 -18.47
CA LEU A 345 3.88 14.67 -18.07
C LEU A 345 4.70 14.15 -19.25
N LEU A 346 5.84 14.78 -19.53
CA LEU A 346 6.68 14.32 -20.62
C LEU A 346 7.41 13.06 -20.16
N GLY A 347 7.72 12.17 -21.09
CA GLY A 347 8.43 10.95 -20.74
C GLY A 347 7.61 9.78 -20.23
N VAL A 348 6.30 9.95 -20.14
CA VAL A 348 5.46 8.86 -19.65
C VAL A 348 5.38 7.73 -20.67
N LYS A 349 5.33 8.07 -21.95
CA LYS A 349 5.26 7.04 -23.00
C LYS A 349 6.56 6.24 -23.01
N GLU A 350 7.68 6.94 -22.89
CA GLU A 350 9.01 6.31 -22.86
C GLU A 350 9.11 5.35 -21.68
N LEU A 351 8.80 5.89 -20.50
CA LEU A 351 8.87 5.11 -19.27
C LEU A 351 8.07 3.81 -19.35
N LEU A 352 6.82 3.90 -19.79
CA LEU A 352 6.00 2.70 -19.88
C LEU A 352 6.49 1.71 -20.93
N SER A 353 6.83 2.20 -22.11
CA SER A 353 7.30 1.30 -23.17
C SER A 353 8.66 0.76 -22.80
N ASP A 354 9.35 1.45 -21.90
CA ASP A 354 10.66 1.01 -21.46
C ASP A 354 10.52 -0.10 -20.43
N MET A 355 9.30 -0.38 -20.02
CA MET A 355 9.07 -1.43 -19.05
C MET A 355 8.01 -2.43 -19.49
N VAL A 356 7.59 -2.33 -20.75
CA VAL A 356 6.58 -3.22 -21.31
C VAL A 356 6.87 -3.50 -22.80
N SER A 357 6.57 -4.71 -23.25
CA SER A 357 6.80 -5.11 -24.63
C SER A 357 5.70 -4.66 -25.60
N GLU A 358 4.47 -4.58 -25.11
CA GLU A 358 3.34 -4.19 -25.96
C GLU A 358 3.32 -2.69 -26.29
N LYS A 359 2.48 -2.31 -27.26
CA LYS A 359 2.38 -0.91 -27.68
C LYS A 359 1.91 0.04 -26.57
N VAL A 360 2.30 1.29 -26.71
CA VAL A 360 1.92 2.32 -25.75
C VAL A 360 1.61 3.66 -26.41
N ARG A 361 0.54 4.31 -25.95
CA ARG A 361 0.17 5.63 -26.46
C ARG A 361 -0.55 6.43 -25.38
N ILE A 362 -0.47 7.75 -25.49
CA ILE A 362 -1.13 8.65 -24.58
C ILE A 362 -2.36 9.15 -25.32
N HIS A 363 -3.54 8.95 -24.75
CA HIS A 363 -4.74 9.42 -25.42
C HIS A 363 -5.11 10.85 -25.01
N THR A 364 -5.40 11.67 -26.01
CA THR A 364 -5.82 13.05 -25.79
C THR A 364 -7.01 13.35 -26.69
N PRO A 365 -8.15 13.79 -26.11
CA PRO A 365 -9.32 14.09 -26.94
C PRO A 365 -8.89 15.01 -28.09
N SER A 366 -9.46 14.82 -29.26
CA SER A 366 -9.10 15.61 -30.43
C SER A 366 -9.80 16.98 -30.59
N GLN A 367 -10.96 17.14 -29.97
CA GLN A 367 -11.72 18.39 -30.11
C GLN A 367 -11.18 19.63 -29.40
N MET A 368 -11.19 20.72 -30.14
CA MET A 368 -10.77 22.04 -29.69
C MET A 368 -11.29 22.40 -28.31
N GLY A 369 -10.41 22.80 -27.41
CA GLY A 369 -10.86 23.18 -26.09
C GLY A 369 -10.70 22.10 -25.04
N ILE A 370 -10.73 20.83 -25.46
CA ILE A 370 -10.55 19.73 -24.52
C ILE A 370 -9.41 18.82 -24.95
N ARG A 371 -8.38 19.41 -25.57
CA ARG A 371 -7.25 18.64 -26.03
C ARG A 371 -6.22 18.49 -24.91
N LYS A 372 -6.68 17.89 -23.82
CA LYS A 372 -5.85 17.60 -22.65
C LYS A 372 -6.35 16.24 -22.15
N PRO A 373 -5.42 15.35 -21.76
CA PRO A 373 -5.80 14.02 -21.28
C PRO A 373 -6.75 14.05 -20.07
N GLU A 374 -6.76 15.15 -19.33
CA GLU A 374 -7.64 15.23 -18.18
C GLU A 374 -9.12 15.24 -18.59
N PHE A 375 -9.41 15.53 -19.86
CA PHE A 375 -10.79 15.58 -20.34
C PHE A 375 -11.36 14.27 -20.90
N SER A 376 -10.53 13.22 -20.95
CA SER A 376 -10.98 11.92 -21.47
C SER A 376 -12.25 11.35 -20.82
N SER A 377 -12.35 11.41 -19.50
CA SER A 377 -13.53 10.89 -18.82
C SER A 377 -14.79 11.65 -19.25
N ALA A 378 -14.77 12.98 -19.13
CA ALA A 378 -15.93 13.80 -19.49
C ALA A 378 -16.38 13.59 -20.92
N ILE A 379 -15.46 13.64 -21.87
CA ILE A 379 -15.84 13.45 -23.26
C ILE A 379 -16.33 12.03 -23.53
N SER A 380 -15.68 11.01 -22.95
CA SER A 380 -16.17 9.68 -23.25
C SER A 380 -17.50 9.40 -22.56
N THR A 381 -17.83 10.20 -21.53
CA THR A 381 -19.12 10.02 -20.85
C THR A 381 -20.20 10.41 -21.84
N ILE A 382 -19.90 11.37 -22.71
CA ILE A 382 -20.86 11.78 -23.71
C ILE A 382 -20.95 10.69 -24.78
N SER A 383 -19.80 10.13 -25.16
CA SER A 383 -19.81 9.05 -26.15
C SER A 383 -20.74 7.93 -25.64
N SER A 384 -20.66 7.63 -24.35
CA SER A 384 -21.49 6.60 -23.73
C SER A 384 -22.98 6.94 -23.77
N SER A 385 -23.32 8.19 -23.44
CA SER A 385 -24.72 8.61 -23.43
C SER A 385 -25.30 8.47 -24.83
N ILE A 386 -24.49 8.84 -25.81
CA ILE A 386 -24.89 8.77 -27.21
C ILE A 386 -25.05 7.31 -27.66
N ALA A 387 -24.16 6.43 -27.21
CA ALA A 387 -24.23 5.01 -27.57
C ALA A 387 -25.55 4.43 -27.07
N PHE A 388 -25.92 4.71 -25.84
CA PHE A 388 -27.18 4.18 -25.34
C PHE A 388 -28.37 4.89 -25.95
N ASP A 389 -28.13 6.10 -26.43
CA ASP A 389 -29.19 6.86 -27.07
C ASP A 389 -29.54 6.14 -28.38
N GLU A 390 -28.52 5.75 -29.12
CA GLU A 390 -28.72 5.07 -30.39
C GLU A 390 -29.14 3.61 -30.21
N LEU A 391 -28.71 3.00 -29.11
CA LEU A 391 -29.07 1.61 -28.85
C LEU A 391 -30.55 1.52 -28.56
N LEU A 392 -31.01 2.31 -27.60
CA LEU A 392 -32.40 2.31 -27.16
C LEU A 392 -33.42 3.12 -27.94
N ASP A 393 -32.98 3.85 -28.96
CA ASP A 393 -33.96 4.63 -29.70
C ASP A 393 -34.07 4.18 -31.14
N TYR B 22 -20.30 36.21 24.25
CA TYR B 22 -19.09 35.37 24.41
C TYR B 22 -18.13 35.89 25.47
N VAL B 23 -18.05 35.18 26.60
CA VAL B 23 -17.17 35.56 27.69
C VAL B 23 -16.18 34.44 28.00
N SER B 24 -14.91 34.81 28.15
CA SER B 24 -13.86 33.86 28.47
C SER B 24 -13.03 34.33 29.65
N ILE B 25 -12.51 33.38 30.43
CA ILE B 25 -11.72 33.71 31.61
C ILE B 25 -10.39 32.96 31.66
N ASP B 26 -9.34 33.66 32.10
CA ASP B 26 -8.01 33.06 32.21
C ASP B 26 -7.40 33.27 33.58
N ILE B 27 -7.36 32.21 34.36
CA ILE B 27 -6.80 32.26 35.71
C ILE B 27 -5.28 32.17 35.60
N GLY B 28 -4.64 33.27 35.23
CA GLY B 28 -3.20 33.26 35.08
C GLY B 28 -2.43 33.41 36.37
N SER B 29 -1.22 32.85 36.40
CA SER B 29 -0.35 32.93 37.56
C SER B 29 -0.11 34.39 37.96
N SER B 30 0.14 35.24 36.96
CA SER B 30 0.38 36.65 37.18
C SER B 30 -0.91 37.44 37.36
N SER B 31 -1.95 37.03 36.63
CA SER B 31 -3.23 37.72 36.73
C SER B 31 -4.33 36.99 36.00
N VAL B 32 -5.57 37.32 36.34
CA VAL B 32 -6.72 36.71 35.71
C VAL B 32 -7.26 37.70 34.68
N LYS B 33 -7.68 37.18 33.53
CA LYS B 33 -8.22 38.05 32.49
C LYS B 33 -9.57 37.56 32.03
N THR B 34 -10.42 38.49 31.60
CA THR B 34 -11.75 38.17 31.11
C THR B 34 -12.07 39.03 29.91
N ILE B 35 -12.66 38.41 28.89
CA ILE B 35 -13.03 39.09 27.65
C ILE B 35 -14.52 38.85 27.37
N VAL B 36 -15.14 39.75 26.60
CA VAL B 36 -16.55 39.59 26.26
C VAL B 36 -16.82 40.07 24.85
N ILE B 44 -14.60 37.72 15.46
CA ILE B 44 -14.67 37.99 16.90
C ILE B 44 -14.61 39.48 17.19
N ASN B 45 -15.33 39.91 18.22
CA ASN B 45 -15.35 41.30 18.65
C ASN B 45 -15.07 41.37 20.14
N VAL B 46 -14.45 42.45 20.58
CA VAL B 46 -14.12 42.61 22.01
C VAL B 46 -14.65 43.92 22.57
N ILE B 47 -15.79 43.84 23.25
CA ILE B 47 -16.42 45.00 23.87
C ILE B 47 -16.47 44.81 25.39
N GLY B 48 -15.57 43.97 25.89
CA GLY B 48 -15.51 43.71 27.32
C GLY B 48 -14.10 43.30 27.74
N THR B 49 -13.45 44.16 28.50
CA THR B 49 -12.08 43.90 28.96
C THR B 49 -11.96 43.90 30.48
N GLY B 50 -11.30 42.88 31.02
CA GLY B 50 -11.12 42.80 32.46
C GLY B 50 -9.92 41.98 32.89
N GLN B 51 -9.08 42.58 33.73
CA GLN B 51 -7.88 41.90 34.23
C GLN B 51 -7.67 42.24 35.70
N THR B 52 -7.09 41.30 36.44
CA THR B 52 -6.83 41.48 37.87
C THR B 52 -5.55 40.76 38.26
N TYR B 53 -4.67 41.44 38.99
CA TYR B 53 -3.41 40.85 39.43
C TYR B 53 -3.56 40.25 40.81
N THR B 54 -3.06 39.03 40.98
CA THR B 54 -3.14 38.32 42.25
C THR B 54 -2.01 37.32 42.42
N SER B 55 -1.69 37.01 43.68
CA SER B 55 -0.64 36.05 43.98
C SER B 55 -1.32 34.76 44.45
N GLY B 56 -2.62 34.67 44.18
CA GLY B 56 -3.39 33.51 44.57
C GLY B 56 -3.23 32.34 43.61
N ILE B 57 -2.37 32.53 42.61
CA ILE B 57 -2.11 31.50 41.62
C ILE B 57 -0.61 31.28 41.51
N LYS B 58 -0.19 30.02 41.46
CA LYS B 58 1.22 29.69 41.36
C LYS B 58 1.41 28.53 40.41
N ASN B 59 2.18 28.76 39.35
CA ASN B 59 2.45 27.76 38.34
C ASN B 59 1.14 27.31 37.70
N GLY B 60 0.27 28.29 37.43
CA GLY B 60 -1.01 28.01 36.81
C GLY B 60 -2.02 27.28 37.67
N LEU B 61 -1.60 26.84 38.85
CA LEU B 61 -2.50 26.12 39.76
C LEU B 61 -2.83 26.94 41.00
N ILE B 62 -4.13 27.07 41.28
CA ILE B 62 -4.62 27.83 42.43
C ILE B 62 -3.85 27.45 43.69
N ASP B 63 -3.36 28.45 44.41
CA ASP B 63 -2.60 28.24 45.64
C ASP B 63 -3.45 28.57 46.86
N ASP B 64 -4.33 29.56 46.72
CA ASP B 64 -5.22 30.00 47.79
C ASP B 64 -6.60 30.21 47.17
N PHE B 65 -7.48 29.22 47.36
CA PHE B 65 -8.84 29.26 46.80
C PHE B 65 -9.56 30.61 46.91
N ASP B 66 -9.75 31.11 48.13
CA ASP B 66 -10.45 32.38 48.34
C ASP B 66 -9.81 33.54 47.57
N ILE B 67 -8.52 33.75 47.79
CA ILE B 67 -7.78 34.83 47.13
C ILE B 67 -8.06 34.90 45.63
N ALA B 68 -7.97 33.75 44.97
CA ALA B 68 -8.20 33.67 43.53
C ALA B 68 -9.68 33.81 43.15
N ARG B 69 -10.57 33.36 44.03
CA ARG B 69 -12.01 33.41 43.78
C ARG B 69 -12.51 34.86 43.67
N GLN B 70 -12.14 35.68 44.65
CA GLN B 70 -12.54 37.07 44.64
C GLN B 70 -11.84 37.71 43.44
N ALA B 71 -10.61 37.29 43.20
CA ALA B 71 -9.83 37.79 42.08
C ALA B 71 -10.61 37.59 40.78
N ILE B 72 -11.07 36.37 40.55
CA ILE B 72 -11.83 36.06 39.34
C ILE B 72 -13.14 36.86 39.26
N LYS B 73 -13.86 36.91 40.37
CA LYS B 73 -15.13 37.64 40.41
C LYS B 73 -14.87 39.11 40.08
N ASP B 74 -13.76 39.63 40.59
CA ASP B 74 -13.35 41.00 40.34
C ASP B 74 -13.24 41.24 38.85
N THR B 75 -12.44 40.38 38.20
CA THR B 75 -12.22 40.47 36.76
C THR B 75 -13.54 40.44 35.99
N ILE B 76 -14.45 39.57 36.40
CA ILE B 76 -15.74 39.41 35.74
C ILE B 76 -16.66 40.63 35.84
N LYS B 77 -16.67 41.27 37.00
CA LYS B 77 -17.49 42.46 37.19
C LYS B 77 -16.89 43.58 36.34
N LYS B 78 -15.56 43.59 36.30
CA LYS B 78 -14.81 44.58 35.55
C LYS B 78 -15.17 44.52 34.07
N ALA B 79 -15.16 43.30 33.52
CA ALA B 79 -15.48 43.09 32.11
C ALA B 79 -16.91 43.54 31.77
N SER B 80 -17.81 43.37 32.75
CA SER B 80 -19.20 43.76 32.56
C SER B 80 -19.38 45.27 32.65
N ILE B 81 -18.82 45.88 33.70
CA ILE B 81 -18.91 47.32 33.92
C ILE B 81 -18.82 48.10 32.62
N ALA B 82 -19.85 48.90 32.35
CA ALA B 82 -19.91 49.71 31.14
C ALA B 82 -19.62 48.88 29.90
N ASP B 86 -24.01 41.43 31.53
CA ASP B 86 -24.09 40.67 32.76
C ASP B 86 -23.54 39.26 32.54
N ILE B 87 -22.31 39.03 32.99
CA ILE B 87 -21.67 37.73 32.83
C ILE B 87 -22.34 36.68 33.71
N LYS B 88 -23.01 35.74 33.07
CA LYS B 88 -23.70 34.66 33.76
C LYS B 88 -23.08 33.33 33.34
N GLU B 89 -22.82 33.22 32.04
CA GLU B 89 -22.22 32.02 31.47
C GLU B 89 -20.85 32.39 30.90
N VAL B 90 -19.82 31.63 31.27
CA VAL B 90 -18.47 31.90 30.78
C VAL B 90 -17.79 30.68 30.18
N PHE B 91 -16.72 30.94 29.43
CA PHE B 91 -15.94 29.88 28.81
C PHE B 91 -14.60 29.91 29.53
N LEU B 92 -14.25 28.79 30.16
CA LEU B 92 -13.01 28.70 30.92
C LEU B 92 -11.88 27.93 30.23
N LYS B 93 -10.68 28.48 30.36
CA LYS B 93 -9.49 27.86 29.76
C LYS B 93 -8.68 27.15 30.85
N LEU B 94 -7.99 26.09 30.48
CA LEU B 94 -7.18 25.33 31.44
C LEU B 94 -5.72 25.21 31.02
N PRO B 95 -4.79 25.39 31.97
CA PRO B 95 -3.35 25.31 31.69
C PRO B 95 -2.93 23.94 31.18
N ILE B 96 -1.77 23.90 30.52
CA ILE B 96 -1.25 22.64 29.99
C ILE B 96 -0.39 22.00 31.05
N ILE B 97 -1.06 21.56 32.13
CA ILE B 97 -0.39 20.93 33.26
C ILE B 97 -1.20 19.69 33.60
N GLY B 98 -0.50 18.59 33.92
CA GLY B 98 -1.19 17.36 34.25
C GLY B 98 -2.17 17.03 33.13
N THR B 99 -1.80 17.48 31.93
CA THR B 99 -2.59 17.32 30.73
C THR B 99 -2.03 16.25 29.79
N GLU B 100 -2.92 15.60 29.06
CA GLU B 100 -2.49 14.57 28.11
C GLU B 100 -3.31 14.61 26.83
N VAL B 101 -2.62 14.79 25.71
CA VAL B 101 -3.24 14.83 24.39
C VAL B 101 -3.05 13.44 23.79
N TYR B 102 -4.07 12.90 23.15
CA TYR B 102 -3.97 11.57 22.56
C TYR B 102 -5.01 11.30 21.49
N ASP B 103 -4.75 10.30 20.65
CA ASP B 103 -5.66 9.93 19.58
C ASP B 103 -6.73 8.97 20.06
N GLU B 104 -7.88 9.02 19.40
CA GLU B 104 -9.01 8.16 19.76
C GLU B 104 -10.10 8.21 18.69
N SER B 105 -10.72 7.06 18.43
CA SER B 105 -11.77 6.98 17.43
C SER B 105 -13.07 6.51 18.10
N ASN B 106 -14.15 6.59 17.35
CA ASN B 106 -15.46 6.17 17.83
C ASN B 106 -16.42 6.08 16.65
N GLU B 107 -17.31 5.11 16.69
CA GLU B 107 -18.26 4.92 15.59
C GLU B 107 -19.71 4.92 16.03
N ILE B 108 -20.57 5.46 15.18
CA ILE B 108 -22.00 5.53 15.44
C ILE B 108 -22.70 4.68 14.35
N ASP B 109 -23.72 3.93 14.73
CA ASP B 109 -24.44 3.06 13.79
C ASP B 109 -25.70 3.62 13.13
N PHE B 110 -25.98 3.14 11.92
CA PHE B 110 -27.15 3.56 11.15
C PHE B 110 -27.84 2.33 10.56
N TYR B 111 -29.15 2.26 10.73
CA TYR B 111 -29.91 1.12 10.24
C TYR B 111 -30.81 1.45 9.05
N GLU B 112 -30.67 2.67 8.55
CA GLU B 112 -31.43 3.12 7.39
C GLU B 112 -30.68 4.33 6.86
N ASP B 113 -30.86 4.65 5.59
CA ASP B 113 -30.17 5.79 4.99
C ASP B 113 -30.48 7.07 5.76
N THR B 114 -29.43 7.68 6.32
CA THR B 114 -29.57 8.89 7.12
C THR B 114 -28.65 10.03 6.68
N GLU B 115 -29.20 11.24 6.56
CA GLU B 115 -28.39 12.38 6.17
C GLU B 115 -27.70 12.93 7.41
N ILE B 116 -26.37 12.92 7.39
CA ILE B 116 -25.59 13.37 8.52
C ILE B 116 -25.77 14.86 8.81
N ASN B 117 -25.80 15.19 10.11
CA ASN B 117 -25.91 16.57 10.56
C ASN B 117 -25.23 16.70 11.92
N GLY B 118 -25.10 17.94 12.38
CA GLY B 118 -24.45 18.23 13.64
C GLY B 118 -24.73 17.32 14.81
N SER B 119 -25.97 16.88 14.96
CA SER B 119 -26.31 16.00 16.08
C SER B 119 -25.57 14.68 16.00
N HIS B 120 -25.35 14.19 14.78
CA HIS B 120 -24.64 12.93 14.59
C HIS B 120 -23.18 13.13 15.00
N ILE B 121 -22.66 14.31 14.68
CA ILE B 121 -21.27 14.66 14.99
C ILE B 121 -21.11 14.76 16.51
N GLU B 122 -22.02 15.51 17.13
CA GLU B 122 -21.99 15.66 18.57
C GLU B 122 -22.06 14.28 19.21
N LYS B 123 -22.98 13.46 18.72
CA LYS B 123 -23.17 12.13 19.26
C LYS B 123 -21.97 11.21 19.13
N VAL B 124 -21.27 11.28 18.01
CA VAL B 124 -20.13 10.40 17.83
C VAL B 124 -18.94 10.88 18.66
N LEU B 125 -18.89 12.18 18.92
CA LEU B 125 -17.80 12.73 19.73
C LEU B 125 -18.07 12.47 21.22
N GLU B 126 -19.31 12.67 21.65
CA GLU B 126 -19.67 12.44 23.05
C GLU B 126 -19.18 11.07 23.49
N GLY B 127 -19.34 10.10 22.61
CA GLY B 127 -18.92 8.74 22.92
C GLY B 127 -17.45 8.60 23.25
N ILE B 128 -16.59 9.41 22.63
CA ILE B 128 -15.16 9.31 22.89
C ILE B 128 -14.82 9.77 24.30
N ARG B 129 -15.59 10.73 24.82
CA ARG B 129 -15.37 11.23 26.16
C ARG B 129 -15.61 10.13 27.20
N GLU B 130 -15.74 8.89 26.74
CA GLU B 130 -15.96 7.77 27.64
C GLU B 130 -15.16 6.54 27.24
N GLN B 135 -8.54 6.94 35.77
CA GLN B 135 -9.73 7.43 36.46
C GLN B 135 -9.44 8.72 37.22
N GLU B 136 -8.17 9.11 37.26
CA GLU B 136 -7.76 10.33 37.97
C GLU B 136 -7.89 11.54 37.04
N THR B 137 -7.96 11.28 35.75
CA THR B 137 -8.08 12.34 34.75
C THR B 137 -9.48 12.45 34.18
N GLU B 138 -9.83 13.62 33.64
CA GLU B 138 -11.15 13.83 33.06
C GLU B 138 -11.02 14.47 31.68
N VAL B 139 -11.57 13.82 30.66
CA VAL B 139 -11.52 14.33 29.30
C VAL B 139 -12.25 15.66 29.23
N ILE B 140 -11.52 16.72 28.88
CA ILE B 140 -12.12 18.04 28.79
C ILE B 140 -12.31 18.54 27.35
N ASN B 141 -11.66 17.89 26.39
CA ASN B 141 -11.78 18.29 24.98
C ASN B 141 -11.66 17.16 23.97
N VAL B 142 -12.43 17.29 22.89
CA VAL B 142 -12.43 16.29 21.82
C VAL B 142 -12.63 17.00 20.48
N PHE B 143 -11.56 17.10 19.71
CA PHE B 143 -11.62 17.73 18.40
C PHE B 143 -11.51 16.64 17.33
N PRO B 144 -12.34 16.73 16.28
CA PRO B 144 -12.31 15.73 15.22
C PRO B 144 -11.14 15.92 14.27
N ILE B 145 -10.40 14.85 14.01
CA ILE B 145 -9.28 14.90 13.09
C ILE B 145 -9.81 14.49 11.72
N ARG B 146 -10.59 13.41 11.72
CA ARG B 146 -11.16 12.88 10.49
C ARG B 146 -12.53 12.27 10.73
N PHE B 147 -13.20 11.93 9.65
CA PHE B 147 -14.51 11.31 9.68
C PHE B 147 -14.53 10.27 8.59
N ILE B 148 -15.28 9.20 8.79
CA ILE B 148 -15.38 8.17 7.78
C ILE B 148 -16.82 7.73 7.69
N VAL B 149 -17.39 7.81 6.50
CA VAL B 149 -18.77 7.41 6.27
C VAL B 149 -18.81 6.04 5.61
N ASP B 150 -19.47 5.09 6.26
CA ASP B 150 -19.60 3.73 5.76
C ASP B 150 -18.26 3.13 5.33
N LYS B 151 -17.26 3.25 6.21
CA LYS B 151 -15.92 2.71 5.96
C LYS B 151 -15.49 2.72 4.51
N GLU B 152 -15.61 3.85 3.82
CA GLU B 152 -15.23 3.87 2.42
C GLU B 152 -14.86 5.26 1.94
N ASN B 153 -15.29 6.26 2.70
CA ASN B 153 -15.05 7.64 2.34
C ASN B 153 -14.70 8.48 3.56
N GLU B 154 -13.41 8.77 3.73
CA GLU B 154 -13.00 9.60 4.84
C GLU B 154 -13.22 11.03 4.35
N VAL B 155 -13.86 11.84 5.19
CA VAL B 155 -14.15 13.22 4.82
C VAL B 155 -13.72 14.19 5.91
N SER B 156 -13.60 15.47 5.54
CA SER B 156 -13.23 16.49 6.50
C SER B 156 -14.46 16.84 7.33
N ASP B 157 -15.62 16.91 6.65
CA ASP B 157 -16.90 17.21 7.29
C ASP B 157 -17.96 16.31 6.66
N PRO B 158 -18.65 15.49 7.46
CA PRO B 158 -19.68 14.58 6.97
C PRO B 158 -21.07 15.15 6.75
N LYS B 159 -21.27 16.43 7.07
CA LYS B 159 -22.61 17.03 6.92
C LYS B 159 -23.19 17.01 5.52
N GLU B 160 -24.45 16.59 5.45
CA GLU B 160 -25.26 16.49 4.23
C GLU B 160 -24.97 15.27 3.39
N LEU B 161 -24.01 14.47 3.85
CA LEU B 161 -23.65 13.25 3.16
C LEU B 161 -24.59 12.18 3.71
N ILE B 162 -25.06 11.29 2.85
CA ILE B 162 -25.95 10.21 3.26
C ILE B 162 -25.15 9.04 3.81
N ALA B 163 -25.41 8.68 5.06
CA ALA B 163 -24.72 7.55 5.68
C ALA B 163 -25.69 6.37 5.70
N ARG B 164 -25.22 5.22 5.23
CA ARG B 164 -26.07 4.04 5.19
C ARG B 164 -25.83 3.07 6.32
N HIS B 165 -24.61 3.05 6.84
CA HIS B 165 -24.29 2.10 7.91
C HIS B 165 -23.60 2.72 9.12
N SER B 166 -22.68 3.64 8.88
CA SER B 166 -21.94 4.20 10.00
C SER B 166 -21.22 5.52 9.76
N LEU B 167 -20.89 6.16 10.88
CA LEU B 167 -20.15 7.41 10.91
C LEU B 167 -19.11 7.24 12.01
N LYS B 168 -17.85 7.19 11.61
CA LYS B 168 -16.75 7.02 12.55
C LYS B 168 -15.97 8.33 12.60
N VAL B 169 -15.35 8.62 13.74
CA VAL B 169 -14.57 9.83 13.88
C VAL B 169 -13.20 9.52 14.49
N GLU B 170 -12.15 9.85 13.76
CA GLU B 170 -10.79 9.65 14.25
C GLU B 170 -10.48 11.02 14.81
N ALA B 171 -10.51 11.15 16.14
CA ALA B 171 -10.27 12.43 16.78
C ALA B 171 -9.00 12.53 17.59
N GLY B 172 -8.89 13.64 18.32
CA GLY B 172 -7.77 13.92 19.20
C GLY B 172 -8.41 14.34 20.50
N VAL B 173 -7.87 13.90 21.63
CA VAL B 173 -8.46 14.25 22.91
C VAL B 173 -7.50 14.87 23.93
N ILE B 174 -8.03 15.82 24.71
CA ILE B 174 -7.25 16.50 25.74
C ILE B 174 -7.81 16.18 27.11
N ALA B 175 -6.99 15.55 27.94
CA ALA B 175 -7.40 15.18 29.28
C ALA B 175 -6.53 15.87 30.35
N ILE B 176 -7.10 16.13 31.51
CA ILE B 176 -6.37 16.77 32.59
C ILE B 176 -6.78 16.15 33.93
N GLN B 177 -5.87 16.21 34.92
CA GLN B 177 -6.16 15.67 36.24
C GLN B 177 -7.37 16.35 36.89
N LYS B 178 -8.33 15.55 37.32
CA LYS B 178 -9.54 16.07 37.95
C LYS B 178 -9.21 16.97 39.13
N SER B 179 -7.98 16.84 39.64
CA SER B 179 -7.52 17.65 40.76
C SER B 179 -7.36 19.10 40.34
N ILE B 180 -7.47 19.36 39.05
CA ILE B 180 -7.34 20.71 38.52
C ILE B 180 -8.65 21.13 37.86
N LEU B 181 -9.20 20.25 37.03
CA LEU B 181 -10.45 20.51 36.33
C LEU B 181 -11.58 20.82 37.30
N ILE B 182 -11.72 19.99 38.32
CA ILE B 182 -12.78 20.16 39.31
C ILE B 182 -12.52 21.35 40.22
N ASN B 183 -11.27 21.54 40.62
CA ASN B 183 -10.90 22.66 41.50
C ASN B 183 -11.22 24.01 40.88
N MET B 184 -10.55 24.32 39.78
CA MET B 184 -10.75 25.59 39.09
C MET B 184 -12.16 25.80 38.58
N ILE B 185 -12.85 24.71 38.22
CA ILE B 185 -14.23 24.84 37.76
C ILE B 185 -15.06 25.29 38.96
N LYS B 186 -14.71 24.76 40.13
CA LYS B 186 -15.39 25.10 41.37
C LYS B 186 -15.20 26.58 41.70
N CYS B 187 -13.94 27.00 41.73
CA CYS B 187 -13.61 28.39 42.04
C CYS B 187 -14.28 29.37 41.09
N VAL B 188 -14.34 29.01 39.81
CA VAL B 188 -14.98 29.88 38.83
C VAL B 188 -16.46 29.95 39.15
N GLU B 189 -17.05 28.78 39.40
CA GLU B 189 -18.46 28.70 39.73
C GLU B 189 -18.73 29.13 41.17
N ALA B 190 -17.67 29.54 41.87
CA ALA B 190 -17.80 29.98 43.25
C ALA B 190 -18.28 31.43 43.28
N CYS B 191 -17.99 32.18 42.22
CA CYS B 191 -18.42 33.57 42.13
C CYS B 191 -19.77 33.60 41.44
N GLY B 192 -20.46 32.47 41.48
CA GLY B 192 -21.77 32.37 40.88
C GLY B 192 -21.80 32.58 39.38
N VAL B 193 -21.13 31.69 38.65
CA VAL B 193 -21.12 31.79 37.20
C VAL B 193 -21.06 30.39 36.61
N ASP B 194 -21.71 30.21 35.46
CA ASP B 194 -21.73 28.91 34.79
C ASP B 194 -20.67 28.75 33.70
N VAL B 195 -19.86 27.70 33.83
CA VAL B 195 -18.83 27.42 32.86
C VAL B 195 -19.44 26.56 31.74
N LEU B 196 -19.98 27.24 30.73
CA LEU B 196 -20.60 26.57 29.59
C LEU B 196 -19.75 25.41 29.10
N ASP B 197 -18.43 25.57 29.18
CA ASP B 197 -17.49 24.55 28.77
C ASP B 197 -16.07 25.01 29.06
N VAL B 198 -15.14 24.06 29.13
CA VAL B 198 -13.75 24.37 29.39
C VAL B 198 -12.90 24.03 28.17
N TYR B 199 -11.84 24.80 27.94
CA TYR B 199 -10.95 24.57 26.79
C TYR B 199 -9.48 24.68 27.14
N SER B 200 -8.75 23.59 26.91
CA SER B 200 -7.32 23.57 27.20
C SER B 200 -6.56 24.48 26.24
N ASP B 201 -5.50 25.11 26.74
CA ASP B 201 -4.68 25.99 25.92
C ASP B 201 -4.12 25.21 24.73
N ALA B 202 -3.82 23.94 24.95
CA ALA B 202 -3.28 23.08 23.90
C ALA B 202 -4.21 23.03 22.70
N TYR B 203 -5.48 23.39 22.91
CA TYR B 203 -6.44 23.40 21.81
C TYR B 203 -6.65 24.85 21.37
N ASN B 204 -6.66 25.73 22.35
CA ASN B 204 -6.86 27.15 22.12
C ASN B 204 -5.87 27.77 21.13
N TYR B 205 -4.58 27.70 21.46
CA TYR B 205 -3.54 28.30 20.63
C TYR B 205 -3.61 28.00 19.14
N GLY B 206 -4.24 26.88 18.78
CA GLY B 206 -4.36 26.57 17.37
C GLY B 206 -5.09 27.68 16.65
N SER B 207 -5.70 28.58 17.41
CA SER B 207 -6.45 29.70 16.85
C SER B 207 -5.65 30.95 16.53
N ILE B 208 -4.44 31.08 17.09
CA ILE B 208 -3.61 32.25 16.82
C ILE B 208 -2.69 32.02 15.63
N LEU B 209 -2.69 30.79 15.11
CA LEU B 209 -1.86 30.43 13.97
C LEU B 209 -2.51 30.84 12.66
N THR B 210 -1.87 30.45 11.56
CA THR B 210 -2.37 30.72 10.22
C THR B 210 -2.60 29.33 9.60
N ALA B 211 -3.42 29.27 8.56
CA ALA B 211 -3.70 27.99 7.91
C ALA B 211 -2.39 27.33 7.50
N THR B 212 -1.49 28.14 6.94
CA THR B 212 -0.18 27.66 6.51
C THR B 212 0.52 27.00 7.68
N GLU B 213 0.68 27.77 8.76
CA GLU B 213 1.34 27.30 9.97
C GLU B 213 0.69 26.04 10.53
N LYS B 214 -0.63 26.06 10.65
CA LYS B 214 -1.37 24.91 11.18
C LYS B 214 -1.12 23.66 10.34
N GLU B 215 -1.00 23.83 9.03
CA GLU B 215 -0.77 22.70 8.14
C GLU B 215 0.70 22.30 8.04
N LEU B 216 1.59 23.28 8.03
CA LEU B 216 3.03 23.03 7.94
C LEU B 216 3.64 22.56 9.26
N GLY B 217 2.99 22.90 10.36
CA GLY B 217 3.49 22.50 11.66
C GLY B 217 4.19 23.63 12.43
N ALA B 218 3.39 24.46 13.10
CA ALA B 218 3.91 25.58 13.87
C ALA B 218 3.99 25.20 15.35
N CYS B 219 4.97 25.75 16.06
CA CYS B 219 5.13 25.49 17.48
C CYS B 219 4.91 26.76 18.28
N VAL B 220 3.75 26.85 18.94
CA VAL B 220 3.42 28.03 19.74
C VAL B 220 4.13 27.96 21.09
N ILE B 221 4.69 29.09 21.52
CA ILE B 221 5.40 29.16 22.79
C ILE B 221 4.89 30.36 23.59
N ASP B 222 4.25 30.07 24.72
CA ASP B 222 3.72 31.11 25.60
C ASP B 222 4.54 31.17 26.88
N ILE B 223 5.26 32.28 27.05
CA ILE B 223 6.08 32.46 28.24
C ILE B 223 5.30 33.38 29.18
N GLY B 224 4.81 32.84 30.28
CA GLY B 224 4.06 33.62 31.23
C GLY B 224 4.92 34.06 32.39
N GLU B 225 4.38 34.00 33.61
CA GLU B 225 5.14 34.39 34.77
C GLU B 225 5.85 33.15 35.31
N ASP B 226 5.09 32.09 35.57
CA ASP B 226 5.68 30.87 36.08
C ASP B 226 5.77 29.77 35.03
N VAL B 227 4.71 29.62 34.24
CA VAL B 227 4.66 28.57 33.23
C VAL B 227 4.88 29.01 31.78
N THR B 228 5.72 28.23 31.09
CA THR B 228 6.01 28.45 29.67
C THR B 228 5.37 27.25 28.95
N GLN B 229 4.34 27.51 28.16
CA GLN B 229 3.64 26.42 27.46
C GLN B 229 4.07 26.22 26.00
N VAL B 230 4.15 24.95 25.61
CA VAL B 230 4.54 24.59 24.25
C VAL B 230 3.47 23.68 23.64
N ALA B 231 2.95 24.09 22.49
CA ALA B 231 1.94 23.32 21.78
C ALA B 231 2.29 23.35 20.29
N PHE B 232 2.41 22.17 19.69
CA PHE B 232 2.74 22.05 18.28
C PHE B 232 1.52 21.63 17.47
N TYR B 233 1.20 22.39 16.43
CA TYR B 233 0.05 22.09 15.57
C TYR B 233 0.51 21.79 14.15
N GLU B 234 0.09 20.65 13.63
CA GLU B 234 0.45 20.25 12.29
C GLU B 234 -0.76 19.74 11.51
N ARG B 235 -0.77 19.98 10.20
CA ARG B 235 -1.86 19.57 9.33
C ARG B 235 -3.20 20.16 9.74
N GLY B 236 -3.15 21.33 10.36
CA GLY B 236 -4.38 22.00 10.78
C GLY B 236 -4.85 21.76 12.20
N GLU B 237 -4.40 20.69 12.84
CA GLU B 237 -4.87 20.40 14.19
C GLU B 237 -3.77 20.15 15.24
N LEU B 238 -4.12 20.37 16.50
CA LEU B 238 -3.21 20.17 17.61
C LEU B 238 -2.55 18.81 17.49
N VAL B 239 -1.24 18.77 17.66
CA VAL B 239 -0.51 17.50 17.58
C VAL B 239 -0.18 16.99 18.96
N ASP B 240 0.49 17.82 19.75
CA ASP B 240 0.88 17.43 21.10
C ASP B 240 1.36 18.66 21.86
N ALA B 241 1.20 18.67 23.17
CA ALA B 241 1.60 19.81 23.99
C ALA B 241 2.21 19.42 25.33
N ASP B 242 2.80 20.40 26.00
CA ASP B 242 3.45 20.19 27.29
C ASP B 242 3.82 21.58 27.83
N SER B 243 4.35 21.63 29.06
CA SER B 243 4.73 22.93 29.63
C SER B 243 6.00 22.81 30.45
N ILE B 244 6.66 23.95 30.65
CA ILE B 244 7.90 23.99 31.41
C ILE B 244 7.82 24.99 32.56
N GLU B 245 8.37 24.60 33.71
CA GLU B 245 8.38 25.48 34.87
C GLU B 245 9.57 26.43 34.76
N MET B 246 9.39 27.48 33.97
CA MET B 246 10.46 28.46 33.74
C MET B 246 9.88 29.55 32.84
N ALA B 247 9.61 30.72 33.41
CA ALA B 247 9.05 31.82 32.65
C ALA B 247 9.49 33.18 33.18
N GLY B 248 8.64 34.19 33.00
CA GLY B 248 8.96 35.54 33.45
C GLY B 248 9.46 35.68 34.88
N ARG B 249 8.70 35.15 35.83
CA ARG B 249 9.06 35.21 37.24
C ARG B 249 10.42 34.58 37.51
N ASP B 250 10.90 33.76 36.58
CA ASP B 250 12.21 33.13 36.74
C ASP B 250 13.26 34.10 36.26
N ILE B 251 12.87 35.02 35.39
CA ILE B 251 13.78 36.03 34.86
C ILE B 251 13.98 37.11 35.91
N THR B 252 12.88 37.57 36.50
CA THR B 252 12.91 38.60 37.53
C THR B 252 13.75 38.13 38.71
N ASP B 253 13.71 36.82 38.97
CA ASP B 253 14.46 36.23 40.07
C ASP B 253 15.94 36.10 39.73
N ASP B 254 16.31 36.50 38.51
CA ASP B 254 17.71 36.47 38.09
C ASP B 254 18.25 37.89 38.06
N ILE B 255 17.34 38.84 38.22
CA ILE B 255 17.68 40.25 38.24
C ILE B 255 17.87 40.68 39.69
N ALA B 256 16.91 40.30 40.54
CA ALA B 256 16.95 40.64 41.96
C ALA B 256 18.24 40.14 42.60
N GLN B 257 18.70 38.96 42.16
CA GLN B 257 19.92 38.37 42.70
C GLN B 257 21.12 38.75 41.84
N GLY B 258 20.88 39.15 40.60
CA GLY B 258 21.98 39.53 39.72
C GLY B 258 22.49 40.92 40.01
N LEU B 259 21.67 41.71 40.72
CA LEU B 259 22.00 43.09 41.07
C LEU B 259 21.66 43.35 42.53
N ASN B 260 21.71 42.29 43.35
CA ASN B 260 21.39 42.38 44.76
C ASN B 260 20.27 43.40 45.03
N THR B 261 19.14 43.20 44.38
CA THR B 261 18.00 44.08 44.54
C THR B 261 16.76 43.23 44.86
N SER B 262 15.67 43.88 45.27
CA SER B 262 14.47 43.13 45.62
C SER B 262 13.62 42.76 44.41
N TYR B 263 12.69 41.83 44.61
CA TYR B 263 11.80 41.38 43.54
C TYR B 263 10.94 42.53 43.02
N GLU B 264 10.56 43.44 43.91
CA GLU B 264 9.75 44.59 43.53
C GLU B 264 10.47 45.40 42.46
N THR B 265 11.69 45.83 42.78
CA THR B 265 12.49 46.61 41.86
C THR B 265 13.00 45.80 40.67
N ALA B 266 13.40 44.55 40.92
CA ALA B 266 13.89 43.67 39.85
C ALA B 266 12.81 43.50 38.80
N GLU B 267 11.56 43.49 39.26
CA GLU B 267 10.40 43.35 38.40
C GLU B 267 10.14 44.66 37.64
N LYS B 268 10.40 45.79 38.31
CA LYS B 268 10.21 47.09 37.69
C LYS B 268 11.21 47.28 36.54
N VAL B 269 12.46 46.89 36.78
CA VAL B 269 13.49 47.04 35.77
C VAL B 269 13.33 46.10 34.59
N LYS B 270 12.82 44.89 34.84
CA LYS B 270 12.64 43.92 33.76
C LYS B 270 11.69 44.46 32.70
N HIS B 271 10.68 45.21 33.14
CA HIS B 271 9.73 45.77 32.21
C HIS B 271 10.26 47.05 31.55
N GLN B 272 10.89 47.91 32.35
CA GLN B 272 11.42 49.18 31.89
C GLN B 272 12.73 49.21 31.11
N TYR B 273 13.63 48.27 31.39
CA TYR B 273 14.91 48.26 30.69
C TYR B 273 15.31 46.86 30.25
N GLY B 274 14.35 45.94 30.26
CA GLY B 274 14.62 44.57 29.87
C GLY B 274 14.92 44.34 28.40
N HIS B 275 15.88 43.46 28.14
CA HIS B 275 16.27 43.10 26.79
C HIS B 275 16.80 41.66 26.82
N ALA B 276 16.35 40.84 25.89
CA ALA B 276 16.74 39.43 25.85
C ALA B 276 17.94 39.12 24.95
N PHE B 277 18.44 40.11 24.24
CA PHE B 277 19.58 39.89 23.35
C PHE B 277 20.73 40.84 23.71
N TYR B 278 21.60 40.39 24.61
CA TYR B 278 22.74 41.16 25.09
C TYR B 278 23.25 42.18 24.08
N ASP B 279 23.44 41.74 22.84
CA ASP B 279 23.91 42.61 21.77
C ASP B 279 22.86 43.67 21.43
N THR B 301 23.64 49.01 33.77
CA THR B 301 23.36 49.45 32.40
C THR B 301 22.27 48.59 31.75
N GLN B 302 22.22 48.62 30.43
CA GLN B 302 21.26 47.85 29.66
C GLN B 302 21.80 46.45 29.43
N LYS B 303 23.02 46.38 28.89
CA LYS B 303 23.67 45.11 28.61
C LYS B 303 23.87 44.31 29.89
N ASP B 304 24.28 45.00 30.96
CA ASP B 304 24.49 44.34 32.23
C ASP B 304 23.17 43.71 32.66
N LEU B 305 22.06 44.28 32.20
CA LEU B 305 20.73 43.78 32.53
C LEU B 305 20.34 42.68 31.55
N SER B 306 20.78 42.81 30.30
CA SER B 306 20.47 41.83 29.27
C SER B 306 21.23 40.53 29.50
N ASP B 307 22.51 40.66 29.86
CA ASP B 307 23.35 39.49 30.13
C ASP B 307 22.59 38.49 31.00
N PHE B 308 21.78 39.01 31.92
CA PHE B 308 21.00 38.14 32.80
C PHE B 308 19.76 37.60 32.10
N ILE B 309 19.01 38.49 31.46
CA ILE B 309 17.79 38.11 30.77
C ILE B 309 18.00 37.16 29.59
N GLU B 310 19.03 37.42 28.78
CA GLU B 310 19.30 36.55 27.64
C GLU B 310 19.71 35.17 28.12
N ALA B 311 20.39 35.10 29.25
CA ALA B 311 20.82 33.84 29.82
C ALA B 311 19.63 32.96 30.10
N ARG B 312 18.65 33.52 30.82
CA ARG B 312 17.44 32.80 31.20
C ARG B 312 16.56 32.46 29.99
N VAL B 313 16.25 33.47 29.17
CA VAL B 313 15.42 33.27 28.00
C VAL B 313 16.00 32.22 27.05
N GLU B 314 17.29 32.35 26.75
CA GLU B 314 17.94 31.39 25.87
C GLU B 314 17.79 30.01 26.47
N GLU B 315 17.80 29.94 27.79
CA GLU B 315 17.65 28.67 28.49
C GLU B 315 16.25 28.12 28.26
N ILE B 316 15.24 28.96 28.50
CA ILE B 316 13.86 28.53 28.31
C ILE B 316 13.66 27.91 26.93
N PHE B 317 14.19 28.55 25.89
CA PHE B 317 14.06 28.02 24.55
C PHE B 317 14.70 26.65 24.43
N PHE B 318 15.88 26.50 25.01
CA PHE B 318 16.57 25.21 24.97
C PHE B 318 15.70 24.14 25.64
N GLU B 319 15.08 24.51 26.75
CA GLU B 319 14.20 23.58 27.47
C GLU B 319 13.04 23.22 26.55
N VAL B 320 12.69 24.13 25.64
CA VAL B 320 11.60 23.89 24.72
C VAL B 320 12.05 22.88 23.68
N PHE B 321 13.18 23.14 23.03
CA PHE B 321 13.69 22.22 22.03
C PHE B 321 13.79 20.83 22.64
N ASP B 322 14.12 20.79 23.92
CA ASP B 322 14.21 19.51 24.62
C ASP B 322 12.83 18.87 24.55
N VAL B 323 11.81 19.65 24.86
CA VAL B 323 10.43 19.17 24.83
C VAL B 323 10.05 18.63 23.46
N LEU B 324 10.38 19.36 22.40
CA LEU B 324 10.07 18.91 21.05
C LEU B 324 10.82 17.61 20.75
N GLN B 325 11.81 17.29 21.58
CA GLN B 325 12.57 16.06 21.41
C GLN B 325 11.88 14.95 22.20
N ASP B 326 11.07 15.34 23.18
CA ASP B 326 10.34 14.37 23.97
C ASP B 326 8.95 14.14 23.36
N LEU B 327 8.77 14.64 22.13
CA LEU B 327 7.51 14.52 21.42
C LEU B 327 7.73 14.08 19.98
N GLY B 328 8.97 14.13 19.53
CA GLY B 328 9.28 13.73 18.16
C GLY B 328 8.94 14.82 17.15
N LEU B 329 8.57 15.99 17.64
CA LEU B 329 8.22 17.12 16.78
C LEU B 329 9.45 18.00 16.56
N THR B 330 10.28 17.64 15.58
CA THR B 330 11.49 18.41 15.31
C THR B 330 11.45 19.13 13.97
N LYS B 331 10.31 19.07 13.29
CA LYS B 331 10.15 19.72 12.01
C LYS B 331 9.07 20.79 12.12
N VAL B 332 9.49 21.98 12.54
CA VAL B 332 8.58 23.11 12.73
C VAL B 332 8.50 24.00 11.49
N ASN B 333 8.43 23.38 10.32
CA ASN B 333 8.36 24.13 9.07
C ASN B 333 7.33 25.26 9.10
N GLY B 334 6.40 25.20 10.04
CA GLY B 334 5.38 26.24 10.14
C GLY B 334 5.93 27.47 10.84
N GLY B 335 7.08 27.29 11.50
CA GLY B 335 7.71 28.39 12.21
C GLY B 335 7.51 28.33 13.71
N PHE B 336 7.91 29.40 14.39
CA PHE B 336 7.78 29.51 15.83
C PHE B 336 7.00 30.76 16.14
N ILE B 337 5.99 30.63 16.99
CA ILE B 337 5.15 31.75 17.37
C ILE B 337 5.24 31.91 18.89
N VAL B 338 5.86 33.01 19.32
CA VAL B 338 6.02 33.29 20.73
C VAL B 338 4.99 34.31 21.18
N THR B 339 4.37 34.04 22.33
CA THR B 339 3.38 34.95 22.88
C THR B 339 3.37 34.86 24.40
N GLY B 340 2.48 35.61 25.04
CA GLY B 340 2.42 35.61 26.49
C GLY B 340 3.14 36.82 27.05
N GLY B 341 2.88 37.16 28.30
CA GLY B 341 3.52 38.32 28.91
C GLY B 341 5.01 38.50 28.71
N SER B 342 5.80 37.45 28.87
CA SER B 342 7.24 37.59 28.70
C SER B 342 7.62 37.91 27.26
N ALA B 343 6.64 37.84 26.35
CA ALA B 343 6.88 38.13 24.94
C ALA B 343 6.96 39.64 24.70
N ASN B 344 6.71 40.43 25.74
CA ASN B 344 6.78 41.88 25.63
C ASN B 344 8.24 42.29 25.81
N LEU B 345 9.06 41.31 26.22
CA LEU B 345 10.48 41.52 26.44
C LEU B 345 11.21 41.72 25.11
N LEU B 346 11.94 42.82 25.00
CA LEU B 346 12.69 43.16 23.79
C LEU B 346 13.85 42.20 23.52
N GLY B 347 13.98 41.78 22.26
CA GLY B 347 15.06 40.88 21.88
C GLY B 347 14.72 39.40 21.78
N VAL B 348 13.53 39.01 22.26
CA VAL B 348 13.13 37.62 22.20
C VAL B 348 13.14 37.16 20.75
N LYS B 349 12.49 37.94 19.88
CA LYS B 349 12.42 37.63 18.46
C LYS B 349 13.82 37.34 17.93
N GLU B 350 14.72 38.30 18.10
CA GLU B 350 16.11 38.19 17.64
C GLU B 350 16.88 37.00 18.23
N LEU B 351 16.63 36.71 19.50
CA LEU B 351 17.32 35.60 20.16
C LEU B 351 16.94 34.23 19.57
N LEU B 352 15.65 34.04 19.32
CA LEU B 352 15.17 32.78 18.78
C LEU B 352 15.55 32.55 17.32
N SER B 353 15.54 33.61 16.52
CA SER B 353 15.88 33.48 15.09
C SER B 353 17.35 33.13 14.92
N ASP B 354 18.13 33.41 15.94
CA ASP B 354 19.55 33.13 15.93
C ASP B 354 19.77 31.64 16.16
N MET B 355 18.97 31.07 17.06
CA MET B 355 19.07 29.66 17.41
C MET B 355 18.38 28.72 16.44
N VAL B 356 17.26 29.16 15.88
CA VAL B 356 16.50 28.31 14.98
C VAL B 356 16.56 28.71 13.52
N SER B 357 16.52 27.71 12.65
CA SER B 357 16.57 27.93 11.21
C SER B 357 15.25 28.48 10.69
N GLU B 358 14.15 27.90 11.13
CA GLU B 358 12.82 28.32 10.69
C GLU B 358 12.36 29.69 11.16
N LYS B 359 11.15 30.06 10.75
CA LYS B 359 10.55 31.36 11.06
C LYS B 359 10.25 31.60 12.54
N VAL B 360 10.12 32.88 12.90
CA VAL B 360 9.84 33.31 14.28
C VAL B 360 9.05 34.62 14.29
N ARG B 361 8.07 34.71 15.18
CA ARG B 361 7.25 35.92 15.31
C ARG B 361 6.63 35.99 16.72
N ILE B 362 6.29 37.20 17.15
CA ILE B 362 5.68 37.41 18.45
C ILE B 362 4.20 37.69 18.24
N HIS B 363 3.37 36.67 18.43
CA HIS B 363 1.93 36.83 18.22
C HIS B 363 1.28 37.78 19.22
N THR B 364 0.33 38.57 18.73
CA THR B 364 -0.40 39.51 19.56
C THR B 364 -1.79 39.74 18.97
N PRO B 365 -2.84 39.44 19.76
CA PRO B 365 -4.23 39.62 19.30
C PRO B 365 -4.48 40.98 18.70
N SER B 366 -5.35 41.03 17.69
CA SER B 366 -5.69 42.26 17.00
C SER B 366 -6.92 42.93 17.58
N ILE B 370 -6.73 45.28 23.90
CA ILE B 370 -6.82 43.83 23.86
C ILE B 370 -5.60 43.21 23.18
N ARG B 371 -4.79 44.05 22.54
CA ARG B 371 -3.60 43.58 21.83
C ARG B 371 -2.35 43.54 22.70
N LYS B 372 -2.24 42.47 23.48
CA LYS B 372 -1.11 42.25 24.36
C LYS B 372 -0.83 40.75 24.41
N PRO B 373 0.45 40.36 24.37
CA PRO B 373 0.86 38.95 24.40
C PRO B 373 0.08 38.10 25.41
N GLU B 374 -0.29 38.74 26.53
CA GLU B 374 -1.02 38.07 27.60
C GLU B 374 -2.44 37.60 27.24
N PHE B 375 -3.18 38.40 26.48
CA PHE B 375 -4.55 38.05 26.11
C PHE B 375 -4.67 36.94 25.06
N SER B 376 -3.56 36.37 24.63
CA SER B 376 -3.59 35.30 23.63
C SER B 376 -4.50 34.13 24.00
N SER B 377 -4.45 33.71 25.26
CA SER B 377 -5.27 32.60 25.72
C SER B 377 -6.76 32.96 25.71
N ALA B 378 -7.12 33.98 26.49
CA ALA B 378 -8.51 34.41 26.60
C ALA B 378 -9.20 34.60 25.24
N ILE B 379 -8.42 34.91 24.21
CA ILE B 379 -9.02 35.12 22.89
C ILE B 379 -9.19 33.85 22.07
N SER B 380 -8.24 32.93 22.18
CA SER B 380 -8.34 31.69 21.43
C SER B 380 -9.33 30.75 22.12
N THR B 381 -9.77 31.13 23.32
CA THR B 381 -10.74 30.35 24.07
C THR B 381 -12.09 30.62 23.41
N ILE B 382 -12.38 31.91 23.23
CA ILE B 382 -13.61 32.32 22.58
C ILE B 382 -13.57 31.78 21.15
N SER B 383 -12.36 31.68 20.61
CA SER B 383 -12.17 31.19 19.26
C SER B 383 -12.45 29.70 19.15
N SER B 384 -12.07 28.96 20.19
CA SER B 384 -12.28 27.51 20.22
C SER B 384 -13.71 27.12 20.58
N SER B 385 -14.41 28.01 21.28
CA SER B 385 -15.80 27.73 21.67
C SER B 385 -16.71 27.91 20.47
N ILE B 386 -16.42 28.92 19.66
CA ILE B 386 -17.20 29.21 18.47
C ILE B 386 -17.01 28.15 17.40
N ALA B 387 -15.83 27.55 17.36
CA ALA B 387 -15.55 26.51 16.37
C ALA B 387 -16.50 25.35 16.58
N PHE B 388 -16.53 24.81 17.79
CA PHE B 388 -17.42 23.70 18.10
C PHE B 388 -18.88 24.08 17.85
N ASP B 389 -19.21 25.36 18.06
CA ASP B 389 -20.57 25.84 17.82
C ASP B 389 -20.91 25.58 16.37
N GLU B 390 -20.06 26.07 15.47
CA GLU B 390 -20.27 25.91 14.03
C GLU B 390 -19.89 24.52 13.54
N LEU B 391 -20.15 23.50 14.35
CA LEU B 391 -19.81 22.14 13.98
C LEU B 391 -20.94 21.21 14.41
N LEU B 392 -21.58 21.56 15.53
CA LEU B 392 -22.66 20.75 16.08
C LEU B 392 -24.05 21.36 15.85
N ASP B 393 -24.08 22.63 15.45
CA ASP B 393 -25.34 23.33 15.20
C ASP B 393 -25.86 23.11 13.79
N HIS C 20 26.86 12.97 11.75
CA HIS C 20 26.11 14.02 11.01
C HIS C 20 24.75 13.45 10.58
N TYR C 21 24.77 12.33 9.85
CA TYR C 21 23.54 11.68 9.43
C TYR C 21 23.44 10.25 9.95
N TYR C 22 22.23 9.86 10.30
CA TYR C 22 21.97 8.52 10.80
C TYR C 22 21.05 7.78 9.85
N VAL C 23 21.47 6.59 9.45
CA VAL C 23 20.69 5.79 8.54
C VAL C 23 20.55 4.37 9.06
N SER C 24 19.30 3.93 9.21
CA SER C 24 19.01 2.58 9.69
C SER C 24 18.24 1.85 8.62
N ILE C 25 18.44 0.54 8.57
CA ILE C 25 17.77 -0.32 7.61
C ILE C 25 17.08 -1.49 8.34
N ASP C 26 15.82 -1.73 8.02
CA ASP C 26 15.03 -2.81 8.61
C ASP C 26 14.62 -3.71 7.46
N ILE C 27 15.26 -4.87 7.37
CA ILE C 27 14.99 -5.84 6.31
C ILE C 27 13.80 -6.75 6.69
N GLY C 28 12.58 -6.26 6.46
CA GLY C 28 11.40 -7.01 6.82
C GLY C 28 10.87 -7.97 5.77
N SER C 29 10.10 -8.95 6.24
CA SER C 29 9.49 -9.97 5.40
C SER C 29 8.45 -9.36 4.46
N SER C 30 7.78 -8.31 4.92
CA SER C 30 6.78 -7.63 4.11
C SER C 30 7.48 -6.55 3.28
N SER C 31 8.23 -5.67 3.96
CA SER C 31 8.95 -4.62 3.25
C SER C 31 10.25 -4.22 3.93
N VAL C 32 11.14 -3.65 3.15
CA VAL C 32 12.40 -3.18 3.65
C VAL C 32 12.13 -1.72 3.94
N LYS C 33 12.54 -1.28 5.12
CA LYS C 33 12.32 0.10 5.51
C LYS C 33 13.65 0.72 5.90
N THR C 34 13.87 1.93 5.42
CA THR C 34 15.09 2.65 5.71
C THR C 34 14.74 4.07 6.13
N ILE C 35 15.43 4.58 7.15
CA ILE C 35 15.20 5.94 7.62
C ILE C 35 16.49 6.74 7.64
N VAL C 36 16.40 8.01 7.27
CA VAL C 36 17.57 8.89 7.29
C VAL C 36 17.29 10.02 8.28
N GLY C 37 18.14 10.15 9.29
CA GLY C 37 17.93 11.20 10.25
C GLY C 37 19.19 11.98 10.54
N GLU C 38 19.02 13.03 11.33
CA GLU C 38 20.13 13.87 11.75
C GLU C 38 19.88 14.20 13.22
N LYS C 39 20.95 14.28 14.02
CA LYS C 39 20.82 14.56 15.44
C LYS C 39 19.90 15.72 15.79
N PHE C 40 19.78 16.68 14.89
CA PHE C 40 18.92 17.84 15.10
C PHE C 40 17.63 17.46 15.83
N GLY C 43 18.28 13.77 19.61
CA GLY C 43 17.13 14.45 19.03
C GLY C 43 16.48 13.69 17.89
N ILE C 44 17.22 13.52 16.80
CA ILE C 44 16.75 12.83 15.62
C ILE C 44 15.61 13.53 14.90
N ASN C 45 15.94 14.09 13.75
CA ASN C 45 14.95 14.75 12.91
C ASN C 45 14.95 13.88 11.66
N VAL C 46 13.81 13.29 11.34
CA VAL C 46 13.70 12.43 10.16
C VAL C 46 13.65 13.26 8.88
N ILE C 47 14.69 13.16 8.08
CA ILE C 47 14.73 13.93 6.84
C ILE C 47 14.47 13.10 5.60
N GLY C 48 14.23 11.81 5.79
CA GLY C 48 13.95 10.95 4.65
C GLY C 48 13.67 9.50 4.98
N THR C 49 12.90 8.84 4.12
CA THR C 49 12.59 7.43 4.33
C THR C 49 12.47 6.76 2.98
N GLY C 50 12.62 5.46 3.01
CA GLY C 50 12.49 4.68 1.80
C GLY C 50 11.80 3.40 2.23
N GLN C 51 10.88 2.90 1.42
CA GLN C 51 10.20 1.66 1.75
C GLN C 51 9.92 0.86 0.49
N THR C 52 10.32 -0.40 0.48
CA THR C 52 10.06 -1.23 -0.68
C THR C 52 9.54 -2.60 -0.28
N TYR C 53 8.34 -2.92 -0.78
CA TYR C 53 7.71 -4.21 -0.52
C TYR C 53 8.44 -5.26 -1.32
N THR C 54 8.77 -6.38 -0.69
CA THR C 54 9.52 -7.42 -1.39
C THR C 54 9.10 -8.82 -0.96
N SER C 55 9.51 -9.81 -1.74
CA SER C 55 9.20 -11.20 -1.43
C SER C 55 10.50 -11.97 -1.26
N GLY C 56 11.61 -11.25 -1.25
CA GLY C 56 12.91 -11.87 -1.08
C GLY C 56 13.21 -12.27 0.34
N ILE C 57 12.36 -11.84 1.27
CA ILE C 57 12.53 -12.15 2.69
C ILE C 57 11.31 -12.90 3.22
N LYS C 58 11.55 -14.02 3.91
CA LYS C 58 10.50 -14.83 4.50
C LYS C 58 10.87 -15.15 5.94
N ASN C 59 9.89 -15.10 6.83
CA ASN C 59 10.13 -15.35 8.25
C ASN C 59 11.33 -14.57 8.79
N GLY C 60 11.52 -13.36 8.27
CA GLY C 60 12.62 -12.51 8.72
C GLY C 60 14.00 -12.84 8.22
N LEU C 61 14.12 -13.89 7.39
CA LEU C 61 15.42 -14.29 6.84
C LEU C 61 15.43 -14.20 5.31
N ILE C 62 16.62 -14.13 4.73
CA ILE C 62 16.73 -14.02 3.28
C ILE C 62 16.29 -15.29 2.56
N ASP C 63 15.39 -15.13 1.60
CA ASP C 63 14.84 -16.25 0.82
C ASP C 63 15.38 -16.21 -0.61
N ASP C 64 15.69 -15.00 -1.08
CA ASP C 64 16.25 -14.81 -2.41
C ASP C 64 17.16 -13.59 -2.26
N PHE C 65 18.45 -13.86 -2.07
CA PHE C 65 19.44 -12.81 -1.87
C PHE C 65 19.35 -11.70 -2.92
N ASP C 66 19.29 -12.08 -4.19
CA ASP C 66 19.23 -11.12 -5.26
C ASP C 66 17.99 -10.24 -5.22
N ILE C 67 16.83 -10.82 -4.91
CA ILE C 67 15.62 -10.02 -4.83
C ILE C 67 15.66 -9.18 -3.56
N ALA C 68 16.27 -9.73 -2.51
CA ALA C 68 16.41 -9.01 -1.24
C ALA C 68 17.34 -7.82 -1.46
N ARG C 69 18.45 -8.07 -2.15
CA ARG C 69 19.44 -7.05 -2.43
C ARG C 69 18.85 -5.91 -3.26
N GLN C 70 18.14 -6.25 -4.33
CA GLN C 70 17.55 -5.22 -5.16
C GLN C 70 16.57 -4.36 -4.38
N ALA C 71 15.84 -4.98 -3.45
CA ALA C 71 14.88 -4.24 -2.63
C ALA C 71 15.63 -3.27 -1.71
N ILE C 72 16.64 -3.78 -1.02
CA ILE C 72 17.43 -2.96 -0.11
C ILE C 72 17.99 -1.76 -0.88
N LYS C 73 18.61 -2.02 -2.04
CA LYS C 73 19.19 -0.94 -2.83
C LYS C 73 18.14 0.11 -3.23
N ASP C 74 16.99 -0.35 -3.72
CA ASP C 74 15.96 0.61 -4.11
C ASP C 74 15.52 1.45 -2.91
N THR C 75 15.46 0.81 -1.74
CA THR C 75 15.06 1.52 -0.53
C THR C 75 16.13 2.59 -0.21
N ILE C 76 17.39 2.22 -0.37
CA ILE C 76 18.48 3.17 -0.13
C ILE C 76 18.36 4.32 -1.11
N LYS C 77 18.01 3.99 -2.35
CA LYS C 77 17.84 4.97 -3.42
C LYS C 77 16.70 5.93 -3.06
N LYS C 78 15.54 5.38 -2.74
CA LYS C 78 14.38 6.19 -2.40
C LYS C 78 14.71 7.15 -1.27
N ALA C 79 15.43 6.66 -0.27
CA ALA C 79 15.79 7.47 0.89
C ALA C 79 16.85 8.56 0.63
N SER C 80 17.79 8.29 -0.29
CA SER C 80 18.84 9.28 -0.60
C SER C 80 18.21 10.50 -1.27
N ILE C 81 17.43 10.26 -2.32
CA ILE C 81 16.84 11.39 -3.01
C ILE C 81 15.79 12.07 -2.15
N ALA C 82 15.16 11.32 -1.26
CA ALA C 82 14.14 11.89 -0.38
C ALA C 82 14.80 12.82 0.64
N SER C 83 16.02 12.45 1.04
CA SER C 83 16.77 13.23 2.03
C SER C 83 17.85 14.11 1.42
N GLY C 84 18.22 13.85 0.17
CA GLY C 84 19.26 14.63 -0.45
C GLY C 84 20.63 14.23 0.10
N VAL C 85 20.66 13.13 0.84
CA VAL C 85 21.90 12.64 1.42
C VAL C 85 22.41 11.43 0.65
N ASP C 86 23.72 11.37 0.45
CA ASP C 86 24.33 10.25 -0.26
C ASP C 86 24.71 9.19 0.74
N ILE C 87 23.80 8.26 0.97
CA ILE C 87 23.98 7.17 1.93
C ILE C 87 25.16 6.25 1.60
N LYS C 88 26.13 6.19 2.50
CA LYS C 88 27.32 5.36 2.30
C LYS C 88 27.55 4.38 3.43
N GLU C 89 26.98 4.67 4.59
CA GLU C 89 27.13 3.80 5.76
C GLU C 89 25.83 3.78 6.57
N VAL C 90 25.51 2.63 7.12
CA VAL C 90 24.26 2.50 7.85
C VAL C 90 24.33 1.56 9.03
N PHE C 91 23.28 1.59 9.86
CA PHE C 91 23.14 0.72 11.02
C PHE C 91 22.05 -0.30 10.64
N LEU C 92 22.29 -1.56 10.92
CA LEU C 92 21.34 -2.59 10.55
C LEU C 92 20.71 -3.30 11.73
N LYS C 93 19.38 -3.32 11.78
CA LYS C 93 18.73 -4.03 12.86
C LYS C 93 18.75 -5.52 12.53
N LEU C 94 18.67 -6.35 13.56
CA LEU C 94 18.63 -7.79 13.38
C LEU C 94 17.41 -8.30 14.14
N PRO C 95 16.59 -9.12 13.48
CA PRO C 95 15.38 -9.66 14.12
C PRO C 95 15.76 -10.55 15.30
N ILE C 96 14.80 -10.83 16.18
CA ILE C 96 15.04 -11.69 17.32
C ILE C 96 14.80 -13.13 16.84
N ILE C 97 15.74 -13.62 16.05
CA ILE C 97 15.68 -14.96 15.47
C ILE C 97 17.04 -15.61 15.71
N GLY C 98 17.06 -16.83 16.22
CA GLY C 98 18.31 -17.51 16.50
C GLY C 98 19.14 -16.60 17.38
N THR C 99 18.45 -15.97 18.33
CA THR C 99 19.06 -15.03 19.25
C THR C 99 19.04 -15.48 20.71
N GLU C 100 20.10 -15.13 21.44
CA GLU C 100 20.20 -15.49 22.84
C GLU C 100 20.48 -14.25 23.69
N VAL C 101 19.87 -14.21 24.86
CA VAL C 101 20.06 -13.09 25.79
C VAL C 101 20.59 -13.72 27.08
N TYR C 102 21.76 -13.28 27.54
CA TYR C 102 22.34 -13.84 28.74
C TYR C 102 23.27 -12.85 29.45
N ASP C 103 23.46 -13.08 30.74
CA ASP C 103 24.31 -12.23 31.59
C ASP C 103 25.78 -12.58 31.47
N GLU C 104 26.63 -11.60 31.75
CA GLU C 104 28.07 -11.82 31.74
C GLU C 104 28.79 -10.59 32.25
N SER C 105 29.90 -10.81 32.92
CA SER C 105 30.68 -9.71 33.45
C SER C 105 32.13 -9.79 32.97
N ASN C 106 32.80 -8.65 32.94
CA ASN C 106 34.19 -8.57 32.51
C ASN C 106 34.86 -7.51 33.38
N GLU C 107 36.19 -7.59 33.51
CA GLU C 107 36.89 -6.62 34.34
C GLU C 107 38.24 -6.27 33.74
N ILE C 108 38.54 -4.97 33.65
CA ILE C 108 39.82 -4.52 33.12
C ILE C 108 40.62 -3.96 34.30
N ASP C 109 41.93 -4.00 34.18
CA ASP C 109 42.83 -3.55 35.23
C ASP C 109 43.58 -2.28 34.89
N PHE C 110 43.94 -1.52 35.92
CA PHE C 110 44.68 -0.27 35.72
C PHE C 110 45.95 -0.33 36.57
N TYR C 111 46.97 0.39 36.13
CA TYR C 111 48.23 0.43 36.86
C TYR C 111 48.55 1.84 37.30
N GLU C 112 47.50 2.66 37.40
CA GLU C 112 47.64 4.03 37.84
C GLU C 112 46.24 4.57 38.04
N ASP C 113 46.09 5.60 38.87
CA ASP C 113 44.77 6.16 39.09
C ASP C 113 44.22 6.55 37.73
N THR C 114 43.02 6.07 37.41
CA THR C 114 42.42 6.36 36.11
C THR C 114 41.05 7.04 36.20
N GLU C 115 40.88 8.17 35.53
CA GLU C 115 39.57 8.80 35.54
C GLU C 115 38.76 8.04 34.48
N ILE C 116 37.67 7.41 34.92
CA ILE C 116 36.86 6.61 34.01
C ILE C 116 36.06 7.44 33.02
N ASN C 117 36.16 7.10 31.75
CA ASN C 117 35.39 7.77 30.72
C ASN C 117 34.79 6.74 29.76
N GLY C 118 34.13 7.23 28.72
CA GLY C 118 33.51 6.34 27.75
C GLY C 118 34.45 5.32 27.15
N SER C 119 35.73 5.66 26.99
CA SER C 119 36.67 4.72 26.39
C SER C 119 36.92 3.51 27.30
N HIS C 120 36.86 3.68 28.61
CA HIS C 120 37.08 2.55 29.50
C HIS C 120 35.85 1.65 29.47
N ILE C 121 34.68 2.26 29.32
CA ILE C 121 33.44 1.48 29.25
C ILE C 121 33.48 0.62 27.99
N GLU C 122 33.88 1.23 26.86
CA GLU C 122 33.99 0.49 25.60
C GLU C 122 34.97 -0.66 25.77
N LYS C 123 36.09 -0.36 26.41
CA LYS C 123 37.13 -1.36 26.64
C LYS C 123 36.61 -2.58 27.41
N VAL C 124 35.95 -2.34 28.54
CA VAL C 124 35.47 -3.46 29.33
C VAL C 124 34.31 -4.20 28.65
N LEU C 125 33.52 -3.51 27.85
CA LEU C 125 32.42 -4.17 27.14
C LEU C 125 32.94 -5.06 26.04
N GLU C 126 33.91 -4.56 25.27
CA GLU C 126 34.47 -5.32 24.17
C GLU C 126 35.06 -6.64 24.62
N GLY C 127 35.54 -6.68 25.86
CA GLY C 127 36.11 -7.91 26.37
C GLY C 127 35.09 -9.04 26.33
N ILE C 128 33.83 -8.68 26.53
CA ILE C 128 32.75 -9.65 26.52
C ILE C 128 32.44 -10.17 25.13
N ARG C 129 32.53 -9.30 24.12
CA ARG C 129 32.22 -9.72 22.77
C ARG C 129 33.46 -10.18 22.00
N GLU C 130 34.24 -11.06 22.62
CA GLU C 130 35.44 -11.59 22.00
C GLU C 130 35.72 -13.04 22.41
N GLN C 135 30.62 -22.16 18.32
CA GLN C 135 31.02 -20.99 17.54
C GLN C 135 30.05 -20.76 16.39
N GLU C 136 28.81 -21.20 16.58
CA GLU C 136 27.79 -21.04 15.55
C GLU C 136 27.13 -19.67 15.69
N THR C 137 27.28 -19.07 16.87
CA THR C 137 26.69 -17.77 17.16
C THR C 137 27.73 -16.70 17.44
N GLU C 138 27.37 -15.44 17.23
CA GLU C 138 28.27 -14.34 17.50
C GLU C 138 27.62 -13.23 18.33
N VAL C 139 28.35 -12.75 19.34
CA VAL C 139 27.85 -11.68 20.21
C VAL C 139 27.66 -10.46 19.33
N ILE C 140 26.50 -9.80 19.44
CA ILE C 140 26.25 -8.60 18.62
C ILE C 140 26.00 -7.36 19.46
N ASN C 141 25.52 -7.55 20.68
CA ASN C 141 25.28 -6.41 21.55
C ASN C 141 25.63 -6.75 22.99
N VAL C 142 26.25 -5.79 23.67
CA VAL C 142 26.65 -5.93 25.06
C VAL C 142 26.29 -4.60 25.73
N PHE C 143 25.34 -4.61 26.66
CA PHE C 143 24.94 -3.38 27.33
C PHE C 143 25.19 -3.49 28.83
N PRO C 144 25.62 -2.39 29.46
CA PRO C 144 25.90 -2.39 30.89
C PRO C 144 24.67 -2.41 31.78
N ILE C 145 24.79 -3.14 32.88
CA ILE C 145 23.73 -3.25 33.87
C ILE C 145 24.21 -2.51 35.12
N ARG C 146 25.46 -2.79 35.51
CA ARG C 146 26.09 -2.16 36.66
C ARG C 146 27.59 -2.22 36.48
N PHE C 147 28.28 -1.34 37.20
CA PHE C 147 29.73 -1.27 37.15
C PHE C 147 30.26 -1.36 38.57
N ILE C 148 31.42 -1.96 38.70
CA ILE C 148 32.08 -2.08 40.00
C ILE C 148 33.48 -1.50 39.87
N VAL C 149 33.73 -0.41 40.58
CA VAL C 149 35.04 0.21 40.55
C VAL C 149 35.88 -0.34 41.69
N ASP C 150 37.10 -0.75 41.38
CA ASP C 150 38.00 -1.28 42.40
C ASP C 150 37.38 -2.32 43.32
N LYS C 151 36.70 -3.30 42.71
CA LYS C 151 36.07 -4.39 43.43
C LYS C 151 35.36 -3.96 44.70
N GLU C 152 34.56 -2.93 44.64
CA GLU C 152 33.88 -2.45 45.83
C GLU C 152 32.71 -1.54 45.55
N ASN C 153 33.00 -0.40 44.93
CA ASN C 153 31.99 0.58 44.63
C ASN C 153 31.11 0.20 43.43
N GLU C 154 29.91 -0.30 43.73
CA GLU C 154 28.97 -0.67 42.68
C GLU C 154 28.19 0.56 42.23
N VAL C 155 28.28 0.88 40.94
CA VAL C 155 27.60 2.06 40.40
C VAL C 155 27.00 1.78 39.02
N SER C 156 26.08 2.64 38.59
CA SER C 156 25.47 2.45 37.28
C SER C 156 26.12 3.32 36.20
N ASP C 157 26.73 4.43 36.61
CA ASP C 157 27.44 5.34 35.71
C ASP C 157 28.79 5.58 36.38
N PRO C 158 29.86 4.95 35.86
CA PRO C 158 31.21 5.09 36.44
C PRO C 158 32.05 6.28 35.96
N LYS C 159 31.53 7.03 35.00
CA LYS C 159 32.29 8.17 34.49
C LYS C 159 32.66 9.19 35.57
N GLU C 160 33.90 9.67 35.48
CA GLU C 160 34.47 10.66 36.37
C GLU C 160 35.07 10.11 37.65
N LEU C 161 34.71 8.88 38.01
CA LEU C 161 35.27 8.28 39.20
C LEU C 161 36.72 7.94 38.89
N ILE C 162 37.59 8.05 39.89
CA ILE C 162 39.00 7.72 39.70
C ILE C 162 39.24 6.32 40.19
N ALA C 163 39.45 5.39 39.26
CA ALA C 163 39.69 4.01 39.63
C ALA C 163 41.19 3.82 39.83
N ARG C 164 41.56 3.13 40.92
CA ARG C 164 42.97 2.88 41.21
C ARG C 164 43.43 1.50 40.74
N HIS C 165 42.50 0.54 40.69
CA HIS C 165 42.83 -0.83 40.32
C HIS C 165 42.04 -1.44 39.16
N SER C 166 40.71 -1.34 39.22
CA SER C 166 39.90 -1.97 38.18
C SER C 166 38.51 -1.42 37.93
N LEU C 167 37.92 -1.87 36.83
CA LEU C 167 36.58 -1.50 36.41
C LEU C 167 35.91 -2.77 35.90
N LYS C 168 34.92 -3.24 36.64
CA LYS C 168 34.20 -4.44 36.26
C LYS C 168 32.82 -4.03 35.80
N VAL C 169 32.29 -4.72 34.81
CA VAL C 169 30.97 -4.43 34.32
C VAL C 169 30.12 -5.67 34.42
N GLU C 170 28.85 -5.48 34.74
CA GLU C 170 27.90 -6.60 34.80
C GLU C 170 26.99 -6.21 33.66
N ALA C 171 27.03 -6.99 32.59
CA ALA C 171 26.25 -6.66 31.40
C ALA C 171 25.30 -7.73 30.91
N GLY C 172 24.42 -7.32 30.00
CA GLY C 172 23.51 -8.25 29.39
C GLY C 172 24.17 -8.47 28.03
N VAL C 173 23.98 -9.63 27.45
CA VAL C 173 24.57 -9.93 26.15
C VAL C 173 23.50 -10.47 25.23
N ILE C 174 23.67 -10.21 23.94
CA ILE C 174 22.75 -10.68 22.91
C ILE C 174 23.64 -11.27 21.83
N ALA C 175 23.45 -12.55 21.56
CA ALA C 175 24.24 -13.25 20.57
C ALA C 175 23.27 -13.81 19.55
N ILE C 176 23.71 -13.89 18.30
CA ILE C 176 22.87 -14.38 17.22
C ILE C 176 23.62 -15.37 16.35
N GLN C 177 22.87 -16.23 15.65
CA GLN C 177 23.44 -17.21 14.74
C GLN C 177 24.27 -16.53 13.65
N LYS C 178 25.48 -17.02 13.45
CA LYS C 178 26.39 -16.47 12.45
C LYS C 178 25.81 -16.32 11.05
N SER C 179 25.12 -17.35 10.58
CA SER C 179 24.56 -17.32 9.23
C SER C 179 23.59 -16.17 9.01
N ILE C 180 22.89 -15.74 10.06
CA ILE C 180 21.95 -14.62 9.93
C ILE C 180 22.74 -13.32 9.84
N LEU C 181 23.65 -13.14 10.78
CA LEU C 181 24.49 -11.95 10.83
C LEU C 181 25.29 -11.82 9.53
N ILE C 182 25.99 -12.89 9.17
CA ILE C 182 26.80 -12.91 7.95
C ILE C 182 26.03 -12.59 6.65
N ASN C 183 24.88 -13.23 6.44
CA ASN C 183 24.11 -13.01 5.21
C ASN C 183 23.41 -11.64 5.16
N MET C 184 22.84 -11.19 6.28
CA MET C 184 22.17 -9.90 6.30
C MET C 184 23.16 -8.78 5.97
N ILE C 185 24.30 -8.80 6.64
CA ILE C 185 25.33 -7.79 6.42
C ILE C 185 25.79 -7.81 4.96
N LYS C 186 26.07 -9.00 4.45
CA LYS C 186 26.52 -9.16 3.07
C LYS C 186 25.52 -8.60 2.05
N CYS C 187 24.24 -8.96 2.23
CA CYS C 187 23.20 -8.51 1.32
C CYS C 187 23.20 -6.98 1.28
N VAL C 188 23.21 -6.37 2.46
CA VAL C 188 23.22 -4.91 2.57
C VAL C 188 24.44 -4.24 1.94
N GLU C 189 25.63 -4.79 2.23
CA GLU C 189 26.84 -4.21 1.70
C GLU C 189 27.02 -4.50 0.21
N ALA C 190 26.12 -5.30 -0.34
CA ALA C 190 26.16 -5.60 -1.76
C ALA C 190 25.49 -4.44 -2.47
N CYS C 191 24.99 -3.49 -1.67
CA CYS C 191 24.32 -2.30 -2.19
C CYS C 191 25.23 -1.09 -2.25
N GLY C 192 26.49 -1.29 -1.88
CA GLY C 192 27.42 -0.18 -1.92
C GLY C 192 27.45 0.70 -0.69
N VAL C 193 27.08 0.16 0.46
CA VAL C 193 27.14 0.96 1.68
C VAL C 193 27.77 0.09 2.74
N ASP C 194 28.35 0.71 3.76
CA ASP C 194 28.98 -0.06 4.83
C ASP C 194 28.07 -0.13 6.07
N VAL C 195 28.00 -1.32 6.67
CA VAL C 195 27.22 -1.52 7.88
C VAL C 195 28.13 -1.16 9.06
N LEU C 196 27.90 0.00 9.66
CA LEU C 196 28.70 0.47 10.78
C LEU C 196 28.51 -0.38 12.01
N ASP C 197 27.26 -0.75 12.26
CA ASP C 197 26.93 -1.58 13.40
C ASP C 197 25.58 -2.26 13.28
N VAL C 198 25.44 -3.28 14.11
CA VAL C 198 24.24 -4.08 14.14
C VAL C 198 23.55 -3.94 15.50
N TYR C 199 22.22 -3.96 15.49
CA TYR C 199 21.43 -3.83 16.71
C TYR C 199 20.23 -4.77 16.73
N SER C 200 20.23 -5.71 17.66
CA SER C 200 19.10 -6.65 17.80
C SER C 200 17.84 -5.86 18.12
N ASP C 201 16.68 -6.31 17.63
CA ASP C 201 15.46 -5.59 17.96
C ASP C 201 15.23 -5.74 19.46
N ALA C 202 15.85 -6.76 20.05
CA ALA C 202 15.71 -7.02 21.48
C ALA C 202 16.23 -5.81 22.26
N TYR C 203 17.33 -5.24 21.77
CA TYR C 203 17.88 -4.06 22.43
C TYR C 203 17.12 -2.81 21.94
N ASN C 204 16.73 -2.80 20.66
CA ASN C 204 16.02 -1.66 20.07
C ASN C 204 14.73 -1.24 20.80
N TYR C 205 13.85 -2.20 21.11
CA TYR C 205 12.58 -1.86 21.75
C TYR C 205 12.75 -1.15 23.08
N GLY C 206 13.95 -1.22 23.65
CA GLY C 206 14.17 -0.52 24.90
C GLY C 206 13.87 0.96 24.68
N SER C 207 14.13 1.45 23.47
CA SER C 207 13.91 2.86 23.14
C SER C 207 12.48 3.30 22.89
N ILE C 208 11.55 2.38 22.63
CA ILE C 208 10.19 2.85 22.41
C ILE C 208 9.41 2.82 23.73
N LEU C 209 9.99 2.15 24.73
CA LEU C 209 9.36 2.08 26.04
C LEU C 209 9.77 3.32 26.79
N THR C 210 8.88 3.84 27.63
CA THR C 210 9.19 5.01 28.45
C THR C 210 9.93 4.46 29.67
N ALA C 211 10.62 5.34 30.40
CA ALA C 211 11.37 4.90 31.57
C ALA C 211 10.48 4.22 32.61
N THR C 212 9.26 4.73 32.78
CA THR C 212 8.32 4.16 33.73
C THR C 212 8.04 2.71 33.35
N GLU C 213 7.86 2.49 32.05
CA GLU C 213 7.57 1.16 31.55
C GLU C 213 8.74 0.20 31.73
N LYS C 214 9.96 0.69 31.54
CA LYS C 214 11.13 -0.17 31.70
C LYS C 214 11.41 -0.48 33.15
N GLU C 215 11.16 0.48 34.02
CA GLU C 215 11.40 0.28 35.45
C GLU C 215 10.45 -0.76 36.05
N LEU C 216 9.16 -0.54 35.87
CA LEU C 216 8.13 -1.42 36.42
C LEU C 216 8.07 -2.82 35.82
N GLY C 217 8.34 -2.92 34.52
CA GLY C 217 8.27 -4.19 33.84
C GLY C 217 7.28 -4.07 32.68
N ALA C 218 7.79 -3.86 31.47
CA ALA C 218 6.92 -3.72 30.32
C ALA C 218 7.29 -4.72 29.24
N CYS C 219 6.34 -4.98 28.35
CA CYS C 219 6.58 -5.92 27.27
C CYS C 219 6.19 -5.31 25.94
N VAL C 220 7.08 -5.47 24.96
CA VAL C 220 6.84 -4.97 23.61
C VAL C 220 6.51 -6.16 22.75
N ILE C 221 5.45 -6.03 21.96
CA ILE C 221 5.02 -7.07 21.03
C ILE C 221 4.93 -6.41 19.66
N ASP C 222 5.80 -6.79 18.74
CA ASP C 222 5.76 -6.22 17.41
C ASP C 222 5.24 -7.31 16.49
N ILE C 223 4.02 -7.12 16.01
CA ILE C 223 3.39 -8.08 15.12
C ILE C 223 3.63 -7.61 13.69
N GLY C 224 4.51 -8.31 12.99
CA GLY C 224 4.83 -7.94 11.63
C GLY C 224 4.05 -8.75 10.61
N GLU C 225 4.74 -9.30 9.62
CA GLU C 225 4.06 -10.09 8.61
C GLU C 225 4.23 -11.58 8.82
N ASP C 226 5.47 -12.03 8.96
CA ASP C 226 5.72 -13.44 9.19
C ASP C 226 6.20 -13.67 10.62
N VAL C 227 6.61 -12.59 11.29
CA VAL C 227 7.11 -12.74 12.65
C VAL C 227 6.54 -11.78 13.69
N THR C 228 6.34 -12.30 14.89
CA THR C 228 5.88 -11.48 16.00
C THR C 228 7.00 -11.58 17.03
N GLN C 229 7.57 -10.45 17.39
CA GLN C 229 8.67 -10.43 18.34
C GLN C 229 8.21 -9.93 19.69
N VAL C 230 8.85 -10.46 20.73
CA VAL C 230 8.52 -10.11 22.10
C VAL C 230 9.78 -9.78 22.88
N ALA C 231 9.71 -8.72 23.67
CA ALA C 231 10.84 -8.32 24.51
C ALA C 231 10.27 -7.82 25.81
N PHE C 232 10.93 -8.19 26.91
CA PHE C 232 10.48 -7.77 28.23
C PHE C 232 11.60 -6.99 28.93
N TYR C 233 11.24 -5.85 29.51
CA TYR C 233 12.21 -5.01 30.22
C TYR C 233 11.72 -4.78 31.63
N GLU C 234 12.67 -4.75 32.57
CA GLU C 234 12.35 -4.56 33.98
C GLU C 234 13.52 -3.83 34.62
N ARG C 235 13.22 -3.03 35.64
CA ARG C 235 14.24 -2.24 36.31
C ARG C 235 15.10 -1.52 35.27
N GLY C 236 14.43 -1.03 34.22
CA GLY C 236 15.10 -0.31 33.14
C GLY C 236 16.05 -1.08 32.24
N GLU C 237 15.95 -2.41 32.24
CA GLU C 237 16.85 -3.24 31.43
C GLU C 237 16.18 -4.41 30.72
N LEU C 238 16.75 -4.81 29.59
CA LEU C 238 16.23 -5.93 28.81
C LEU C 238 16.37 -7.14 29.71
N VAL C 239 15.35 -7.97 29.77
CA VAL C 239 15.40 -9.18 30.59
C VAL C 239 15.57 -10.38 29.67
N ASP C 240 14.77 -10.41 28.60
CA ASP C 240 14.85 -11.48 27.63
C ASP C 240 13.87 -11.20 26.51
N ALA C 241 13.95 -11.98 25.45
CA ALA C 241 13.07 -11.75 24.32
C ALA C 241 13.07 -12.96 23.43
N ASP C 242 12.12 -13.01 22.52
CA ASP C 242 11.99 -14.13 21.62
C ASP C 242 11.05 -13.71 20.49
N SER C 243 10.83 -14.61 19.53
CA SER C 243 9.93 -14.31 18.42
C SER C 243 9.07 -15.52 18.09
N ILE C 244 7.98 -15.24 17.39
CA ILE C 244 7.02 -16.27 17.02
C ILE C 244 6.71 -16.16 15.53
N GLU C 245 6.66 -17.30 14.84
CA GLU C 245 6.36 -17.33 13.43
C GLU C 245 4.85 -17.36 13.20
N MET C 246 4.20 -16.26 13.54
CA MET C 246 2.77 -16.09 13.38
C MET C 246 2.54 -14.59 13.46
N ALA C 247 1.95 -14.03 12.41
CA ALA C 247 1.68 -12.60 12.37
C ALA C 247 0.67 -12.23 11.28
N GLY C 248 0.83 -11.03 10.72
CA GLY C 248 -0.07 -10.54 9.70
C GLY C 248 -0.40 -11.48 8.56
N ARG C 249 0.59 -12.13 8.00
CA ARG C 249 0.37 -13.06 6.91
C ARG C 249 -0.58 -14.19 7.30
N ASP C 250 -0.48 -14.64 8.54
CA ASP C 250 -1.36 -15.71 9.02
C ASP C 250 -2.78 -15.18 9.18
N ILE C 251 -2.91 -13.89 9.47
CA ILE C 251 -4.23 -13.29 9.61
C ILE C 251 -4.84 -13.25 8.20
N THR C 252 -4.01 -12.99 7.19
CA THR C 252 -4.46 -12.93 5.80
C THR C 252 -4.80 -14.31 5.22
N ASP C 253 -4.00 -15.31 5.55
CA ASP C 253 -4.28 -16.66 5.07
C ASP C 253 -5.64 -17.08 5.61
N ASP C 254 -5.86 -16.80 6.88
CA ASP C 254 -7.11 -17.14 7.55
C ASP C 254 -8.31 -16.47 6.88
N ILE C 255 -8.15 -15.21 6.51
CA ILE C 255 -9.23 -14.48 5.87
C ILE C 255 -9.53 -15.06 4.50
N ALA C 256 -8.48 -15.44 3.76
CA ALA C 256 -8.64 -16.01 2.43
C ALA C 256 -9.40 -17.33 2.51
N GLN C 257 -8.97 -18.19 3.44
CA GLN C 257 -9.60 -19.49 3.66
C GLN C 257 -11.03 -19.27 4.16
N GLY C 258 -11.14 -18.53 5.25
CA GLY C 258 -12.44 -18.25 5.83
C GLY C 258 -13.51 -17.67 4.93
N LEU C 259 -13.13 -16.81 3.97
CA LEU C 259 -14.11 -16.21 3.08
C LEU C 259 -14.04 -16.80 1.66
N ASN C 260 -13.20 -17.83 1.49
CA ASN C 260 -13.04 -18.48 0.18
C ASN C 260 -12.65 -17.46 -0.89
N THR C 261 -11.69 -16.60 -0.56
CA THR C 261 -11.23 -15.58 -1.51
C THR C 261 -9.71 -15.67 -1.72
N SER C 262 -9.20 -14.92 -2.69
CA SER C 262 -7.78 -14.93 -2.97
C SER C 262 -7.00 -14.28 -1.83
N TYR C 263 -5.71 -14.56 -1.77
CA TYR C 263 -4.85 -13.97 -0.75
C TYR C 263 -4.85 -12.46 -0.89
N GLU C 264 -4.77 -12.01 -2.14
CA GLU C 264 -4.72 -10.59 -2.46
C GLU C 264 -5.94 -9.77 -2.03
N THR C 265 -7.15 -10.28 -2.22
CA THR C 265 -8.29 -9.48 -1.77
C THR C 265 -8.44 -9.67 -0.28
N ALA C 266 -7.99 -10.80 0.25
CA ALA C 266 -8.09 -10.99 1.70
C ALA C 266 -7.26 -9.92 2.42
N GLU C 267 -6.11 -9.59 1.83
CA GLU C 267 -5.20 -8.59 2.38
C GLU C 267 -5.79 -7.20 2.28
N LYS C 268 -6.44 -6.92 1.16
CA LYS C 268 -7.07 -5.61 0.95
C LYS C 268 -8.22 -5.37 1.92
N VAL C 269 -9.05 -6.38 2.20
CA VAL C 269 -10.16 -6.15 3.12
C VAL C 269 -9.66 -6.11 4.54
N LYS C 270 -8.56 -6.82 4.81
CA LYS C 270 -7.98 -6.81 6.15
C LYS C 270 -7.59 -5.37 6.44
N HIS C 271 -6.94 -4.75 5.46
CA HIS C 271 -6.49 -3.36 5.61
C HIS C 271 -7.65 -2.39 5.63
N GLN C 272 -8.63 -2.60 4.75
CA GLN C 272 -9.76 -1.69 4.69
C GLN C 272 -10.88 -1.90 5.69
N TYR C 273 -11.19 -3.15 6.02
CA TYR C 273 -12.28 -3.43 6.95
C TYR C 273 -11.86 -4.17 8.22
N GLY C 274 -10.62 -4.62 8.25
CA GLY C 274 -10.12 -5.38 9.38
C GLY C 274 -10.37 -4.84 10.77
N HIS C 275 -10.87 -5.71 11.65
CA HIS C 275 -11.16 -5.36 13.03
C HIS C 275 -10.85 -6.61 13.86
N ALA C 276 -10.08 -6.45 14.94
CA ALA C 276 -9.69 -7.58 15.76
C ALA C 276 -10.56 -7.82 16.99
N PHE C 277 -11.57 -6.99 17.19
CA PHE C 277 -12.45 -7.18 18.34
C PHE C 277 -13.90 -7.30 17.88
N TYR C 278 -14.33 -8.55 17.67
CA TYR C 278 -15.67 -8.89 17.20
C TYR C 278 -16.77 -7.99 17.77
N ASP C 279 -16.88 -7.94 19.09
CA ASP C 279 -17.91 -7.13 19.74
C ASP C 279 -18.00 -5.71 19.22
N SER C 280 -16.85 -5.12 18.88
CA SER C 280 -16.83 -3.75 18.38
C SER C 280 -16.98 -3.66 16.86
N ALA C 281 -17.14 -4.81 16.21
CA ALA C 281 -17.29 -4.84 14.76
C ALA C 281 -18.67 -4.29 14.34
N SER C 282 -18.71 -3.68 13.16
CA SER C 282 -19.90 -3.04 12.60
C SER C 282 -21.22 -3.81 12.58
N ASP C 283 -21.27 -4.86 11.76
CA ASP C 283 -22.46 -5.69 11.57
C ASP C 283 -23.31 -5.01 10.50
N GLN C 284 -23.21 -3.68 10.45
CA GLN C 284 -23.93 -2.88 9.47
C GLN C 284 -23.07 -2.66 8.23
N ASP C 285 -21.77 -2.43 8.42
CA ASP C 285 -20.86 -2.24 7.30
C ASP C 285 -20.67 -3.54 6.55
N ILE C 286 -20.78 -3.47 5.23
CA ILE C 286 -20.67 -4.64 4.38
C ILE C 286 -19.67 -4.43 3.24
N PHE C 287 -19.12 -5.51 2.72
CA PHE C 287 -18.19 -5.45 1.59
C PHE C 287 -18.38 -6.70 0.76
N THR C 288 -17.91 -6.66 -0.48
CA THR C 288 -18.03 -7.77 -1.41
C THR C 288 -16.68 -8.33 -1.79
N VAL C 289 -16.59 -9.65 -1.92
CA VAL C 289 -15.32 -10.28 -2.27
C VAL C 289 -15.49 -11.37 -3.33
N GLU C 290 -14.50 -11.51 -4.20
CA GLU C 290 -14.57 -12.53 -5.24
C GLU C 290 -14.36 -13.93 -4.66
N GLN C 291 -14.71 -14.95 -5.45
CA GLN C 291 -14.56 -16.33 -5.02
C GLN C 291 -13.49 -17.00 -5.87
N VAL C 292 -12.63 -17.77 -5.21
CA VAL C 292 -11.52 -18.45 -5.86
C VAL C 292 -11.91 -19.53 -6.87
N ASP C 293 -13.03 -20.19 -6.65
CA ASP C 293 -13.44 -21.26 -7.55
C ASP C 293 -14.52 -20.91 -8.59
N SER C 294 -14.99 -19.67 -8.60
CA SER C 294 -16.00 -19.29 -9.58
C SER C 294 -16.08 -17.79 -9.81
N ASP C 295 -16.90 -17.41 -10.79
CA ASP C 295 -17.10 -16.00 -11.14
C ASP C 295 -18.09 -15.37 -10.16
N GLU C 296 -18.43 -16.14 -9.13
CA GLU C 296 -19.35 -15.67 -8.10
C GLU C 296 -18.65 -14.72 -7.11
N THR C 297 -19.45 -13.83 -6.51
CA THR C 297 -18.96 -12.88 -5.51
C THR C 297 -19.90 -12.96 -4.30
N VAL C 298 -19.32 -12.89 -3.09
CA VAL C 298 -20.08 -12.99 -1.85
C VAL C 298 -19.98 -11.76 -0.93
N GLN C 299 -21.06 -11.49 -0.19
CA GLN C 299 -21.12 -10.37 0.74
C GLN C 299 -20.80 -10.81 2.17
N TYR C 300 -20.16 -9.93 2.93
CA TYR C 300 -19.80 -10.22 4.32
C TYR C 300 -19.81 -8.92 5.12
N THR C 301 -20.09 -9.01 6.41
CA THR C 301 -20.10 -7.82 7.25
C THR C 301 -18.72 -7.67 7.91
N GLN C 302 -18.45 -6.51 8.49
CA GLN C 302 -17.17 -6.32 9.14
C GLN C 302 -17.05 -7.40 10.23
N LYS C 303 -18.16 -7.67 10.90
CA LYS C 303 -18.19 -8.69 11.96
C LYS C 303 -17.80 -10.07 11.44
N ASP C 304 -18.34 -10.46 10.28
CA ASP C 304 -18.02 -11.77 9.72
C ASP C 304 -16.51 -11.86 9.48
N LEU C 305 -15.92 -10.76 9.04
CA LEU C 305 -14.49 -10.69 8.78
C LEU C 305 -13.76 -10.72 10.13
N SER C 306 -14.28 -9.94 11.07
CA SER C 306 -13.72 -9.83 12.41
C SER C 306 -13.52 -11.16 13.15
N ASP C 307 -14.41 -12.12 12.90
CA ASP C 307 -14.34 -13.42 13.55
C ASP C 307 -13.00 -14.10 13.28
N PHE C 308 -12.55 -14.02 12.03
CA PHE C 308 -11.30 -14.62 11.61
C PHE C 308 -10.09 -13.83 12.13
N ILE C 309 -10.18 -12.51 12.10
CA ILE C 309 -9.07 -11.68 12.56
C ILE C 309 -8.86 -11.81 14.06
N GLU C 310 -9.92 -11.67 14.83
CA GLU C 310 -9.82 -11.80 16.27
C GLU C 310 -9.24 -13.16 16.64
N ALA C 311 -9.79 -14.21 16.05
CA ALA C 311 -9.32 -15.56 16.32
C ALA C 311 -7.80 -15.65 16.21
N ARG C 312 -7.28 -15.32 15.02
CA ARG C 312 -5.84 -15.39 14.77
C ARG C 312 -5.00 -14.49 15.67
N VAL C 313 -5.44 -13.24 15.82
CA VAL C 313 -4.74 -12.29 16.65
C VAL C 313 -4.73 -12.82 18.08
N GLU C 314 -5.86 -13.37 18.52
CA GLU C 314 -5.96 -13.90 19.87
C GLU C 314 -5.02 -15.09 20.01
N GLU C 315 -4.92 -15.88 18.95
CA GLU C 315 -4.03 -17.03 18.96
C GLU C 315 -2.59 -16.52 19.12
N ILE C 316 -2.30 -15.38 18.50
CA ILE C 316 -0.97 -14.78 18.57
C ILE C 316 -0.61 -14.34 19.98
N PHE C 317 -1.55 -13.68 20.65
CA PHE C 317 -1.26 -13.23 22.01
C PHE C 317 -1.06 -14.39 22.99
N PHE C 318 -1.82 -15.47 22.79
CA PHE C 318 -1.70 -16.64 23.66
C PHE C 318 -0.31 -17.22 23.51
N GLU C 319 0.24 -17.15 22.31
CA GLU C 319 1.58 -17.66 22.07
C GLU C 319 2.58 -16.73 22.74
N VAL C 320 2.22 -15.44 22.80
CA VAL C 320 3.09 -14.45 23.43
C VAL C 320 3.07 -14.75 24.92
N PHE C 321 1.89 -15.02 25.46
CA PHE C 321 1.76 -15.35 26.87
C PHE C 321 2.57 -16.59 27.21
N ASP C 322 2.49 -17.62 26.36
CA ASP C 322 3.23 -18.85 26.58
C ASP C 322 4.72 -18.53 26.69
N VAL C 323 5.23 -17.71 25.78
CA VAL C 323 6.64 -17.34 25.81
C VAL C 323 6.98 -16.66 27.13
N LEU C 324 6.17 -15.67 27.50
CA LEU C 324 6.41 -14.96 28.75
C LEU C 324 6.31 -15.93 29.92
N GLN C 325 5.46 -16.93 29.78
CA GLN C 325 5.27 -17.92 30.83
C GLN C 325 6.49 -18.81 30.97
N ASP C 326 7.07 -19.20 29.83
CA ASP C 326 8.25 -20.04 29.82
C ASP C 326 9.48 -19.26 30.32
N LEU C 327 9.49 -17.95 30.06
CA LEU C 327 10.61 -17.11 30.48
C LEU C 327 10.42 -16.53 31.87
N GLY C 328 9.36 -16.96 32.56
CA GLY C 328 9.09 -16.48 33.91
C GLY C 328 8.72 -15.01 34.02
N LEU C 329 8.45 -14.38 32.88
CA LEU C 329 8.11 -12.97 32.86
C LEU C 329 6.60 -12.73 32.74
N THR C 330 5.89 -12.75 33.86
CA THR C 330 4.45 -12.52 33.82
C THR C 330 4.08 -11.28 34.62
N LYS C 331 5.07 -10.67 35.28
CA LYS C 331 4.80 -9.46 36.03
C LYS C 331 4.94 -8.25 35.10
N VAL C 332 3.94 -8.03 34.27
CA VAL C 332 3.99 -6.91 33.31
C VAL C 332 3.12 -5.74 33.73
N ASN C 333 3.36 -5.23 34.94
CA ASN C 333 2.58 -4.09 35.43
C ASN C 333 2.95 -2.80 34.73
N GLY C 334 4.08 -2.80 34.04
CA GLY C 334 4.48 -1.62 33.28
C GLY C 334 3.55 -1.50 32.08
N GLY C 335 2.97 -2.64 31.70
CA GLY C 335 2.03 -2.65 30.57
C GLY C 335 2.55 -3.27 29.30
N PHE C 336 1.65 -3.39 28.33
CA PHE C 336 2.00 -3.94 27.03
C PHE C 336 2.06 -2.80 26.02
N ILE C 337 3.05 -2.89 25.14
CA ILE C 337 3.22 -1.90 24.08
C ILE C 337 3.26 -2.75 22.82
N VAL C 338 2.21 -2.62 22.01
CA VAL C 338 2.09 -3.36 20.76
C VAL C 338 2.48 -2.46 19.59
N THR C 339 3.25 -3.00 18.65
CA THR C 339 3.65 -2.20 17.51
C THR C 339 3.87 -3.05 16.25
N GLY C 340 4.38 -2.43 15.19
CA GLY C 340 4.59 -3.16 13.95
C GLY C 340 3.39 -3.01 13.03
N GLY C 341 3.56 -3.33 11.76
CA GLY C 341 2.49 -3.20 10.78
C GLY C 341 1.09 -3.69 11.16
N SER C 342 1.02 -4.88 11.76
CA SER C 342 -0.27 -5.43 12.15
C SER C 342 -0.93 -4.62 13.26
N ALA C 343 -0.17 -3.73 13.89
CA ALA C 343 -0.75 -2.92 14.94
C ALA C 343 -1.61 -1.82 14.33
N ASN C 344 -1.69 -1.79 13.00
CA ASN C 344 -2.51 -0.81 12.30
C ASN C 344 -3.95 -1.31 12.35
N LEU C 345 -4.10 -2.60 12.59
CA LEU C 345 -5.39 -3.26 12.63
C LEU C 345 -6.27 -2.67 13.74
N LEU C 346 -7.51 -2.32 13.40
CA LEU C 346 -8.42 -1.77 14.40
C LEU C 346 -8.71 -2.84 15.45
N GLY C 347 -8.96 -2.41 16.68
CA GLY C 347 -9.29 -3.35 17.75
C GLY C 347 -8.19 -4.17 18.38
N VAL C 348 -6.93 -3.98 17.97
CA VAL C 348 -5.86 -4.77 18.58
C VAL C 348 -5.79 -4.44 20.08
N LYS C 349 -5.85 -3.16 20.40
CA LYS C 349 -5.78 -2.71 21.77
C LYS C 349 -6.91 -3.30 22.60
N GLU C 350 -8.14 -3.07 22.16
CA GLU C 350 -9.32 -3.58 22.87
C GLU C 350 -9.16 -5.07 23.15
N LEU C 351 -8.84 -5.82 22.11
CA LEU C 351 -8.67 -7.25 22.25
C LEU C 351 -7.70 -7.57 23.39
N LEU C 352 -6.47 -7.06 23.28
CA LEU C 352 -5.46 -7.33 24.31
C LEU C 352 -5.90 -6.83 25.68
N SER C 353 -6.53 -5.66 25.72
CA SER C 353 -7.00 -5.13 26.99
C SER C 353 -8.01 -6.09 27.59
N ASP C 354 -8.71 -6.81 26.73
CA ASP C 354 -9.72 -7.76 27.14
C ASP C 354 -9.13 -9.09 27.57
N MET C 355 -7.85 -9.31 27.27
CA MET C 355 -7.17 -10.55 27.64
C MET C 355 -6.22 -10.42 28.82
N VAL C 356 -5.91 -9.18 29.22
CA VAL C 356 -5.00 -8.96 30.35
C VAL C 356 -5.46 -7.78 31.21
N SER C 357 -4.96 -7.73 32.45
CA SER C 357 -5.32 -6.66 33.38
C SER C 357 -4.27 -5.56 33.45
N GLU C 358 -3.33 -5.56 32.51
CA GLU C 358 -2.28 -4.55 32.50
C GLU C 358 -2.55 -3.49 31.44
N LYS C 359 -1.92 -2.33 31.58
CA LYS C 359 -2.09 -1.25 30.63
C LYS C 359 -1.71 -1.78 29.23
N VAL C 360 -2.39 -1.28 28.20
CA VAL C 360 -2.11 -1.67 26.82
C VAL C 360 -2.12 -0.42 25.94
N ARG C 361 -1.13 -0.33 25.04
CA ARG C 361 -1.04 0.81 24.12
C ARG C 361 -0.33 0.41 22.84
N ILE C 362 -0.75 1.03 21.74
CA ILE C 362 -0.17 0.79 20.42
C ILE C 362 0.86 1.92 20.17
N HIS C 363 2.09 1.54 19.86
CA HIS C 363 3.15 2.52 19.62
C HIS C 363 3.36 2.85 18.17
N THR C 364 3.36 4.14 17.88
CA THR C 364 3.58 4.67 16.53
C THR C 364 4.66 5.73 16.67
N PRO C 365 5.71 5.68 15.83
CA PRO C 365 6.79 6.68 15.90
C PRO C 365 6.21 8.10 15.79
N SER C 366 6.82 9.06 16.48
CA SER C 366 6.34 10.45 16.48
C SER C 366 6.80 11.29 15.29
N GLN C 367 8.02 11.02 14.81
CA GLN C 367 8.60 11.81 13.74
C GLN C 367 7.85 11.93 12.43
N MET C 368 8.16 13.05 11.79
CA MET C 368 7.63 13.47 10.51
C MET C 368 7.91 12.42 9.43
N GLY C 369 6.85 11.78 8.93
CA GLY C 369 7.03 10.80 7.87
C GLY C 369 7.10 9.34 8.21
N ILE C 370 7.26 9.00 9.49
CA ILE C 370 7.33 7.61 9.89
C ILE C 370 6.29 7.33 10.95
N ARG C 371 5.17 8.04 10.85
CA ARG C 371 4.09 7.90 11.80
C ARG C 371 3.22 6.68 11.53
N LYS C 372 3.87 5.53 11.43
CA LYS C 372 3.22 4.25 11.20
C LYS C 372 3.96 3.22 12.07
N PRO C 373 3.23 2.25 12.64
CA PRO C 373 3.79 1.20 13.51
C PRO C 373 4.89 0.34 12.89
N GLU C 374 4.85 0.18 11.56
CA GLU C 374 5.87 -0.65 10.92
C GLU C 374 7.29 -0.11 11.01
N PHE C 375 7.42 1.20 11.25
CA PHE C 375 8.70 1.88 11.34
C PHE C 375 9.39 1.83 12.69
N SER C 376 8.70 1.31 13.70
CA SER C 376 9.24 1.25 15.06
C SER C 376 10.66 0.71 15.14
N SER C 377 10.89 -0.43 14.50
CA SER C 377 12.22 -1.04 14.51
C SER C 377 13.29 -0.13 13.88
N ALA C 378 12.99 0.39 12.70
CA ALA C 378 13.92 1.25 11.99
C ALA C 378 14.31 2.50 12.79
N ILE C 379 13.31 3.14 13.39
CA ILE C 379 13.64 4.35 14.14
C ILE C 379 14.36 4.04 15.44
N SER C 380 13.94 3.00 16.16
CA SER C 380 14.62 2.72 17.42
C SER C 380 16.04 2.20 17.18
N THR C 381 16.33 1.70 15.97
CA THR C 381 17.69 1.25 15.68
C THR C 381 18.61 2.47 15.79
N ILE C 382 18.14 3.61 15.27
CA ILE C 382 18.93 4.84 15.32
C ILE C 382 19.05 5.30 16.77
N SER C 383 17.98 5.18 17.55
CA SER C 383 18.06 5.58 18.95
C SER C 383 19.07 4.70 19.68
N SER C 384 19.19 3.44 19.27
CA SER C 384 20.16 2.54 19.89
C SER C 384 21.58 3.01 19.60
N SER C 385 21.88 3.36 18.35
CA SER C 385 23.23 3.82 17.99
C SER C 385 23.63 5.09 18.73
N ILE C 386 22.68 6.00 18.94
CA ILE C 386 22.92 7.25 19.64
C ILE C 386 23.18 6.95 21.13
N ALA C 387 22.38 6.06 21.70
CA ALA C 387 22.55 5.67 23.11
C ALA C 387 23.97 5.15 23.30
N PHE C 388 24.44 4.34 22.36
CA PHE C 388 25.79 3.83 22.48
C PHE C 388 26.83 4.88 22.21
N ASP C 389 26.53 5.85 21.33
CA ASP C 389 27.49 6.93 21.06
C ASP C 389 27.72 7.73 22.36
N GLU C 390 26.63 8.03 23.05
CA GLU C 390 26.69 8.77 24.30
C GLU C 390 27.38 7.97 25.40
N LEU C 391 27.01 6.70 25.52
CA LEU C 391 27.59 5.83 26.53
C LEU C 391 29.10 5.71 26.32
N LEU C 392 29.53 5.62 25.06
CA LEU C 392 30.95 5.44 24.78
C LEU C 392 31.81 6.67 24.56
N ASP C 393 31.24 7.86 24.69
CA ASP C 393 32.07 9.04 24.50
C ASP C 393 32.39 9.72 25.82
N HIS D 20 20.65 -13.99 -24.42
CA HIS D 20 21.10 -14.31 -25.81
C HIS D 20 19.89 -14.75 -26.62
N TYR D 21 20.11 -15.65 -27.56
CA TYR D 21 19.04 -16.18 -28.39
C TYR D 21 18.59 -17.55 -27.90
N TYR D 22 17.28 -17.74 -27.83
CA TYR D 22 16.71 -19.01 -27.39
C TYR D 22 15.89 -19.65 -28.50
N VAL D 23 16.16 -20.93 -28.76
CA VAL D 23 15.45 -21.65 -29.81
C VAL D 23 14.97 -23.00 -29.28
N SER D 24 13.67 -23.26 -29.45
CA SER D 24 13.09 -24.51 -29.00
C SER D 24 12.52 -25.27 -30.20
N ILE D 25 12.32 -26.57 -30.01
CA ILE D 25 11.77 -27.41 -31.07
C ILE D 25 10.77 -28.42 -30.50
N ASP D 26 9.58 -28.44 -31.09
CA ASP D 26 8.50 -29.34 -30.67
C ASP D 26 8.15 -30.28 -31.83
N ILE D 27 8.58 -31.53 -31.71
CA ILE D 27 8.32 -32.52 -32.75
C ILE D 27 6.94 -33.16 -32.50
N GLY D 28 5.92 -32.58 -33.13
CA GLY D 28 4.56 -33.06 -32.95
C GLY D 28 4.07 -33.98 -34.06
N SER D 29 3.10 -34.83 -33.72
CA SER D 29 2.53 -35.77 -34.67
C SER D 29 1.91 -35.07 -35.86
N SER D 30 1.38 -33.87 -35.64
CA SER D 30 0.77 -33.10 -36.73
C SER D 30 1.79 -32.23 -37.44
N SER D 31 2.63 -31.57 -36.66
CA SER D 31 3.65 -30.72 -37.25
C SER D 31 4.76 -30.44 -36.26
N VAL D 32 5.92 -30.08 -36.80
CA VAL D 32 7.06 -29.73 -35.98
C VAL D 32 6.94 -28.23 -35.79
N LYS D 33 7.19 -27.75 -34.58
CA LYS D 33 7.09 -26.31 -34.34
C LYS D 33 8.39 -25.80 -33.74
N THR D 34 8.91 -24.72 -34.32
CA THR D 34 10.13 -24.12 -33.86
C THR D 34 9.96 -22.63 -33.67
N ILE D 35 10.43 -22.10 -32.54
CA ILE D 35 10.32 -20.67 -32.27
C ILE D 35 11.67 -20.05 -31.96
N VAL D 36 11.92 -18.89 -32.56
CA VAL D 36 13.16 -18.16 -32.32
C VAL D 36 12.81 -17.09 -31.29
N GLY D 37 13.38 -17.23 -30.09
CA GLY D 37 13.09 -16.28 -29.03
C GLY D 37 14.22 -15.40 -28.55
N GLU D 38 13.83 -14.25 -27.99
CA GLU D 38 14.76 -13.27 -27.46
C GLU D 38 14.49 -13.14 -25.96
N LYS D 39 15.55 -13.19 -25.15
CA LYS D 39 15.40 -13.11 -23.71
C LYS D 39 14.59 -11.89 -23.27
N ILE D 44 10.05 -12.91 -22.97
CA ILE D 44 10.41 -13.55 -24.23
C ILE D 44 9.68 -12.89 -25.38
N ASN D 45 10.41 -12.56 -26.42
CA ASN D 45 9.80 -11.95 -27.60
C ASN D 45 10.17 -12.75 -28.84
N VAL D 46 9.14 -13.23 -29.54
CA VAL D 46 9.30 -14.05 -30.73
C VAL D 46 9.73 -13.26 -31.97
N ILE D 47 10.90 -13.58 -32.51
CA ILE D 47 11.39 -12.91 -33.71
C ILE D 47 11.45 -13.86 -34.90
N GLY D 48 10.97 -15.09 -34.71
CA GLY D 48 10.99 -16.05 -35.79
C GLY D 48 10.30 -17.34 -35.43
N THR D 49 9.65 -17.96 -36.42
CA THR D 49 8.95 -19.21 -36.18
C THR D 49 8.95 -20.09 -37.43
N GLY D 50 8.90 -21.40 -37.20
CA GLY D 50 8.87 -22.35 -38.29
C GLY D 50 7.94 -23.49 -37.94
N GLN D 51 7.08 -23.85 -38.88
CA GLN D 51 6.14 -24.95 -38.66
C GLN D 51 6.09 -25.84 -39.90
N THR D 52 6.05 -27.15 -39.68
CA THR D 52 6.00 -28.10 -40.79
C THR D 52 5.10 -29.30 -40.52
N TYR D 53 4.00 -29.38 -41.26
CA TYR D 53 3.08 -30.50 -41.12
C TYR D 53 3.78 -31.70 -41.72
N THR D 54 3.89 -32.77 -40.96
CA THR D 54 4.58 -33.96 -41.43
C THR D 54 3.84 -35.26 -41.12
N SER D 55 4.38 -36.35 -41.64
CA SER D 55 3.81 -37.68 -41.46
C SER D 55 4.84 -38.58 -40.77
N GLY D 56 6.01 -38.04 -40.50
CA GLY D 56 7.06 -38.85 -39.89
C GLY D 56 6.97 -39.10 -38.40
N ILE D 57 5.97 -38.53 -37.74
CA ILE D 57 5.81 -38.70 -36.30
C ILE D 57 4.45 -39.27 -35.92
N LYS D 58 4.44 -40.35 -35.16
CA LYS D 58 3.17 -40.96 -34.76
C LYS D 58 3.14 -41.19 -33.26
N ASN D 59 2.02 -40.82 -32.65
CA ASN D 59 1.87 -40.95 -31.20
C ASN D 59 3.01 -40.23 -30.49
N GLY D 60 3.41 -39.08 -31.03
CA GLY D 60 4.48 -38.31 -30.41
C GLY D 60 5.87 -38.91 -30.50
N LEU D 61 6.02 -40.01 -31.24
CA LEU D 61 7.32 -40.66 -31.42
C LEU D 61 7.70 -40.75 -32.90
N ILE D 62 8.99 -40.76 -33.17
CA ILE D 62 9.48 -40.85 -34.55
C ILE D 62 9.07 -42.18 -35.18
N ASP D 63 8.30 -42.09 -36.26
CA ASP D 63 7.85 -43.29 -36.95
C ASP D 63 8.66 -43.54 -38.22
N ASP D 64 9.11 -42.46 -38.86
CA ASP D 64 9.90 -42.59 -40.07
C ASP D 64 11.03 -41.57 -39.97
N PHE D 65 12.18 -42.05 -39.52
CA PHE D 65 13.35 -41.21 -39.29
C PHE D 65 13.69 -40.15 -40.31
N ASP D 66 13.78 -40.53 -41.57
CA ASP D 66 14.13 -39.56 -42.58
C ASP D 66 13.03 -38.52 -42.84
N ILE D 67 11.77 -38.91 -42.75
CA ILE D 67 10.69 -37.94 -42.98
C ILE D 67 10.67 -36.90 -41.86
N ALA D 68 11.01 -37.33 -40.65
CA ALA D 68 11.04 -36.44 -39.50
C ALA D 68 12.21 -35.47 -39.60
N ARG D 69 13.42 -36.00 -39.72
CA ARG D 69 14.62 -35.19 -39.82
C ARG D 69 14.47 -34.05 -40.84
N GLN D 70 13.88 -34.35 -41.99
CA GLN D 70 13.68 -33.31 -42.99
C GLN D 70 12.76 -32.22 -42.44
N ALA D 71 11.60 -32.63 -41.96
CA ALA D 71 10.62 -31.69 -41.40
C ALA D 71 11.25 -30.84 -40.31
N ILE D 72 12.09 -31.45 -39.48
CA ILE D 72 12.78 -30.72 -38.43
C ILE D 72 13.73 -29.73 -39.10
N LYS D 73 14.58 -30.25 -39.99
CA LYS D 73 15.53 -29.42 -40.71
C LYS D 73 14.81 -28.31 -41.49
N ASP D 74 13.62 -28.60 -41.96
CA ASP D 74 12.85 -27.62 -42.73
C ASP D 74 12.16 -26.61 -41.84
N THR D 75 11.91 -26.97 -40.59
CA THR D 75 11.25 -26.07 -39.66
C THR D 75 12.29 -25.05 -39.20
N ILE D 76 13.46 -25.55 -38.82
CA ILE D 76 14.55 -24.69 -38.38
C ILE D 76 14.83 -23.67 -39.48
N LYS D 77 14.91 -24.17 -40.71
CA LYS D 77 15.18 -23.35 -41.88
C LYS D 77 14.17 -22.21 -41.96
N LYS D 78 12.90 -22.52 -41.70
CA LYS D 78 11.84 -21.51 -41.73
C LYS D 78 12.21 -20.46 -40.68
N ALA D 79 12.44 -20.93 -39.47
CA ALA D 79 12.78 -20.08 -38.34
C ALA D 79 13.93 -19.13 -38.67
N SER D 80 15.12 -19.70 -38.87
CA SER D 80 16.30 -18.90 -39.19
C SER D 80 15.96 -17.79 -40.18
N ILE D 81 15.36 -18.16 -41.30
CA ILE D 81 14.98 -17.20 -42.33
C ILE D 81 14.09 -16.09 -41.75
N ALA D 82 12.92 -16.49 -41.27
CA ALA D 82 11.96 -15.54 -40.70
C ALA D 82 12.49 -14.75 -39.51
N SER D 83 13.55 -15.25 -38.89
CA SER D 83 14.12 -14.56 -37.73
C SER D 83 15.43 -13.85 -38.03
N GLY D 84 16.05 -14.21 -39.15
CA GLY D 84 17.32 -13.61 -39.51
C GLY D 84 18.40 -14.29 -38.70
N VAL D 85 17.99 -14.87 -37.58
CA VAL D 85 18.90 -15.56 -36.67
C VAL D 85 19.52 -16.76 -37.36
N ASP D 86 20.71 -17.14 -36.91
CA ASP D 86 21.40 -18.28 -37.48
C ASP D 86 21.38 -19.41 -36.46
N ILE D 87 20.35 -20.24 -36.54
CA ILE D 87 20.18 -21.35 -35.61
C ILE D 87 21.27 -22.40 -35.78
N LYS D 88 21.85 -22.82 -34.66
CA LYS D 88 22.91 -23.81 -34.65
C LYS D 88 22.82 -24.67 -33.40
N GLU D 89 22.10 -24.17 -32.39
CA GLU D 89 21.89 -24.87 -31.14
C GLU D 89 20.43 -24.70 -30.76
N VAL D 90 19.78 -25.76 -30.28
CA VAL D 90 18.38 -25.66 -29.91
C VAL D 90 18.03 -26.32 -28.58
N PHE D 91 16.80 -26.09 -28.16
CA PHE D 91 16.27 -26.69 -26.93
C PHE D 91 15.15 -27.62 -27.39
N LEU D 92 15.19 -28.86 -26.94
CA LEU D 92 14.21 -29.85 -27.34
C LEU D 92 13.24 -30.27 -26.24
N LYS D 93 11.95 -30.21 -26.55
CA LYS D 93 10.95 -30.64 -25.60
C LYS D 93 10.72 -32.14 -25.82
N LEU D 94 10.40 -32.85 -24.75
CA LEU D 94 10.09 -34.27 -24.84
C LEU D 94 8.65 -34.44 -24.38
N PRO D 95 7.89 -35.32 -25.06
CA PRO D 95 6.49 -35.58 -24.73
C PRO D 95 6.42 -36.39 -23.46
N ILE D 96 5.29 -36.34 -22.77
CA ILE D 96 5.14 -37.10 -21.54
C ILE D 96 4.76 -38.54 -21.92
N ILE D 97 5.72 -39.23 -22.53
CA ILE D 97 5.56 -40.61 -22.99
C ILE D 97 6.65 -41.47 -22.33
N GLY D 98 6.24 -42.59 -21.75
CA GLY D 98 7.19 -43.46 -21.07
C GLY D 98 7.99 -42.59 -20.11
N THR D 99 7.28 -41.71 -19.41
CA THR D 99 7.88 -40.76 -18.49
C THR D 99 7.56 -41.07 -17.03
N GLU D 100 8.50 -40.80 -16.13
CA GLU D 100 8.30 -41.07 -14.72
C GLU D 100 8.58 -39.82 -13.87
N VAL D 101 7.72 -39.56 -12.90
CA VAL D 101 7.88 -38.41 -12.02
C VAL D 101 7.92 -38.85 -10.57
N TYR D 102 9.04 -38.56 -9.90
CA TYR D 102 9.24 -38.93 -8.51
C TYR D 102 10.10 -37.90 -7.78
N ASP D 103 10.17 -38.02 -6.45
CA ASP D 103 10.95 -37.11 -5.63
C ASP D 103 12.27 -37.68 -5.13
N GLU D 104 13.29 -36.83 -5.10
CA GLU D 104 14.61 -37.23 -4.63
C GLU D 104 15.36 -36.03 -4.05
N SER D 105 16.29 -36.29 -3.13
CA SER D 105 17.06 -35.22 -2.53
C SER D 105 18.56 -35.48 -2.67
N ASN D 106 19.36 -34.45 -2.43
CA ASN D 106 20.81 -34.56 -2.54
C ASN D 106 21.46 -33.47 -1.67
N GLU D 107 22.62 -33.78 -1.11
CA GLU D 107 23.34 -32.84 -0.25
C GLU D 107 24.78 -32.58 -0.72
N ILE D 108 25.25 -31.36 -0.48
CA ILE D 108 26.60 -30.95 -0.85
C ILE D 108 27.31 -30.38 0.36
N ASP D 109 28.42 -30.99 0.77
CA ASP D 109 29.15 -30.53 1.94
C ASP D 109 30.24 -29.50 1.66
N PHE D 110 30.42 -28.58 2.61
CA PHE D 110 31.44 -27.54 2.50
C PHE D 110 32.39 -27.63 3.69
N TYR D 111 33.64 -27.24 3.50
CA TYR D 111 34.63 -27.29 4.58
C TYR D 111 35.14 -25.91 4.96
N GLU D 112 34.56 -24.89 4.35
CA GLU D 112 34.90 -23.50 4.59
C GLU D 112 33.64 -22.68 4.31
N ASP D 113 33.62 -21.44 4.78
CA ASP D 113 32.48 -20.58 4.51
C ASP D 113 32.49 -20.42 2.99
N THR D 114 31.35 -20.67 2.35
CA THR D 114 31.29 -20.56 0.91
C THR D 114 30.05 -19.86 0.40
N GLU D 115 30.27 -18.87 -0.46
CA GLU D 115 29.16 -18.16 -1.07
C GLU D 115 28.64 -19.09 -2.15
N ILE D 116 27.36 -19.43 -2.06
CA ILE D 116 26.73 -20.32 -3.03
C ILE D 116 26.65 -19.63 -4.40
N ASN D 117 26.96 -20.38 -5.45
CA ASN D 117 26.89 -19.82 -6.80
C ASN D 117 26.25 -20.85 -7.73
N GLY D 118 26.09 -20.48 -8.99
CA GLY D 118 25.49 -21.38 -9.95
C GLY D 118 26.08 -22.77 -9.96
N SER D 119 27.42 -22.88 -10.01
CA SER D 119 28.06 -24.19 -10.04
C SER D 119 27.64 -25.06 -8.86
N HIS D 120 27.28 -24.44 -7.75
CA HIS D 120 26.86 -25.20 -6.57
C HIS D 120 25.50 -25.88 -6.77
N ILE D 121 24.56 -25.14 -7.36
CA ILE D 121 23.23 -25.66 -7.62
C ILE D 121 23.32 -26.77 -8.65
N GLU D 122 24.16 -26.54 -9.66
CA GLU D 122 24.38 -27.47 -10.75
C GLU D 122 24.94 -28.80 -10.24
N LYS D 123 25.82 -28.72 -9.25
CA LYS D 123 26.44 -29.91 -8.69
C LYS D 123 25.50 -30.75 -7.83
N VAL D 124 24.70 -30.09 -6.99
CA VAL D 124 23.79 -30.84 -6.13
C VAL D 124 22.67 -31.48 -6.94
N LEU D 125 22.37 -30.89 -8.10
CA LEU D 125 21.32 -31.42 -8.95
C LEU D 125 21.85 -32.55 -9.84
N GLU D 126 23.05 -32.38 -10.39
CA GLU D 126 23.68 -33.38 -11.24
C GLU D 126 23.83 -34.67 -10.44
N GLY D 127 23.85 -34.54 -9.12
CA GLY D 127 24.01 -35.70 -8.27
C GLY D 127 22.77 -36.57 -8.21
N ILE D 128 21.60 -35.95 -8.27
CA ILE D 128 20.34 -36.70 -8.21
C ILE D 128 20.13 -37.60 -9.43
N ARG D 129 20.80 -37.26 -10.53
CA ARG D 129 20.67 -38.05 -11.75
C ARG D 129 21.32 -39.42 -11.63
N GLU D 130 21.67 -39.81 -10.40
CA GLU D 130 22.30 -41.11 -10.15
C GLU D 130 22.35 -41.38 -8.65
N GLU D 136 17.59 -48.47 -18.47
CA GLU D 136 16.43 -48.36 -19.34
C GLU D 136 15.96 -46.92 -19.44
N THR D 137 15.70 -46.31 -18.27
CA THR D 137 15.24 -44.94 -18.20
C THR D 137 16.40 -43.96 -18.05
N GLU D 138 16.13 -42.69 -18.33
CA GLU D 138 17.13 -41.64 -18.23
C GLU D 138 16.51 -40.39 -17.62
N VAL D 139 17.15 -39.85 -16.59
CA VAL D 139 16.68 -38.63 -15.95
C VAL D 139 16.93 -37.49 -16.92
N ILE D 140 15.87 -36.78 -17.30
CA ILE D 140 16.02 -35.67 -18.24
C ILE D 140 15.88 -34.31 -17.56
N ASN D 141 15.22 -34.27 -16.41
CA ASN D 141 15.02 -33.03 -15.68
C ASN D 141 15.05 -33.17 -14.18
N VAL D 142 15.78 -32.27 -13.54
CA VAL D 142 15.85 -32.24 -12.09
C VAL D 142 15.54 -30.79 -11.71
N PHE D 143 14.36 -30.57 -11.14
CA PHE D 143 13.93 -29.25 -10.74
C PHE D 143 13.77 -29.19 -9.23
N PRO D 144 14.34 -28.15 -8.61
CA PRO D 144 14.25 -27.98 -7.17
C PRO D 144 12.88 -27.62 -6.63
N ILE D 145 12.55 -28.18 -5.48
CA ILE D 145 11.30 -27.90 -4.82
C ILE D 145 11.63 -27.00 -3.63
N ARG D 146 12.73 -27.35 -2.96
CA ARG D 146 13.17 -26.65 -1.75
C ARG D 146 14.70 -26.74 -1.65
N PHE D 147 15.32 -25.70 -1.11
CA PHE D 147 16.77 -25.67 -0.89
C PHE D 147 17.04 -25.43 0.60
N ILE D 148 17.90 -26.25 1.20
CA ILE D 148 18.22 -26.10 2.62
C ILE D 148 19.69 -25.77 2.85
N VAL D 149 19.96 -24.55 3.31
CA VAL D 149 21.33 -24.12 3.57
C VAL D 149 21.69 -24.38 5.02
N ASP D 150 22.82 -25.05 5.22
CA ASP D 150 23.35 -25.39 6.54
C ASP D 150 22.39 -26.23 7.39
N LYS D 151 21.65 -27.11 6.73
CA LYS D 151 20.73 -28.01 7.40
C LYS D 151 19.64 -27.39 8.27
N GLU D 152 19.39 -26.10 8.12
CA GLU D 152 18.36 -25.47 8.95
C GLU D 152 17.37 -24.69 8.13
N ASN D 153 17.86 -23.63 7.53
CA ASN D 153 17.05 -22.75 6.71
C ASN D 153 16.25 -23.49 5.65
N GLU D 154 15.67 -22.69 4.77
CA GLU D 154 14.90 -23.15 3.63
C GLU D 154 14.84 -21.90 2.79
N VAL D 155 15.43 -21.97 1.60
CA VAL D 155 15.43 -20.83 0.69
C VAL D 155 15.01 -21.30 -0.70
N SER D 156 14.38 -20.43 -1.46
CA SER D 156 13.97 -20.81 -2.80
C SER D 156 15.22 -20.77 -3.69
N ASP D 157 16.13 -19.83 -3.37
CA ASP D 157 17.38 -19.65 -4.10
C ASP D 157 18.50 -19.44 -3.07
N PRO D 158 19.53 -20.29 -3.08
CA PRO D 158 20.61 -20.11 -2.12
C PRO D 158 21.81 -19.30 -2.66
N LYS D 159 21.76 -18.95 -3.94
CA LYS D 159 22.85 -18.21 -4.59
C LYS D 159 23.33 -16.95 -3.86
N GLU D 160 24.64 -16.75 -3.95
CA GLU D 160 25.38 -15.65 -3.33
C GLU D 160 25.02 -15.44 -1.86
N LEU D 161 24.61 -16.53 -1.23
CA LEU D 161 24.25 -16.55 0.18
C LEU D 161 25.42 -17.31 0.78
N ILE D 162 25.76 -17.09 2.05
CA ILE D 162 26.89 -17.80 2.62
C ILE D 162 26.57 -19.07 3.40
N ALA D 163 27.16 -20.17 2.95
CA ALA D 163 26.96 -21.47 3.57
C ALA D 163 28.22 -21.82 4.35
N ARG D 164 28.01 -22.21 5.60
CA ARG D 164 29.10 -22.56 6.50
C ARG D 164 29.23 -24.06 6.72
N HIS D 165 28.35 -24.85 6.10
CA HIS D 165 28.42 -26.30 6.28
C HIS D 165 28.02 -27.15 5.07
N SER D 166 26.88 -26.84 4.47
CA SER D 166 26.40 -27.62 3.32
C SER D 166 25.28 -26.94 2.54
N LEU D 167 24.72 -27.68 1.59
CA LEU D 167 23.62 -27.20 0.76
C LEU D 167 22.80 -28.40 0.29
N LYS D 168 21.61 -28.55 0.84
CA LYS D 168 20.74 -29.66 0.47
C LYS D 168 19.67 -29.21 -0.51
N VAL D 169 19.25 -30.14 -1.38
CA VAL D 169 18.22 -29.83 -2.36
C VAL D 169 17.17 -30.92 -2.30
N GLU D 170 15.90 -30.53 -2.39
CA GLU D 170 14.83 -31.49 -2.42
C GLU D 170 14.17 -31.18 -3.75
N ALA D 171 14.44 -32.02 -4.75
CA ALA D 171 13.92 -31.80 -6.08
C ALA D 171 12.87 -32.80 -6.55
N GLY D 172 12.34 -32.52 -7.73
CA GLY D 172 11.37 -33.39 -8.35
C GLY D 172 12.14 -33.92 -9.53
N VAL D 173 11.96 -35.19 -9.88
CA VAL D 173 12.69 -35.74 -11.00
C VAL D 173 11.80 -36.33 -12.08
N ILE D 174 12.20 -36.13 -13.33
CA ILE D 174 11.47 -36.62 -14.47
C ILE D 174 12.38 -37.55 -15.27
N ALA D 175 11.95 -38.79 -15.42
CA ALA D 175 12.72 -39.78 -16.16
C ALA D 175 11.91 -40.21 -17.38
N ILE D 176 12.60 -40.51 -18.47
CA ILE D 176 11.92 -40.94 -19.69
C ILE D 176 12.66 -42.15 -20.29
N GLN D 177 11.91 -43.07 -20.89
CA GLN D 177 12.52 -44.25 -21.50
C GLN D 177 13.65 -43.80 -22.41
N LYS D 178 14.84 -44.36 -22.16
CA LYS D 178 16.05 -44.02 -22.91
C LYS D 178 15.91 -43.97 -24.43
N SER D 179 15.05 -44.82 -24.98
CA SER D 179 14.84 -44.87 -26.43
C SER D 179 14.38 -43.53 -27.01
N ILE D 180 13.28 -43.02 -26.46
CA ILE D 180 12.70 -41.76 -26.90
C ILE D 180 13.74 -40.65 -26.91
N LEU D 181 14.44 -40.51 -25.78
CA LEU D 181 15.49 -39.51 -25.60
C LEU D 181 16.53 -39.55 -26.71
N ILE D 182 17.18 -40.70 -26.86
CA ILE D 182 18.22 -40.88 -27.86
C ILE D 182 17.70 -40.67 -29.28
N ASN D 183 16.56 -41.28 -29.58
CA ASN D 183 15.96 -41.16 -30.91
C ASN D 183 15.58 -39.72 -31.24
N MET D 184 15.01 -39.03 -30.27
CA MET D 184 14.62 -37.63 -30.48
C MET D 184 15.83 -36.75 -30.71
N ILE D 185 16.83 -36.85 -29.83
CA ILE D 185 18.02 -36.05 -29.99
C ILE D 185 18.72 -36.39 -31.31
N LYS D 186 18.92 -37.69 -31.52
CA LYS D 186 19.59 -38.16 -32.74
C LYS D 186 18.95 -37.64 -34.01
N CYS D 187 17.63 -37.63 -34.05
CA CYS D 187 16.92 -37.14 -35.25
C CYS D 187 17.15 -35.64 -35.42
N VAL D 188 17.15 -34.91 -34.31
CA VAL D 188 17.33 -33.46 -34.34
C VAL D 188 18.74 -33.02 -34.74
N GLU D 189 19.75 -33.54 -34.03
CA GLU D 189 21.13 -33.18 -34.30
C GLU D 189 21.61 -33.64 -35.67
N ALA D 190 20.81 -34.50 -36.31
CA ALA D 190 21.16 -34.98 -37.64
C ALA D 190 20.79 -33.91 -38.65
N CYS D 191 20.21 -32.82 -38.18
CA CYS D 191 19.81 -31.71 -39.04
C CYS D 191 20.82 -30.57 -39.02
N GLY D 192 21.97 -30.83 -38.41
CA GLY D 192 23.01 -29.81 -38.35
C GLY D 192 22.82 -28.76 -37.27
N VAL D 193 22.49 -29.22 -36.06
CA VAL D 193 22.29 -28.33 -34.91
C VAL D 193 22.52 -29.18 -33.67
N ASP D 194 22.90 -28.55 -32.57
CA ASP D 194 23.13 -29.29 -31.34
C ASP D 194 22.00 -29.03 -30.34
N VAL D 195 21.74 -30.02 -29.49
CA VAL D 195 20.69 -29.88 -28.49
C VAL D 195 21.34 -29.52 -27.17
N LEU D 196 21.23 -28.25 -26.79
CA LEU D 196 21.81 -27.76 -25.55
C LEU D 196 21.19 -28.50 -24.37
N ASP D 197 19.89 -28.80 -24.48
CA ASP D 197 19.20 -29.57 -23.44
C ASP D 197 17.77 -29.98 -23.77
N VAL D 198 17.23 -30.81 -22.89
CA VAL D 198 15.90 -31.37 -23.05
C VAL D 198 14.96 -31.03 -21.89
N TYR D 199 13.69 -30.78 -22.22
CA TYR D 199 12.68 -30.46 -21.23
C TYR D 199 11.36 -31.20 -21.43
N SER D 200 10.97 -31.98 -20.43
CA SER D 200 9.71 -32.70 -20.50
C SER D 200 8.56 -31.68 -20.47
N ASP D 201 7.49 -31.95 -21.22
CA ASP D 201 6.35 -31.06 -21.21
C ASP D 201 5.75 -31.10 -19.81
N ALA D 202 6.12 -32.12 -19.03
CA ALA D 202 5.58 -32.25 -17.69
C ALA D 202 6.11 -31.06 -16.88
N TYR D 203 7.22 -30.50 -17.34
CA TYR D 203 7.81 -29.36 -16.66
C TYR D 203 7.43 -28.07 -17.38
N ASN D 204 7.51 -28.09 -18.70
CA ASN D 204 7.18 -26.91 -19.49
C ASN D 204 5.83 -26.30 -19.13
N TYR D 205 4.81 -27.14 -18.97
CA TYR D 205 3.49 -26.61 -18.69
C TYR D 205 3.35 -25.79 -17.41
N GLY D 206 4.44 -25.63 -16.67
CA GLY D 206 4.38 -24.83 -15.47
C GLY D 206 4.30 -23.37 -15.87
N SER D 207 5.10 -23.00 -16.86
CA SER D 207 5.17 -21.65 -17.40
C SER D 207 3.88 -21.19 -18.04
N ILE D 208 2.91 -22.08 -18.15
CA ILE D 208 1.64 -21.72 -18.77
C ILE D 208 0.64 -21.22 -17.73
N LEU D 209 0.74 -21.76 -16.51
CA LEU D 209 -0.16 -21.40 -15.42
C LEU D 209 0.15 -20.06 -14.75
N THR D 210 -0.90 -19.43 -14.22
CA THR D 210 -0.75 -18.17 -13.50
C THR D 210 -0.22 -18.57 -12.13
N ALA D 211 0.47 -17.64 -11.47
CA ALA D 211 1.02 -17.92 -10.15
C ALA D 211 0.00 -18.62 -9.24
N THR D 212 -1.25 -18.20 -9.35
CA THR D 212 -2.35 -18.75 -8.55
C THR D 212 -2.72 -20.20 -8.86
N GLU D 213 -2.97 -20.47 -10.15
CA GLU D 213 -3.33 -21.81 -10.60
C GLU D 213 -2.28 -22.82 -10.16
N LYS D 214 -1.04 -22.49 -10.49
CA LYS D 214 0.11 -23.34 -10.20
C LYS D 214 0.30 -23.70 -8.74
N GLU D 215 -0.49 -23.10 -7.84
CA GLU D 215 -0.37 -23.39 -6.42
C GLU D 215 -1.56 -24.07 -5.78
N LEU D 216 -2.77 -23.72 -6.23
CA LEU D 216 -3.99 -24.32 -5.69
C LEU D 216 -4.21 -25.74 -6.21
N GLY D 217 -3.62 -26.06 -7.36
CA GLY D 217 -3.76 -27.39 -7.93
C GLY D 217 -4.42 -27.41 -9.30
N ALA D 218 -3.75 -26.80 -10.27
CA ALA D 218 -4.26 -26.74 -11.63
C ALA D 218 -3.82 -27.92 -12.49
N CYS D 219 -4.71 -28.36 -13.38
CA CYS D 219 -4.43 -29.47 -14.25
C CYS D 219 -4.40 -28.99 -15.70
N VAL D 220 -3.24 -29.15 -16.34
CA VAL D 220 -3.08 -28.76 -17.74
C VAL D 220 -3.40 -29.95 -18.61
N ILE D 221 -4.18 -29.72 -19.66
CA ILE D 221 -4.56 -30.77 -20.60
C ILE D 221 -4.22 -30.29 -22.02
N ASP D 222 -3.23 -30.93 -22.63
CA ASP D 222 -2.81 -30.60 -23.98
C ASP D 222 -3.38 -31.64 -24.95
N ILE D 223 -4.35 -31.23 -25.75
CA ILE D 223 -4.99 -32.12 -26.72
C ILE D 223 -4.42 -31.82 -28.09
N GLY D 224 -3.52 -32.70 -28.55
CA GLY D 224 -2.91 -32.49 -29.85
C GLY D 224 -3.54 -33.28 -30.97
N GLU D 225 -2.70 -34.04 -31.65
CA GLU D 225 -3.07 -34.89 -32.78
C GLU D 225 -3.31 -36.34 -32.34
N ASP D 226 -2.23 -37.05 -32.03
CA ASP D 226 -2.33 -38.44 -31.59
C ASP D 226 -2.32 -38.55 -30.08
N VAL D 227 -1.77 -37.52 -29.43
CA VAL D 227 -1.63 -37.53 -27.99
C VAL D 227 -2.30 -36.40 -27.20
N THR D 228 -2.80 -36.75 -26.02
CA THR D 228 -3.38 -35.78 -25.12
C THR D 228 -2.54 -35.95 -23.86
N GLN D 229 -1.91 -34.86 -23.43
CA GLN D 229 -1.05 -34.89 -22.26
C GLN D 229 -1.70 -34.21 -21.08
N VAL D 230 -1.53 -34.80 -19.91
CA VAL D 230 -2.11 -34.28 -18.67
C VAL D 230 -1.02 -34.06 -17.63
N ALA D 231 -0.97 -32.86 -17.07
CA ALA D 231 0.00 -32.56 -16.03
C ALA D 231 -0.71 -31.80 -14.90
N PHE D 232 -0.42 -32.20 -13.67
CA PHE D 232 -1.04 -31.57 -12.51
C PHE D 232 -0.03 -30.87 -11.60
N TYR D 233 -0.24 -29.58 -11.36
CA TYR D 233 0.66 -28.80 -10.53
C TYR D 233 0.05 -28.34 -9.21
N GLU D 234 0.92 -28.18 -8.21
CA GLU D 234 0.52 -27.73 -6.88
C GLU D 234 1.66 -27.03 -6.18
N ARG D 235 1.33 -26.07 -5.32
CA ARG D 235 2.33 -25.33 -4.55
C ARG D 235 3.44 -24.80 -5.46
N GLY D 236 3.08 -24.43 -6.67
CA GLY D 236 4.07 -23.91 -7.62
C GLY D 236 4.95 -24.99 -8.22
N GLU D 237 4.62 -26.25 -7.95
CA GLU D 237 5.42 -27.35 -8.48
C GLU D 237 4.65 -28.47 -9.19
N LEU D 238 5.34 -29.10 -10.12
CA LEU D 238 4.80 -30.23 -10.88
C LEU D 238 4.61 -31.38 -9.90
N VAL D 239 3.44 -31.99 -9.91
CA VAL D 239 3.15 -33.11 -9.01
C VAL D 239 3.20 -34.45 -9.72
N ASP D 240 2.70 -34.50 -10.94
CA ASP D 240 2.68 -35.74 -11.70
C ASP D 240 2.06 -35.52 -13.09
N ALA D 241 2.35 -36.45 -14.00
CA ALA D 241 1.83 -36.35 -15.35
C ALA D 241 1.73 -37.68 -16.07
N ASP D 242 1.12 -37.63 -17.25
CA ASP D 242 0.97 -38.81 -18.07
C ASP D 242 0.34 -38.35 -19.38
N SER D 243 0.18 -39.26 -20.32
CA SER D 243 -0.41 -38.94 -21.61
C SER D 243 -1.37 -40.04 -22.01
N ILE D 244 -2.12 -39.77 -23.08
CA ILE D 244 -3.12 -40.70 -23.58
C ILE D 244 -3.02 -40.66 -25.11
N GLU D 245 -3.19 -41.81 -25.76
CA GLU D 245 -3.13 -41.86 -27.22
C GLU D 245 -4.52 -41.68 -27.81
N MET D 246 -5.06 -40.49 -27.62
CA MET D 246 -6.38 -40.13 -28.12
C MET D 246 -6.42 -38.60 -28.13
N ALA D 247 -6.55 -38.03 -29.32
CA ALA D 247 -6.60 -36.58 -29.48
C ALA D 247 -7.32 -36.19 -30.77
N GLY D 248 -6.87 -35.10 -31.38
CA GLY D 248 -7.49 -34.60 -32.60
C GLY D 248 -7.68 -35.53 -33.77
N ARG D 249 -6.76 -36.48 -33.95
CA ARG D 249 -6.86 -37.43 -35.05
C ARG D 249 -8.09 -38.31 -34.87
N ASP D 250 -8.36 -38.67 -33.63
CA ASP D 250 -9.50 -39.51 -33.31
C ASP D 250 -10.82 -38.78 -33.55
N ILE D 251 -10.81 -37.46 -33.40
CA ILE D 251 -12.01 -36.68 -33.66
C ILE D 251 -12.25 -36.72 -35.18
N THR D 252 -11.18 -36.62 -35.94
CA THR D 252 -11.26 -36.64 -37.40
C THR D 252 -11.65 -38.03 -37.87
N ASP D 253 -10.94 -39.04 -37.37
CA ASP D 253 -11.21 -40.42 -37.72
C ASP D 253 -12.69 -40.71 -37.61
N ASP D 254 -13.28 -40.37 -36.46
CA ASP D 254 -14.69 -40.61 -36.26
C ASP D 254 -15.50 -39.96 -37.37
N ILE D 255 -15.28 -38.66 -37.58
CA ILE D 255 -16.01 -37.94 -38.62
C ILE D 255 -15.88 -38.68 -39.94
N ALA D 256 -14.66 -39.11 -40.27
CA ALA D 256 -14.42 -39.85 -41.50
C ALA D 256 -15.28 -41.12 -41.51
N GLN D 257 -14.98 -42.06 -40.61
CA GLN D 257 -15.73 -43.31 -40.51
C GLN D 257 -17.22 -43.05 -40.33
N GLY D 258 -17.55 -41.94 -39.68
CA GLY D 258 -18.94 -41.61 -39.41
C GLY D 258 -19.74 -40.95 -40.50
N LEU D 259 -19.09 -40.44 -41.54
CA LEU D 259 -19.79 -39.79 -42.64
C LEU D 259 -19.26 -40.28 -43.98
N ASN D 260 -18.56 -41.41 -43.94
CA ASN D 260 -17.99 -42.04 -45.12
C ASN D 260 -17.20 -41.13 -46.03
N THR D 261 -16.61 -40.09 -45.47
CA THR D 261 -15.80 -39.17 -46.25
C THR D 261 -14.36 -39.63 -46.10
N SER D 262 -13.44 -39.04 -46.87
CA SER D 262 -12.05 -39.43 -46.74
C SER D 262 -11.52 -38.71 -45.50
N TYR D 263 -10.28 -38.98 -45.14
CA TYR D 263 -9.69 -38.35 -43.97
C TYR D 263 -9.71 -36.84 -44.17
N GLU D 264 -8.93 -36.40 -45.16
CA GLU D 264 -8.79 -35.01 -45.53
C GLU D 264 -10.08 -34.20 -45.55
N THR D 265 -11.16 -34.76 -46.08
CA THR D 265 -12.42 -34.03 -46.10
C THR D 265 -12.99 -33.90 -44.69
N ALA D 266 -12.75 -34.91 -43.86
CA ALA D 266 -13.24 -34.89 -42.49
C ALA D 266 -12.46 -33.83 -41.71
N GLU D 267 -11.17 -33.72 -42.01
CA GLU D 267 -10.30 -32.75 -41.36
C GLU D 267 -10.79 -31.33 -41.64
N LYS D 268 -11.13 -31.05 -42.90
CA LYS D 268 -11.61 -29.71 -43.29
C LYS D 268 -12.89 -29.35 -42.56
N VAL D 269 -13.84 -30.28 -42.53
CA VAL D 269 -15.08 -29.97 -41.84
C VAL D 269 -14.81 -29.73 -40.37
N LYS D 270 -13.92 -30.55 -39.80
CA LYS D 270 -13.61 -30.40 -38.39
C LYS D 270 -13.23 -28.96 -38.10
N HIS D 271 -12.37 -28.39 -38.95
CA HIS D 271 -11.95 -27.01 -38.77
C HIS D 271 -13.01 -25.98 -39.16
N GLN D 272 -13.86 -26.33 -40.11
CA GLN D 272 -14.90 -25.39 -40.55
C GLN D 272 -16.10 -25.29 -39.64
N TYR D 273 -16.85 -26.38 -39.52
CA TYR D 273 -18.07 -26.40 -38.71
C TYR D 273 -17.88 -26.98 -37.32
N GLY D 274 -16.73 -27.63 -37.12
CA GLY D 274 -16.45 -28.23 -35.83
C GLY D 274 -16.87 -27.44 -34.60
N HIS D 275 -17.59 -28.12 -33.71
CA HIS D 275 -18.04 -27.55 -32.44
C HIS D 275 -18.22 -28.69 -31.45
N ALA D 276 -17.69 -28.50 -30.25
CA ALA D 276 -17.74 -29.53 -29.21
C ALA D 276 -19.01 -29.58 -28.35
N PHE D 277 -19.53 -28.43 -27.94
CA PHE D 277 -20.73 -28.42 -27.11
C PHE D 277 -22.02 -28.39 -27.92
N TYR D 278 -22.72 -29.52 -27.91
CA TYR D 278 -23.97 -29.71 -28.64
C TYR D 278 -25.00 -28.58 -28.44
N ASP D 279 -25.40 -28.36 -27.19
CA ASP D 279 -26.38 -27.32 -26.88
C ASP D 279 -25.82 -25.94 -27.22
N SER D 280 -25.03 -25.88 -28.28
CA SER D 280 -24.43 -24.64 -28.75
C SER D 280 -23.89 -24.82 -30.17
N ILE D 286 -25.61 -27.43 -41.58
CA ILE D 286 -25.79 -28.28 -42.76
C ILE D 286 -24.67 -28.04 -43.78
N PHE D 287 -24.20 -29.11 -44.40
CA PHE D 287 -23.14 -29.04 -45.39
C PHE D 287 -23.10 -30.30 -46.25
N THR D 288 -22.55 -30.17 -47.46
CA THR D 288 -22.44 -31.29 -48.38
C THR D 288 -21.06 -31.90 -48.22
N VAL D 289 -20.89 -33.14 -48.65
CA VAL D 289 -19.60 -33.80 -48.53
C VAL D 289 -19.43 -35.04 -49.41
N GLU D 290 -18.26 -35.15 -50.05
CA GLU D 290 -17.93 -36.26 -50.93
C GLU D 290 -17.59 -37.55 -50.20
N GLN D 291 -18.37 -38.59 -50.47
CA GLN D 291 -18.20 -39.89 -49.85
C GLN D 291 -17.51 -40.87 -50.81
N GLU D 296 -22.52 -40.97 -54.63
CA GLU D 296 -23.41 -39.88 -54.25
C GLU D 296 -22.72 -39.02 -53.19
N THR D 297 -23.38 -37.94 -52.80
CA THR D 297 -22.87 -37.04 -51.78
C THR D 297 -24.04 -36.55 -50.93
N VAL D 298 -24.04 -36.91 -49.66
CA VAL D 298 -25.12 -36.53 -48.75
C VAL D 298 -24.86 -35.18 -48.10
N GLN D 299 -25.92 -34.57 -47.57
CA GLN D 299 -25.82 -33.30 -46.90
C GLN D 299 -26.12 -33.49 -45.42
N TYR D 300 -25.08 -33.73 -44.64
CA TYR D 300 -25.22 -33.91 -43.21
C TYR D 300 -25.49 -32.53 -42.59
N THR D 301 -25.86 -32.51 -41.32
CA THR D 301 -26.16 -31.25 -40.65
C THR D 301 -25.11 -30.89 -39.60
N GLN D 302 -25.19 -29.67 -39.07
CA GLN D 302 -24.24 -29.20 -38.06
C GLN D 302 -24.21 -30.09 -36.82
N LYS D 303 -25.20 -29.93 -35.96
CA LYS D 303 -25.28 -30.69 -34.72
C LYS D 303 -25.60 -32.16 -35.03
N ASP D 304 -24.88 -32.68 -36.03
CA ASP D 304 -24.98 -34.04 -36.49
C ASP D 304 -23.51 -34.43 -36.56
N LEU D 305 -22.70 -33.40 -36.82
CA LEU D 305 -21.25 -33.52 -36.88
C LEU D 305 -20.84 -33.40 -35.42
N SER D 306 -21.61 -32.60 -34.68
CA SER D 306 -21.35 -32.38 -33.28
C SER D 306 -21.55 -33.67 -32.49
N ASP D 307 -22.38 -34.57 -33.00
CA ASP D 307 -22.61 -35.84 -32.33
C ASP D 307 -21.28 -36.58 -32.23
N PHE D 308 -20.49 -36.46 -33.30
CA PHE D 308 -19.19 -37.11 -33.37
C PHE D 308 -18.10 -36.42 -32.56
N ILE D 309 -18.01 -35.10 -32.71
CA ILE D 309 -17.00 -34.33 -32.01
C ILE D 309 -17.17 -34.32 -30.50
N GLU D 310 -18.36 -33.98 -30.01
CA GLU D 310 -18.57 -33.96 -28.58
C GLU D 310 -18.31 -35.37 -28.05
N ALA D 311 -18.85 -36.36 -28.75
CA ALA D 311 -18.66 -37.74 -28.34
C ALA D 311 -17.18 -38.06 -28.10
N ARG D 312 -16.35 -37.84 -29.10
CA ARG D 312 -14.93 -38.13 -28.98
C ARG D 312 -14.21 -37.27 -27.93
N VAL D 313 -14.60 -36.01 -27.82
CA VAL D 313 -13.97 -35.09 -26.88
C VAL D 313 -14.36 -35.39 -25.45
N GLU D 314 -15.61 -35.78 -25.25
CA GLU D 314 -16.11 -36.13 -23.93
C GLU D 314 -15.36 -37.39 -23.52
N GLU D 315 -15.12 -38.26 -24.48
CA GLU D 315 -14.42 -39.49 -24.24
C GLU D 315 -12.95 -39.19 -23.89
N ILE D 316 -12.40 -38.15 -24.52
CA ILE D 316 -11.02 -37.78 -24.23
C ILE D 316 -10.96 -37.26 -22.79
N PHE D 317 -11.90 -36.39 -22.42
CA PHE D 317 -11.91 -35.85 -21.06
C PHE D 317 -12.12 -36.95 -20.03
N PHE D 318 -12.94 -37.94 -20.34
CA PHE D 318 -13.16 -39.03 -19.41
C PHE D 318 -11.88 -39.80 -19.19
N GLU D 319 -11.13 -40.03 -20.27
CA GLU D 319 -9.87 -40.75 -20.17
C GLU D 319 -8.88 -39.95 -19.30
N VAL D 320 -8.97 -38.61 -19.39
CA VAL D 320 -8.11 -37.74 -18.61
C VAL D 320 -8.48 -37.86 -17.13
N PHE D 321 -9.79 -37.88 -16.86
CA PHE D 321 -10.27 -38.01 -15.50
C PHE D 321 -9.77 -39.33 -14.92
N ASP D 322 -9.66 -40.35 -15.76
CA ASP D 322 -9.18 -41.64 -15.30
C ASP D 322 -7.67 -41.62 -15.09
N VAL D 323 -6.95 -40.83 -15.89
CA VAL D 323 -5.51 -40.74 -15.75
C VAL D 323 -5.16 -40.00 -14.46
N LEU D 324 -5.76 -38.84 -14.26
CA LEU D 324 -5.47 -38.09 -13.05
C LEU D 324 -6.09 -38.75 -11.83
N GLN D 325 -6.94 -39.75 -12.04
CA GLN D 325 -7.52 -40.43 -10.90
C GLN D 325 -6.47 -41.34 -10.29
N ASP D 326 -5.96 -42.28 -11.07
CA ASP D 326 -4.95 -43.19 -10.54
C ASP D 326 -3.56 -42.58 -10.44
N LEU D 327 -3.51 -41.24 -10.38
CA LEU D 327 -2.24 -40.52 -10.23
C LEU D 327 -2.23 -39.84 -8.87
N GLY D 328 -3.43 -39.69 -8.29
CA GLY D 328 -3.54 -39.06 -6.99
C GLY D 328 -4.99 -38.91 -6.56
N ASN D 333 -8.19 -28.53 -8.38
CA ASN D 333 -9.06 -27.56 -7.72
C ASN D 333 -8.75 -26.15 -8.21
N GLY D 334 -7.47 -25.91 -8.53
CA GLY D 334 -7.04 -24.62 -9.03
C GLY D 334 -7.44 -24.37 -10.48
N GLY D 335 -8.30 -25.23 -11.00
CA GLY D 335 -8.76 -25.05 -12.36
C GLY D 335 -8.11 -25.95 -13.38
N PHE D 336 -8.77 -26.04 -14.54
CA PHE D 336 -8.31 -26.84 -15.66
C PHE D 336 -7.89 -25.89 -16.77
N ILE D 337 -6.68 -26.06 -17.27
CA ILE D 337 -6.19 -25.24 -18.37
C ILE D 337 -5.97 -26.15 -19.58
N VAL D 338 -6.74 -25.90 -20.63
CA VAL D 338 -6.71 -26.69 -21.85
C VAL D 338 -5.98 -25.95 -22.97
N THR D 339 -5.07 -26.63 -23.66
CA THR D 339 -4.31 -26.03 -24.76
C THR D 339 -3.99 -27.06 -25.84
N GLY D 340 -3.20 -26.66 -26.84
CA GLY D 340 -2.86 -27.57 -27.93
C GLY D 340 -3.76 -27.33 -29.13
N GLY D 341 -3.36 -27.84 -30.28
CA GLY D 341 -4.13 -27.64 -31.50
C GLY D 341 -5.63 -27.89 -31.42
N SER D 342 -6.03 -28.94 -30.72
CA SER D 342 -7.45 -29.26 -30.62
C SER D 342 -8.26 -28.33 -29.74
N ALA D 343 -7.58 -27.44 -29.02
CA ALA D 343 -8.27 -26.50 -28.16
C ALA D 343 -8.79 -25.35 -29.02
N ASN D 344 -8.45 -25.38 -30.30
CA ASN D 344 -8.93 -24.36 -31.23
C ASN D 344 -10.39 -24.65 -31.51
N LEU D 345 -10.81 -25.87 -31.20
CA LEU D 345 -12.16 -26.32 -31.45
C LEU D 345 -13.21 -25.57 -30.64
N LEU D 346 -14.17 -25.00 -31.38
CA LEU D 346 -15.26 -24.23 -30.80
C LEU D 346 -16.10 -25.07 -29.84
N GLY D 347 -16.33 -24.57 -28.63
CA GLY D 347 -17.15 -25.29 -27.68
C GLY D 347 -16.42 -26.23 -26.72
N VAL D 348 -15.10 -26.20 -26.73
CA VAL D 348 -14.33 -27.07 -25.85
C VAL D 348 -14.47 -26.67 -24.38
N LYS D 349 -14.32 -25.38 -24.10
CA LYS D 349 -14.42 -24.90 -22.72
C LYS D 349 -15.74 -25.28 -22.07
N GLU D 350 -16.84 -25.15 -22.80
CA GLU D 350 -18.16 -25.49 -22.26
C GLU D 350 -18.31 -26.98 -21.99
N LEU D 351 -18.02 -27.81 -22.98
CA LEU D 351 -18.13 -29.25 -22.78
C LEU D 351 -17.41 -29.69 -21.50
N LEU D 352 -16.26 -29.08 -21.21
CA LEU D 352 -15.53 -29.45 -20.00
C LEU D 352 -16.15 -28.74 -18.81
N SER D 353 -16.40 -27.45 -18.97
CA SER D 353 -16.98 -26.66 -17.91
C SER D 353 -18.28 -27.33 -17.46
N ASP D 354 -18.92 -27.99 -18.40
CA ASP D 354 -20.16 -28.71 -18.15
C ASP D 354 -19.91 -29.86 -17.18
N MET D 355 -19.10 -30.83 -17.61
CA MET D 355 -18.80 -32.00 -16.80
C MET D 355 -17.81 -31.82 -15.65
N VAL D 356 -17.53 -30.57 -15.29
CA VAL D 356 -16.62 -30.31 -14.17
C VAL D 356 -17.07 -29.06 -13.42
N SER D 357 -16.86 -29.09 -12.10
CA SER D 357 -17.25 -27.97 -11.24
C SER D 357 -16.04 -27.11 -10.91
N GLU D 358 -15.26 -26.74 -11.92
CA GLU D 358 -14.06 -25.94 -11.69
C GLU D 358 -13.85 -24.93 -12.82
N LYS D 359 -12.90 -24.02 -12.63
CA LYS D 359 -12.61 -23.03 -13.65
C LYS D 359 -11.91 -23.70 -14.84
N VAL D 360 -12.26 -23.25 -16.05
CA VAL D 360 -11.66 -23.79 -17.25
C VAL D 360 -11.25 -22.62 -18.10
N ARG D 361 -10.16 -22.79 -18.87
CA ARG D 361 -9.68 -21.75 -19.75
C ARG D 361 -8.74 -22.34 -20.80
N ILE D 362 -8.72 -21.73 -21.97
CA ILE D 362 -7.86 -22.20 -23.03
C ILE D 362 -6.62 -21.33 -23.06
N HIS D 363 -5.46 -21.96 -23.04
CA HIS D 363 -4.25 -21.16 -23.07
C HIS D 363 -3.79 -20.91 -24.50
N THR D 364 -3.40 -19.67 -24.76
CA THR D 364 -2.91 -19.29 -26.06
C THR D 364 -1.72 -18.36 -25.85
N PRO D 365 -0.55 -18.72 -26.39
CA PRO D 365 0.63 -17.86 -26.23
C PRO D 365 0.27 -16.40 -26.51
N SER D 366 1.05 -15.46 -25.96
CA SER D 366 0.82 -14.04 -26.13
C SER D 366 1.49 -13.40 -27.36
N GLN D 367 2.74 -13.74 -27.60
CA GLN D 367 3.46 -13.18 -28.74
C GLN D 367 2.79 -13.57 -30.04
N MET D 368 2.57 -12.61 -30.94
CA MET D 368 1.94 -13.00 -32.20
C MET D 368 2.97 -13.67 -33.09
N GLY D 369 2.47 -14.57 -33.91
CA GLY D 369 3.30 -15.37 -34.79
C GLY D 369 3.12 -16.74 -34.18
N ILE D 370 2.68 -16.74 -32.92
CA ILE D 370 2.45 -17.98 -32.18
C ILE D 370 1.21 -17.89 -31.27
N ARG D 371 0.23 -17.12 -31.70
CA ARG D 371 -1.01 -16.98 -30.93
C ARG D 371 -1.97 -18.11 -31.28
N LYS D 372 -1.52 -19.34 -31.10
CA LYS D 372 -2.33 -20.53 -31.38
C LYS D 372 -1.95 -21.57 -30.34
N PRO D 373 -2.96 -22.22 -29.72
CA PRO D 373 -2.78 -23.25 -28.70
C PRO D 373 -1.71 -24.30 -29.01
N GLU D 374 -1.52 -24.59 -30.29
CA GLU D 374 -0.53 -25.61 -30.67
C GLU D 374 0.91 -25.20 -30.36
N PHE D 375 1.13 -23.91 -30.13
CA PHE D 375 2.46 -23.40 -29.82
C PHE D 375 2.82 -23.40 -28.35
N SER D 376 1.89 -23.84 -27.50
CA SER D 376 2.16 -23.82 -26.06
C SER D 376 3.37 -24.59 -25.55
N SER D 377 3.66 -25.75 -26.14
CA SER D 377 4.80 -26.54 -25.70
C SER D 377 6.10 -25.84 -26.13
N ALA D 378 6.13 -25.41 -27.39
CA ALA D 378 7.29 -24.72 -27.92
C ALA D 378 7.69 -23.49 -27.08
N ILE D 379 6.75 -22.57 -26.85
CA ILE D 379 7.02 -21.36 -26.09
C ILE D 379 7.39 -21.60 -24.63
N SER D 380 6.69 -22.52 -23.97
CA SER D 380 7.02 -22.79 -22.58
C SER D 380 8.34 -23.56 -22.49
N THR D 381 8.78 -24.14 -23.59
CA THR D 381 10.05 -24.87 -23.59
C THR D 381 11.12 -23.79 -23.46
N ILE D 382 10.94 -22.73 -24.24
CA ILE D 382 11.88 -21.62 -24.21
C ILE D 382 11.91 -21.02 -22.80
N SER D 383 10.77 -21.06 -22.12
CA SER D 383 10.66 -20.53 -20.76
C SER D 383 11.47 -21.32 -19.74
N SER D 384 11.36 -22.65 -19.79
CA SER D 384 12.08 -23.51 -18.86
C SER D 384 13.58 -23.42 -19.06
N SER D 385 14.02 -23.29 -20.30
CA SER D 385 15.45 -23.18 -20.55
C SER D 385 15.94 -21.90 -19.86
N ILE D 386 15.21 -20.81 -20.08
CA ILE D 386 15.55 -19.52 -19.48
C ILE D 386 15.47 -19.59 -17.95
N ALA D 387 14.55 -20.39 -17.43
CA ALA D 387 14.41 -20.53 -16.00
C ALA D 387 15.60 -21.26 -15.39
N PHE D 388 16.16 -22.19 -16.13
CA PHE D 388 17.31 -22.95 -15.64
C PHE D 388 18.58 -22.14 -15.76
N ASP D 389 18.70 -21.36 -16.83
CA ASP D 389 19.87 -20.53 -17.02
C ASP D 389 20.00 -19.56 -15.84
N GLU D 390 18.88 -18.93 -15.48
CA GLU D 390 18.88 -17.98 -14.38
C GLU D 390 19.20 -18.67 -13.07
N LEU D 391 18.70 -19.89 -12.90
CA LEU D 391 18.94 -20.67 -11.69
C LEU D 391 20.42 -20.96 -11.49
N LEU D 392 21.09 -21.36 -12.56
CA LEU D 392 22.51 -21.73 -12.49
C LEU D 392 23.52 -20.74 -13.06
N ASP D 393 23.09 -19.58 -13.50
CA ASP D 393 24.05 -18.61 -14.04
C ASP D 393 24.38 -17.55 -13.01
#